data_1U70
# 
_entry.id   1U70 
# 
_audit_conform.dict_name       mmcif_pdbx.dic 
_audit_conform.dict_version    5.386 
_audit_conform.dict_location   http://mmcif.pdb.org/dictionaries/ascii/mmcif_pdbx.dic 
# 
loop_
_database_2.database_id 
_database_2.database_code 
_database_2.pdbx_database_accession 
_database_2.pdbx_DOI 
PDB   1U70         pdb_00001u70 10.2210/pdb1u70/pdb 
RCSB  RCSB023324   ?            ?                   
WWPDB D_1000023324 ?            ?                   
# 
loop_
_pdbx_audit_revision_history.ordinal 
_pdbx_audit_revision_history.data_content_type 
_pdbx_audit_revision_history.major_revision 
_pdbx_audit_revision_history.minor_revision 
_pdbx_audit_revision_history.revision_date 
1 'Structure model' 1 0 2005-02-01 
2 'Structure model' 1 1 2008-04-30 
3 'Structure model' 1 2 2011-07-13 
4 'Structure model' 1 3 2018-02-14 
5 'Structure model' 1 4 2021-10-20 
6 'Structure model' 1 5 2024-02-14 
# 
_pdbx_audit_revision_details.ordinal             1 
_pdbx_audit_revision_details.revision_ordinal    1 
_pdbx_audit_revision_details.data_content_type   'Structure model' 
_pdbx_audit_revision_details.provider            repository 
_pdbx_audit_revision_details.type                'Initial release' 
_pdbx_audit_revision_details.description         ? 
_pdbx_audit_revision_details.details             ? 
# 
loop_
_pdbx_audit_revision_group.ordinal 
_pdbx_audit_revision_group.revision_ordinal 
_pdbx_audit_revision_group.data_content_type 
_pdbx_audit_revision_group.group 
1 2 'Structure model' 'Version format compliance' 
2 3 'Structure model' 'Version format compliance' 
3 4 'Structure model' 'Experimental preparation'  
4 5 'Structure model' 'Database references'       
5 5 'Structure model' 'Derived calculations'      
6 6 'Structure model' 'Data collection'           
# 
loop_
_pdbx_audit_revision_category.ordinal 
_pdbx_audit_revision_category.revision_ordinal 
_pdbx_audit_revision_category.data_content_type 
_pdbx_audit_revision_category.category 
1 4 'Structure model' exptl_crystal_grow 
2 5 'Structure model' database_2         
3 5 'Structure model' struct_ref_seq_dif 
4 5 'Structure model' struct_site        
5 6 'Structure model' chem_comp_atom     
6 6 'Structure model' chem_comp_bond     
# 
loop_
_pdbx_audit_revision_item.ordinal 
_pdbx_audit_revision_item.revision_ordinal 
_pdbx_audit_revision_item.data_content_type 
_pdbx_audit_revision_item.item 
1 4 'Structure model' '_exptl_crystal_grow.pdbx_details'    
2 4 'Structure model' '_exptl_crystal_grow.temp'            
3 5 'Structure model' '_database_2.pdbx_DOI'                
4 5 'Structure model' '_database_2.pdbx_database_accession' 
5 5 'Structure model' '_struct_ref_seq_dif.details'         
6 5 'Structure model' '_struct_site.pdbx_auth_asym_id'      
7 5 'Structure model' '_struct_site.pdbx_auth_comp_id'      
8 5 'Structure model' '_struct_site.pdbx_auth_seq_id'       
# 
_pdbx_database_status.status_code                     REL 
_pdbx_database_status.entry_id                        1U70 
_pdbx_database_status.recvd_initial_deposition_date   2004-08-02 
_pdbx_database_status.deposit_site                    RCSB 
_pdbx_database_status.process_site                    RCSB 
_pdbx_database_status.status_code_sf                  REL 
_pdbx_database_status.status_code_mr                  ? 
_pdbx_database_status.SG_entry                        ? 
_pdbx_database_status.pdb_format_compatible           Y 
_pdbx_database_status.status_code_cs                  ? 
_pdbx_database_status.methods_development_category    ? 
_pdbx_database_status.status_code_nmr_data            ? 
# 
_audit_author.name           'Cody, V.' 
_audit_author.pdbx_ordinal   1 
# 
_citation.id                        primary 
_citation.title                     
;Understanding the role of Leu22 variants in methotrexate resistance: comparison of wild-type and Leu22Arg variant mouse and human dihydrofolate reductase ternary crystal complexes with methotrexate and NADPH.
;
_citation.journal_abbrev            'Acta Crystallogr.,Sect.D' 
_citation.journal_volume            61 
_citation.page_first                147 
_citation.page_last                 155 
_citation.year                      2005 
_citation.journal_id_ASTM           ABCRE6 
_citation.country                   DK 
_citation.journal_id_ISSN           0907-4449 
_citation.journal_id_CSD            0766 
_citation.book_publisher            ? 
_citation.pdbx_database_id_PubMed   15681865 
_citation.pdbx_database_id_DOI      10.1107/S0907444904030422 
# 
loop_
_citation_author.citation_id 
_citation_author.name 
_citation_author.ordinal 
_citation_author.identifier_ORCID 
primary 'Cody, V.'     1 ? 
primary 'Luft, J.R.'   2 ? 
primary 'Pangborn, W.' 3 ? 
# 
loop_
_entity.id 
_entity.type 
_entity.src_method 
_entity.pdbx_description 
_entity.formula_weight 
_entity.pdbx_number_of_molecules 
_entity.pdbx_ec 
_entity.pdbx_mutation 
_entity.pdbx_fragment 
_entity.details 
1 polymer     man 'Dihydrofolate reductase'                                   21547.881 1  1.5.1.3 L22R 'mouse DHFR' ? 
2 non-polymer syn METHOTREXATE                                                454.439   1  ?       ?    ?            ? 
3 non-polymer syn 'NADPH DIHYDRO-NICOTINAMIDE-ADENINE-DINUCLEOTIDE PHOSPHATE' 745.421   1  ?       ?    ?            ? 
4 water       nat water                                                       18.015    27 ?       ?    ?            ? 
# 
_entity_poly.entity_id                      1 
_entity_poly.type                           'polypeptide(L)' 
_entity_poly.nstd_linkage                   no 
_entity_poly.nstd_monomer                   no 
_entity_poly.pdbx_seq_one_letter_code       
;VRPLNCIVAVSQNMGIGKNGDRPWPPLRNEFKYFQRMTTTSSVEGKQNLVIMGRKTWFSIPEKNRPLKDRINIVLSRELK
EPPRGAHFLAKSLDDALRLIEQPELASKVDMVWIVGGSSVYQEAMNQPGHLRLFVTRIMQEFESDTFFPEIDLGKYKLLP
EYPGVLSEVQEEKGIKYKFEVYEKKD
;
_entity_poly.pdbx_seq_one_letter_code_can   
;VRPLNCIVAVSQNMGIGKNGDRPWPPLRNEFKYFQRMTTTSSVEGKQNLVIMGRKTWFSIPEKNRPLKDRINIVLSRELK
EPPRGAHFLAKSLDDALRLIEQPELASKVDMVWIVGGSSVYQEAMNQPGHLRLFVTRIMQEFESDTFFPEIDLGKYKLLP
EYPGVLSEVQEEKGIKYKFEVYEKKD
;
_entity_poly.pdbx_strand_id                 A 
_entity_poly.pdbx_target_identifier         ? 
# 
loop_
_pdbx_entity_nonpoly.entity_id 
_pdbx_entity_nonpoly.name 
_pdbx_entity_nonpoly.comp_id 
2 METHOTREXATE                                                MTX 
3 'NADPH DIHYDRO-NICOTINAMIDE-ADENINE-DINUCLEOTIDE PHOSPHATE' NDP 
4 water                                                       HOH 
# 
loop_
_entity_poly_seq.entity_id 
_entity_poly_seq.num 
_entity_poly_seq.mon_id 
_entity_poly_seq.hetero 
1 1   VAL n 
1 2   ARG n 
1 3   PRO n 
1 4   LEU n 
1 5   ASN n 
1 6   CYS n 
1 7   ILE n 
1 8   VAL n 
1 9   ALA n 
1 10  VAL n 
1 11  SER n 
1 12  GLN n 
1 13  ASN n 
1 14  MET n 
1 15  GLY n 
1 16  ILE n 
1 17  GLY n 
1 18  LYS n 
1 19  ASN n 
1 20  GLY n 
1 21  ASP n 
1 22  ARG n 
1 23  PRO n 
1 24  TRP n 
1 25  PRO n 
1 26  PRO n 
1 27  LEU n 
1 28  ARG n 
1 29  ASN n 
1 30  GLU n 
1 31  PHE n 
1 32  LYS n 
1 33  TYR n 
1 34  PHE n 
1 35  GLN n 
1 36  ARG n 
1 37  MET n 
1 38  THR n 
1 39  THR n 
1 40  THR n 
1 41  SER n 
1 42  SER n 
1 43  VAL n 
1 44  GLU n 
1 45  GLY n 
1 46  LYS n 
1 47  GLN n 
1 48  ASN n 
1 49  LEU n 
1 50  VAL n 
1 51  ILE n 
1 52  MET n 
1 53  GLY n 
1 54  ARG n 
1 55  LYS n 
1 56  THR n 
1 57  TRP n 
1 58  PHE n 
1 59  SER n 
1 60  ILE n 
1 61  PRO n 
1 62  GLU n 
1 63  LYS n 
1 64  ASN n 
1 65  ARG n 
1 66  PRO n 
1 67  LEU n 
1 68  LYS n 
1 69  ASP n 
1 70  ARG n 
1 71  ILE n 
1 72  ASN n 
1 73  ILE n 
1 74  VAL n 
1 75  LEU n 
1 76  SER n 
1 77  ARG n 
1 78  GLU n 
1 79  LEU n 
1 80  LYS n 
1 81  GLU n 
1 82  PRO n 
1 83  PRO n 
1 84  ARG n 
1 85  GLY n 
1 86  ALA n 
1 87  HIS n 
1 88  PHE n 
1 89  LEU n 
1 90  ALA n 
1 91  LYS n 
1 92  SER n 
1 93  LEU n 
1 94  ASP n 
1 95  ASP n 
1 96  ALA n 
1 97  LEU n 
1 98  ARG n 
1 99  LEU n 
1 100 ILE n 
1 101 GLU n 
1 102 GLN n 
1 103 PRO n 
1 104 GLU n 
1 105 LEU n 
1 106 ALA n 
1 107 SER n 
1 108 LYS n 
1 109 VAL n 
1 110 ASP n 
1 111 MET n 
1 112 VAL n 
1 113 TRP n 
1 114 ILE n 
1 115 VAL n 
1 116 GLY n 
1 117 GLY n 
1 118 SER n 
1 119 SER n 
1 120 VAL n 
1 121 TYR n 
1 122 GLN n 
1 123 GLU n 
1 124 ALA n 
1 125 MET n 
1 126 ASN n 
1 127 GLN n 
1 128 PRO n 
1 129 GLY n 
1 130 HIS n 
1 131 LEU n 
1 132 ARG n 
1 133 LEU n 
1 134 PHE n 
1 135 VAL n 
1 136 THR n 
1 137 ARG n 
1 138 ILE n 
1 139 MET n 
1 140 GLN n 
1 141 GLU n 
1 142 PHE n 
1 143 GLU n 
1 144 SER n 
1 145 ASP n 
1 146 THR n 
1 147 PHE n 
1 148 PHE n 
1 149 PRO n 
1 150 GLU n 
1 151 ILE n 
1 152 ASP n 
1 153 LEU n 
1 154 GLY n 
1 155 LYS n 
1 156 TYR n 
1 157 LYS n 
1 158 LEU n 
1 159 LEU n 
1 160 PRO n 
1 161 GLU n 
1 162 TYR n 
1 163 PRO n 
1 164 GLY n 
1 165 VAL n 
1 166 LEU n 
1 167 SER n 
1 168 GLU n 
1 169 VAL n 
1 170 GLN n 
1 171 GLU n 
1 172 GLU n 
1 173 LYS n 
1 174 GLY n 
1 175 ILE n 
1 176 LYS n 
1 177 TYR n 
1 178 LYS n 
1 179 PHE n 
1 180 GLU n 
1 181 VAL n 
1 182 TYR n 
1 183 GLU n 
1 184 LYS n 
1 185 LYS n 
1 186 ASP n 
# 
_entity_src_gen.entity_id                          1 
_entity_src_gen.pdbx_src_id                        1 
_entity_src_gen.pdbx_alt_source_flag               sample 
_entity_src_gen.pdbx_seq_type                      ? 
_entity_src_gen.pdbx_beg_seq_num                   ? 
_entity_src_gen.pdbx_end_seq_num                   ? 
_entity_src_gen.gene_src_common_name               'house mouse' 
_entity_src_gen.gene_src_genus                     Mus 
_entity_src_gen.pdbx_gene_src_gene                 Dhfr 
_entity_src_gen.gene_src_species                   ? 
_entity_src_gen.gene_src_strain                    ? 
_entity_src_gen.gene_src_tissue                    ? 
_entity_src_gen.gene_src_tissue_fraction           ? 
_entity_src_gen.gene_src_details                   ? 
_entity_src_gen.pdbx_gene_src_fragment             ? 
_entity_src_gen.pdbx_gene_src_scientific_name      'Mus musculus' 
_entity_src_gen.pdbx_gene_src_ncbi_taxonomy_id     10090 
_entity_src_gen.pdbx_gene_src_variant              ? 
_entity_src_gen.pdbx_gene_src_cell_line            ? 
_entity_src_gen.pdbx_gene_src_atcc                 ? 
_entity_src_gen.pdbx_gene_src_organ                ? 
_entity_src_gen.pdbx_gene_src_organelle            ? 
_entity_src_gen.pdbx_gene_src_cell                 ? 
_entity_src_gen.pdbx_gene_src_cellular_location    ? 
_entity_src_gen.host_org_common_name               ? 
_entity_src_gen.pdbx_host_org_scientific_name      'Escherichia coli' 
_entity_src_gen.pdbx_host_org_ncbi_taxonomy_id     562 
_entity_src_gen.host_org_genus                     Escherichia 
_entity_src_gen.pdbx_host_org_gene                 ? 
_entity_src_gen.pdbx_host_org_organ                ? 
_entity_src_gen.host_org_species                   ? 
_entity_src_gen.pdbx_host_org_tissue               ? 
_entity_src_gen.pdbx_host_org_tissue_fraction      ? 
_entity_src_gen.pdbx_host_org_strain               ? 
_entity_src_gen.pdbx_host_org_variant              ? 
_entity_src_gen.pdbx_host_org_cell_line            ? 
_entity_src_gen.pdbx_host_org_atcc                 ? 
_entity_src_gen.pdbx_host_org_culture_collection   ? 
_entity_src_gen.pdbx_host_org_cell                 ? 
_entity_src_gen.pdbx_host_org_organelle            ? 
_entity_src_gen.pdbx_host_org_cellular_location    ? 
_entity_src_gen.pdbx_host_org_vector_type          ? 
_entity_src_gen.pdbx_host_org_vector               ? 
_entity_src_gen.host_org_details                   ? 
_entity_src_gen.expression_system_id               ? 
_entity_src_gen.plasmid_name                       ? 
_entity_src_gen.plasmid_details                    ? 
_entity_src_gen.pdbx_description                   ? 
# 
loop_
_chem_comp.id 
_chem_comp.type 
_chem_comp.mon_nstd_flag 
_chem_comp.name 
_chem_comp.pdbx_synonyms 
_chem_comp.formula 
_chem_comp.formula_weight 
ALA 'L-peptide linking' y ALANINE                                                     ? 'C3 H7 N O2'        89.093  
ARG 'L-peptide linking' y ARGININE                                                    ? 'C6 H15 N4 O2 1'    175.209 
ASN 'L-peptide linking' y ASPARAGINE                                                  ? 'C4 H8 N2 O3'       132.118 
ASP 'L-peptide linking' y 'ASPARTIC ACID'                                             ? 'C4 H7 N O4'        133.103 
CYS 'L-peptide linking' y CYSTEINE                                                    ? 'C3 H7 N O2 S'      121.158 
GLN 'L-peptide linking' y GLUTAMINE                                                   ? 'C5 H10 N2 O3'      146.144 
GLU 'L-peptide linking' y 'GLUTAMIC ACID'                                             ? 'C5 H9 N O4'        147.129 
GLY 'peptide linking'   y GLYCINE                                                     ? 'C2 H5 N O2'        75.067  
HIS 'L-peptide linking' y HISTIDINE                                                   ? 'C6 H10 N3 O2 1'    156.162 
HOH non-polymer         . WATER                                                       ? 'H2 O'              18.015  
ILE 'L-peptide linking' y ISOLEUCINE                                                  ? 'C6 H13 N O2'       131.173 
LEU 'L-peptide linking' y LEUCINE                                                     ? 'C6 H13 N O2'       131.173 
LYS 'L-peptide linking' y LYSINE                                                      ? 'C6 H15 N2 O2 1'    147.195 
MET 'L-peptide linking' y METHIONINE                                                  ? 'C5 H11 N O2 S'     149.211 
MTX non-polymer         . METHOTREXATE                                                ? 'C20 H22 N8 O5'     454.439 
NDP non-polymer         . 'NADPH DIHYDRO-NICOTINAMIDE-ADENINE-DINUCLEOTIDE PHOSPHATE' ? 'C21 H30 N7 O17 P3' 745.421 
PHE 'L-peptide linking' y PHENYLALANINE                                               ? 'C9 H11 N O2'       165.189 
PRO 'L-peptide linking' y PROLINE                                                     ? 'C5 H9 N O2'        115.130 
SER 'L-peptide linking' y SERINE                                                      ? 'C3 H7 N O3'        105.093 
THR 'L-peptide linking' y THREONINE                                                   ? 'C4 H9 N O3'        119.119 
TRP 'L-peptide linking' y TRYPTOPHAN                                                  ? 'C11 H12 N2 O2'     204.225 
TYR 'L-peptide linking' y TYROSINE                                                    ? 'C9 H11 N O3'       181.189 
VAL 'L-peptide linking' y VALINE                                                      ? 'C5 H11 N O2'       117.146 
# 
loop_
_pdbx_poly_seq_scheme.asym_id 
_pdbx_poly_seq_scheme.entity_id 
_pdbx_poly_seq_scheme.seq_id 
_pdbx_poly_seq_scheme.mon_id 
_pdbx_poly_seq_scheme.ndb_seq_num 
_pdbx_poly_seq_scheme.pdb_seq_num 
_pdbx_poly_seq_scheme.auth_seq_num 
_pdbx_poly_seq_scheme.pdb_mon_id 
_pdbx_poly_seq_scheme.auth_mon_id 
_pdbx_poly_seq_scheme.pdb_strand_id 
_pdbx_poly_seq_scheme.pdb_ins_code 
_pdbx_poly_seq_scheme.hetero 
A 1 1   VAL 1   1   1   VAL VAL A . n 
A 1 2   ARG 2   2   2   ARG ARG A . n 
A 1 3   PRO 3   3   3   PRO PRO A . n 
A 1 4   LEU 4   4   4   LEU LEU A . n 
A 1 5   ASN 5   5   5   ASN ASN A . n 
A 1 6   CYS 6   6   6   CYS CYS A . n 
A 1 7   ILE 7   7   7   ILE ILE A . n 
A 1 8   VAL 8   8   8   VAL VAL A . n 
A 1 9   ALA 9   9   9   ALA ALA A . n 
A 1 10  VAL 10  10  10  VAL VAL A . n 
A 1 11  SER 11  11  11  SER SER A . n 
A 1 12  GLN 12  12  12  GLN GLN A . n 
A 1 13  ASN 13  13  13  ASN ASN A . n 
A 1 14  MET 14  14  14  MET MET A . n 
A 1 15  GLY 15  15  15  GLY GLY A . n 
A 1 16  ILE 16  16  16  ILE ILE A . n 
A 1 17  GLY 17  17  17  GLY GLY A . n 
A 1 18  LYS 18  18  18  LYS LYS A . n 
A 1 19  ASN 19  19  19  ASN ASN A . n 
A 1 20  GLY 20  20  20  GLY GLY A . n 
A 1 21  ASP 21  21  21  ASP ASP A . n 
A 1 22  ARG 22  22  22  ARG ARG A . n 
A 1 23  PRO 23  23  23  PRO PRO A . n 
A 1 24  TRP 24  24  24  TRP TRP A . n 
A 1 25  PRO 25  25  25  PRO PRO A . n 
A 1 26  PRO 26  26  26  PRO PRO A . n 
A 1 27  LEU 27  27  27  LEU LEU A . n 
A 1 28  ARG 28  28  28  ARG ARG A . n 
A 1 29  ASN 29  29  29  ASN ASN A . n 
A 1 30  GLU 30  30  30  GLU GLU A . n 
A 1 31  PHE 31  31  31  PHE PHE A . n 
A 1 32  LYS 32  32  32  LYS LYS A . n 
A 1 33  TYR 33  33  33  TYR TYR A . n 
A 1 34  PHE 34  34  34  PHE PHE A . n 
A 1 35  GLN 35  35  35  GLN GLN A . n 
A 1 36  ARG 36  36  36  ARG ARG A . n 
A 1 37  MET 37  37  37  MET MET A . n 
A 1 38  THR 38  38  38  THR THR A . n 
A 1 39  THR 39  39  39  THR THR A . n 
A 1 40  THR 40  40  40  THR THR A . n 
A 1 41  SER 41  41  41  SER SER A . n 
A 1 42  SER 42  42  42  SER SER A . n 
A 1 43  VAL 43  43  43  VAL VAL A . n 
A 1 44  GLU 44  44  44  GLU GLU A . n 
A 1 45  GLY 45  45  45  GLY GLY A . n 
A 1 46  LYS 46  46  46  LYS LYS A . n 
A 1 47  GLN 47  47  47  GLN GLN A . n 
A 1 48  ASN 48  48  48  ASN ASN A . n 
A 1 49  LEU 49  49  49  LEU LEU A . n 
A 1 50  VAL 50  50  50  VAL VAL A . n 
A 1 51  ILE 51  51  51  ILE ILE A . n 
A 1 52  MET 52  52  52  MET MET A . n 
A 1 53  GLY 53  53  53  GLY GLY A . n 
A 1 54  ARG 54  54  54  ARG ARG A . n 
A 1 55  LYS 55  55  55  LYS LYS A . n 
A 1 56  THR 56  56  56  THR THR A . n 
A 1 57  TRP 57  57  57  TRP TRP A . n 
A 1 58  PHE 58  58  58  PHE PHE A . n 
A 1 59  SER 59  59  59  SER SER A . n 
A 1 60  ILE 60  60  60  ILE ILE A . n 
A 1 61  PRO 61  61  61  PRO PRO A . n 
A 1 62  GLU 62  62  62  GLU GLU A . n 
A 1 63  LYS 63  63  63  LYS LYS A . n 
A 1 64  ASN 64  64  64  ASN ASN A . n 
A 1 65  ARG 65  65  65  ARG ARG A . n 
A 1 66  PRO 66  66  66  PRO PRO A . n 
A 1 67  LEU 67  67  67  LEU LEU A . n 
A 1 68  LYS 68  68  68  LYS LYS A . n 
A 1 69  ASP 69  69  69  ASP ASP A . n 
A 1 70  ARG 70  70  70  ARG ARG A . n 
A 1 71  ILE 71  71  71  ILE ILE A . n 
A 1 72  ASN 72  72  72  ASN ASN A . n 
A 1 73  ILE 73  73  73  ILE ILE A . n 
A 1 74  VAL 74  74  74  VAL VAL A . n 
A 1 75  LEU 75  75  75  LEU LEU A . n 
A 1 76  SER 76  76  76  SER SER A . n 
A 1 77  ARG 77  77  77  ARG ARG A . n 
A 1 78  GLU 78  78  78  GLU GLU A . n 
A 1 79  LEU 79  79  79  LEU LEU A . n 
A 1 80  LYS 80  80  80  LYS LYS A . n 
A 1 81  GLU 81  81  81  GLU GLU A . n 
A 1 82  PRO 82  82  82  PRO PRO A . n 
A 1 83  PRO 83  83  83  PRO PRO A . n 
A 1 84  ARG 84  84  84  ARG ARG A . n 
A 1 85  GLY 85  85  85  GLY GLY A . n 
A 1 86  ALA 86  86  86  ALA ALA A . n 
A 1 87  HIS 87  87  87  HIS HIS A . n 
A 1 88  PHE 88  88  88  PHE PHE A . n 
A 1 89  LEU 89  89  89  LEU LEU A . n 
A 1 90  ALA 90  90  90  ALA ALA A . n 
A 1 91  LYS 91  91  91  LYS LYS A . n 
A 1 92  SER 92  92  92  SER SER A . n 
A 1 93  LEU 93  93  93  LEU LEU A . n 
A 1 94  ASP 94  94  94  ASP ASP A . n 
A 1 95  ASP 95  95  95  ASP ASP A . n 
A 1 96  ALA 96  96  96  ALA ALA A . n 
A 1 97  LEU 97  97  97  LEU LEU A . n 
A 1 98  ARG 98  98  98  ARG ARG A . n 
A 1 99  LEU 99  99  99  LEU LEU A . n 
A 1 100 ILE 100 100 100 ILE ILE A . n 
A 1 101 GLU 101 101 101 GLU GLU A . n 
A 1 102 GLN 102 102 102 GLN GLN A . n 
A 1 103 PRO 103 103 103 PRO PRO A . n 
A 1 104 GLU 104 104 104 GLU GLU A . n 
A 1 105 LEU 105 105 105 LEU LEU A . n 
A 1 106 ALA 106 106 106 ALA ALA A . n 
A 1 107 SER 107 107 107 SER SER A . n 
A 1 108 LYS 108 108 108 LYS LYS A . n 
A 1 109 VAL 109 109 109 VAL VAL A . n 
A 1 110 ASP 110 110 110 ASP ASP A . n 
A 1 111 MET 111 111 111 MET MET A . n 
A 1 112 VAL 112 112 112 VAL VAL A . n 
A 1 113 TRP 113 113 113 TRP TRP A . n 
A 1 114 ILE 114 114 114 ILE ILE A . n 
A 1 115 VAL 115 115 115 VAL VAL A . n 
A 1 116 GLY 116 116 116 GLY GLY A . n 
A 1 117 GLY 117 117 117 GLY GLY A . n 
A 1 118 SER 118 118 118 SER SER A . n 
A 1 119 SER 119 119 119 SER SER A . n 
A 1 120 VAL 120 120 120 VAL VAL A . n 
A 1 121 TYR 121 121 121 TYR TYR A . n 
A 1 122 GLN 122 122 122 GLN GLN A . n 
A 1 123 GLU 123 123 123 GLU GLU A . n 
A 1 124 ALA 124 124 124 ALA ALA A . n 
A 1 125 MET 125 125 125 MET MET A . n 
A 1 126 ASN 126 126 126 ASN ASN A . n 
A 1 127 GLN 127 127 127 GLN GLN A . n 
A 1 128 PRO 128 128 128 PRO PRO A . n 
A 1 129 GLY 129 129 129 GLY GLY A . n 
A 1 130 HIS 130 130 130 HIS HIS A . n 
A 1 131 LEU 131 131 131 LEU LEU A . n 
A 1 132 ARG 132 132 132 ARG ARG A . n 
A 1 133 LEU 133 133 133 LEU LEU A . n 
A 1 134 PHE 134 134 134 PHE PHE A . n 
A 1 135 VAL 135 135 135 VAL VAL A . n 
A 1 136 THR 136 136 136 THR THR A . n 
A 1 137 ARG 137 137 137 ARG ARG A . n 
A 1 138 ILE 138 138 138 ILE ILE A . n 
A 1 139 MET 139 139 139 MET MET A . n 
A 1 140 GLN 140 140 140 GLN GLN A . n 
A 1 141 GLU 141 141 141 GLU GLU A . n 
A 1 142 PHE 142 142 142 PHE PHE A . n 
A 1 143 GLU 143 143 143 GLU GLU A . n 
A 1 144 SER 144 144 144 SER SER A . n 
A 1 145 ASP 145 145 145 ASP ASP A . n 
A 1 146 THR 146 146 146 THR THR A . n 
A 1 147 PHE 147 147 147 PHE PHE A . n 
A 1 148 PHE 148 148 148 PHE PHE A . n 
A 1 149 PRO 149 149 149 PRO PRO A . n 
A 1 150 GLU 150 150 150 GLU GLU A . n 
A 1 151 ILE 151 151 151 ILE ILE A . n 
A 1 152 ASP 152 152 152 ASP ASP A . n 
A 1 153 LEU 153 153 153 LEU LEU A . n 
A 1 154 GLY 154 154 154 GLY GLY A . n 
A 1 155 LYS 155 155 155 LYS LYS A . n 
A 1 156 TYR 156 156 156 TYR TYR A . n 
A 1 157 LYS 157 157 157 LYS LYS A . n 
A 1 158 LEU 158 158 158 LEU LEU A . n 
A 1 159 LEU 159 159 159 LEU LEU A . n 
A 1 160 PRO 160 160 160 PRO PRO A . n 
A 1 161 GLU 161 161 161 GLU GLU A . n 
A 1 162 TYR 162 162 162 TYR TYR A . n 
A 1 163 PRO 163 163 163 PRO PRO A . n 
A 1 164 GLY 164 164 164 GLY GLY A . n 
A 1 165 VAL 165 165 165 VAL VAL A . n 
A 1 166 LEU 166 166 166 LEU LEU A . n 
A 1 167 SER 167 167 167 SER SER A . n 
A 1 168 GLU 168 168 168 GLU GLU A . n 
A 1 169 VAL 169 169 169 VAL VAL A . n 
A 1 170 GLN 170 170 170 GLN GLN A . n 
A 1 171 GLU 171 171 171 GLU GLU A . n 
A 1 172 GLU 172 172 172 GLU GLU A . n 
A 1 173 LYS 173 173 173 LYS LYS A . n 
A 1 174 GLY 174 174 174 GLY GLY A . n 
A 1 175 ILE 175 175 175 ILE ILE A . n 
A 1 176 LYS 176 176 176 LYS LYS A . n 
A 1 177 TYR 177 177 177 TYR TYR A . n 
A 1 178 LYS 178 178 178 LYS LYS A . n 
A 1 179 PHE 179 179 179 PHE PHE A . n 
A 1 180 GLU 180 180 180 GLU GLU A . n 
A 1 181 VAL 181 181 181 VAL VAL A . n 
A 1 182 TYR 182 182 182 TYR TYR A . n 
A 1 183 GLU 183 183 183 GLU GLU A . n 
A 1 184 LYS 184 184 184 LYS LYS A . n 
A 1 185 LYS 185 185 185 LYS LYS A . n 
A 1 186 ASP 186 186 186 ASP ASP A . n 
# 
loop_
_pdbx_nonpoly_scheme.asym_id 
_pdbx_nonpoly_scheme.entity_id 
_pdbx_nonpoly_scheme.mon_id 
_pdbx_nonpoly_scheme.ndb_seq_num 
_pdbx_nonpoly_scheme.pdb_seq_num 
_pdbx_nonpoly_scheme.auth_seq_num 
_pdbx_nonpoly_scheme.pdb_mon_id 
_pdbx_nonpoly_scheme.auth_mon_id 
_pdbx_nonpoly_scheme.pdb_strand_id 
_pdbx_nonpoly_scheme.pdb_ins_code 
B 2 MTX 1  187 187 MTX MTX A . 
C 3 NDP 1  188 188 NDP NAD A . 
D 4 HOH 1  260 260 HOH WAT A . 
D 4 HOH 2  261 261 HOH WAT A . 
D 4 HOH 3  262 262 HOH WAT A . 
D 4 HOH 4  263 263 HOH WAT A . 
D 4 HOH 5  264 264 HOH WAT A . 
D 4 HOH 6  265 265 HOH WAT A . 
D 4 HOH 7  266 266 HOH WAT A . 
D 4 HOH 8  267 267 HOH WAT A . 
D 4 HOH 9  268 268 HOH WAT A . 
D 4 HOH 10 269 269 HOH WAT A . 
D 4 HOH 11 270 270 HOH WAT A . 
D 4 HOH 12 271 271 HOH WAT A . 
D 4 HOH 13 272 272 HOH WAT A . 
D 4 HOH 14 273 273 HOH WAT A . 
D 4 HOH 15 274 274 HOH WAT A . 
D 4 HOH 16 275 275 HOH WAT A . 
D 4 HOH 17 276 276 HOH WAT A . 
D 4 HOH 18 277 277 HOH WAT A . 
D 4 HOH 19 278 278 HOH WAT A . 
D 4 HOH 20 279 279 HOH WAT A . 
D 4 HOH 21 280 280 HOH WAT A . 
D 4 HOH 22 281 281 HOH WAT A . 
D 4 HOH 23 282 282 HOH WAT A . 
D 4 HOH 24 283 283 HOH WAT A . 
D 4 HOH 25 284 284 HOH WAT A . 
D 4 HOH 26 285 285 HOH WAT A . 
D 4 HOH 27 286 286 HOH WAT A . 
# 
loop_
_software.name 
_software.classification 
_software.version 
_software.citation_id 
_software.pdbx_ordinal 
_software.date 
_software.type 
_software.location 
_software.language 
DENZO     'data reduction' . ? 1 ? ? ? ? 
SCALEPACK 'data scaling'   . ? 2 ? ? ? ? 
PROTEIN   'model building' . ? 3 ? ? ? ? 
PROFFT    refinement       . ? 4 ? ? ? ? 
PROTEIN   phasing          . ? 5 ? ? ? ? 
# 
_cell.entry_id           1U70 
_cell.length_a           42.016 
_cell.length_b           61.536 
_cell.length_c           43.572 
_cell.angle_alpha        90.00 
_cell.angle_beta         116.69 
_cell.angle_gamma        90.00 
_cell.Z_PDB              2 
_cell.pdbx_unique_axis   ? 
# 
_symmetry.entry_id                         1U70 
_symmetry.space_group_name_H-M             'P 1 21 1' 
_symmetry.pdbx_full_space_group_name_H-M   ? 
_symmetry.cell_setting                     ? 
_symmetry.Int_Tables_number                4 
_symmetry.space_group_name_Hall            ? 
# 
_exptl.entry_id          1U70 
_exptl.method            'X-RAY DIFFRACTION' 
_exptl.crystals_number   1 
# 
loop_
_exptl_crystal.id 
_exptl_crystal.density_meas 
_exptl_crystal.density_Matthews 
_exptl_crystal.density_percent_sol 
_exptl_crystal.description 
_exptl_crystal.F_000 
_exptl_crystal.preparation 
1 ? 2.34 47.34 ? ? ? 
2 ? ?    ?     ? ? ? 
# 
loop_
_exptl_crystal_grow.crystal_id 
_exptl_crystal_grow.method 
_exptl_crystal_grow.temp 
_exptl_crystal_grow.temp_details 
_exptl_crystal_grow.pH 
_exptl_crystal_grow.pdbx_details 
_exptl_crystal_grow.pdbx_pH_range 
1 'VAPOR DIFFUSION, HANGING DROP' 298 ? 7.5 '20% PEG 4k 0.1 M HEPES, pH 7.5, VAPOR DIFFUSION, HANGING DROP, temperature 298K'  . 
2 'VAPOR DIFFUSION, HANGING DROP' 298 ? 7.0 '62% AS, 0.1M phosphate , pH 7.0, VAPOR DIFFUSION, HANGING DROP, temperature 298K' . 
# 
_diffrn.id                     1 
_diffrn.ambient_temp           298 
_diffrn.ambient_temp_details   ? 
_diffrn.crystal_id             1 
# 
_diffrn_detector.diffrn_id              1 
_diffrn_detector.detector               'IMAGE PLATE' 
_diffrn_detector.type                   'RIGAKU RAXIS IIC' 
_diffrn_detector.pdbx_collection_date   1997-06-25 
_diffrn_detector.details                mirrors 
# 
_diffrn_radiation.diffrn_id                        1 
_diffrn_radiation.wavelength_id                    1 
_diffrn_radiation.pdbx_monochromatic_or_laue_m_l   M 
_diffrn_radiation.monochromator                    graphite 
_diffrn_radiation.pdbx_diffrn_protocol             'SINGLE WAVELENGTH' 
_diffrn_radiation.pdbx_scattering_type             x-ray 
# 
_diffrn_radiation_wavelength.id           1 
_diffrn_radiation_wavelength.wavelength   1.5418 
_diffrn_radiation_wavelength.wt           1.0 
# 
_diffrn_source.diffrn_id                   1 
_diffrn_source.source                      'ROTATING ANODE' 
_diffrn_source.type                        'RIGAKU RU300' 
_diffrn_source.pdbx_synchrotron_site       ? 
_diffrn_source.pdbx_synchrotron_beamline   ? 
_diffrn_source.pdbx_wavelength             1.5418 
_diffrn_source.pdbx_wavelength_list        ? 
# 
_reflns.entry_id                     1U70 
_reflns.observed_criterion_sigma_F   2.0 
_reflns.observed_criterion_sigma_I   2.0 
_reflns.d_resolution_high            2.5 
_reflns.d_resolution_low             50.0 
_reflns.number_all                   6963 
_reflns.number_obs                   6792 
_reflns.percent_possible_obs         ? 
_reflns.pdbx_Rmerge_I_obs            0.055 
_reflns.pdbx_Rsym_value              ? 
_reflns.pdbx_netI_over_sigmaI        ? 
_reflns.B_iso_Wilson_estimate        ? 
_reflns.pdbx_redundancy              ? 
_reflns.R_free_details               ? 
_reflns.limit_h_max                  ? 
_reflns.limit_h_min                  ? 
_reflns.limit_k_max                  ? 
_reflns.limit_k_min                  ? 
_reflns.limit_l_max                  ? 
_reflns.limit_l_min                  ? 
_reflns.observed_criterion_F_max     ? 
_reflns.observed_criterion_F_min     ? 
_reflns.pdbx_chi_squared             ? 
_reflns.pdbx_scaling_rejects         ? 
_reflns.pdbx_diffrn_id               1 
_reflns.pdbx_ordinal                 1 
# 
_reflns_shell.d_res_high             2.5 
_reflns_shell.d_res_low              2.56 
_reflns_shell.percent_possible_all   96.1 
_reflns_shell.Rmerge_I_obs           ? 
_reflns_shell.pdbx_Rsym_value        ? 
_reflns_shell.meanI_over_sigI_obs    ? 
_reflns_shell.pdbx_redundancy        ? 
_reflns_shell.percent_possible_obs   ? 
_reflns_shell.number_unique_all      ? 
_reflns_shell.number_measured_all    ? 
_reflns_shell.number_measured_obs    ? 
_reflns_shell.number_unique_obs      ? 
_reflns_shell.pdbx_chi_squared       ? 
_reflns_shell.pdbx_diffrn_id         ? 
_reflns_shell.pdbx_ordinal           1 
# 
_refine.entry_id                                 1U70 
_refine.ls_d_res_high                            2.5 
_refine.ls_d_res_low                             50.0 
_refine.pdbx_ls_sigma_F                          2.0 
_refine.pdbx_ls_sigma_I                          ? 
_refine.ls_number_reflns_all                     6963 
_refine.ls_number_reflns_obs                     6792 
_refine.ls_number_reflns_R_free                  217 
_refine.ls_percent_reflns_obs                    ? 
_refine.ls_R_factor_all                          0.225 
_refine.ls_R_factor_obs                          0.225 
_refine.ls_R_factor_R_work                       0.183 
_refine.ls_R_factor_R_free                       0.225 
_refine.ls_redundancy_reflns_obs                 ? 
_refine.pdbx_data_cutoff_high_absF               ? 
_refine.pdbx_data_cutoff_low_absF                ? 
_refine.ls_number_parameters                     ? 
_refine.ls_number_restraints                     ? 
_refine.ls_percent_reflns_R_free                 ? 
_refine.ls_R_factor_R_free_error                 ? 
_refine.ls_R_factor_R_free_error_details         ? 
_refine.pdbx_method_to_determine_struct          'MOLECULAR REPLACEMENT' 
_refine.pdbx_starting_model                      ? 
_refine.pdbx_ls_cross_valid_method               ? 
_refine.pdbx_R_Free_selection_details            'two sigma cutoff' 
_refine.pdbx_stereochem_target_val_spec_case     ? 
_refine.pdbx_stereochemistry_target_values       'Engh & Huber' 
_refine.solvent_model_details                    ? 
_refine.solvent_model_param_bsol                 ? 
_refine.solvent_model_param_ksol                 ? 
_refine.occupancy_max                            ? 
_refine.occupancy_min                            ? 
_refine.pdbx_isotropic_thermal_model             isotropic 
_refine.B_iso_mean                               39.6 
_refine.aniso_B[1][1]                            ? 
_refine.aniso_B[1][2]                            ? 
_refine.aniso_B[1][3]                            ? 
_refine.aniso_B[2][2]                            ? 
_refine.aniso_B[2][3]                            ? 
_refine.aniso_B[3][3]                            ? 
_refine.details                                  ? 
_refine.B_iso_min                                ? 
_refine.B_iso_max                                ? 
_refine.correlation_coeff_Fo_to_Fc               ? 
_refine.correlation_coeff_Fo_to_Fc_free          ? 
_refine.pdbx_solvent_vdw_probe_radii             ? 
_refine.pdbx_solvent_ion_probe_radii             ? 
_refine.pdbx_solvent_shrinkage_radii             ? 
_refine.overall_SU_R_Cruickshank_DPI             ? 
_refine.overall_SU_R_free                        ? 
_refine.overall_SU_B                             ? 
_refine.overall_SU_ML                            ? 
_refine.pdbx_overall_ESU_R                       ? 
_refine.pdbx_overall_ESU_R_Free                  ? 
_refine.pdbx_data_cutoff_high_rms_absF           ? 
_refine.ls_wR_factor_R_free                      ? 
_refine.ls_wR_factor_R_work                      ? 
_refine.overall_FOM_free_R_set                   ? 
_refine.overall_FOM_work_R_set                   ? 
_refine.pdbx_refine_id                           'X-RAY DIFFRACTION' 
_refine.pdbx_diffrn_id                           1 
_refine.pdbx_TLS_residual_ADP_flag               ? 
_refine.pdbx_overall_phase_error                 ? 
_refine.pdbx_overall_SU_R_free_Cruickshank_DPI   ? 
_refine.pdbx_overall_SU_R_Blow_DPI               ? 
_refine.pdbx_overall_SU_R_free_Blow_DPI          ? 
# 
_refine_hist.pdbx_refine_id                   'X-RAY DIFFRACTION' 
_refine_hist.cycle_id                         LAST 
_refine_hist.pdbx_number_atoms_protein        1516 
_refine_hist.pdbx_number_atoms_nucleic_acid   0 
_refine_hist.pdbx_number_atoms_ligand         81 
_refine_hist.number_atoms_solvent             27 
_refine_hist.number_atoms_total               1624 
_refine_hist.d_res_high                       2.5 
_refine_hist.d_res_low                        50.0 
# 
loop_
_refine_ls_restr.type 
_refine_ls_restr.dev_ideal 
_refine_ls_restr.dev_ideal_target 
_refine_ls_restr.weight 
_refine_ls_restr.number 
_refine_ls_restr.pdbx_refine_id 
_refine_ls_restr.pdbx_restraint_function 
p_bond_d     0.017 ? ? ? 'X-RAY DIFFRACTION' ? 
p_angle_d    0.064 ? ? ? 'X-RAY DIFFRACTION' ? 
p_mcangle_it 0.069 ? ? ? 'X-RAY DIFFRACTION' ? 
p_mcbond_it  0.247 ? ? ? 'X-RAY DIFFRACTION' ? 
# 
_struct.entry_id                  1U70 
_struct.title                     
;Understanding the Role of Leu22 Variants in Methotrexate Resistance: Comparison of Wild-type and Leu22Arg Variant Mouse and Human Dihydrofolate Reductase
;
_struct.pdbx_model_details        ? 
_struct.pdbx_CASP_flag            ? 
_struct.pdbx_model_type_details   ? 
# 
_struct_keywords.entry_id        1U70 
_struct_keywords.pdbx_keywords   OXIDOREDUCTASE 
_struct_keywords.text            'variant DHFR mouse, human, OXIDOREDUCTASE' 
# 
loop_
_struct_asym.id 
_struct_asym.pdbx_blank_PDB_chainid_flag 
_struct_asym.pdbx_modified 
_struct_asym.entity_id 
_struct_asym.details 
A N N 1 ? 
B N N 2 ? 
C N N 3 ? 
D N N 4 ? 
# 
_struct_ref.id                         1 
_struct_ref.db_name                    UNP 
_struct_ref.db_code                    DYR_MOUSE 
_struct_ref.pdbx_db_accession          P00375 
_struct_ref.entity_id                  1 
_struct_ref.pdbx_seq_one_letter_code   
;VRPLNCIVAVSQNMGIGKNGDLPWPPLRNEFKYFQRMTTTSSVEGKQNLVIMGRKTWFSIPEKNRPLKDRINIVLSRELK
EPPRGAHFLAKSLDDALRLIEQPELASKVDMVWIVGGSSVYQEAMNQPGHLRLFVTRIMQEFESDTFFPEIDLGKYKLLP
EYPGVLSEVQEEKGIKYKFEVYEKKD
;
_struct_ref.pdbx_align_begin           1 
_struct_ref.pdbx_db_isoform            ? 
# 
_struct_ref_seq.align_id                      1 
_struct_ref_seq.ref_id                        1 
_struct_ref_seq.pdbx_PDB_id_code              1U70 
_struct_ref_seq.pdbx_strand_id                A 
_struct_ref_seq.seq_align_beg                 1 
_struct_ref_seq.pdbx_seq_align_beg_ins_code   ? 
_struct_ref_seq.seq_align_end                 186 
_struct_ref_seq.pdbx_seq_align_end_ins_code   ? 
_struct_ref_seq.pdbx_db_accession             P00375 
_struct_ref_seq.db_align_beg                  1 
_struct_ref_seq.pdbx_db_align_beg_ins_code    ? 
_struct_ref_seq.db_align_end                  186 
_struct_ref_seq.pdbx_db_align_end_ins_code    ? 
_struct_ref_seq.pdbx_auth_seq_align_beg       1 
_struct_ref_seq.pdbx_auth_seq_align_end       186 
# 
_struct_ref_seq_dif.align_id                     1 
_struct_ref_seq_dif.pdbx_pdb_id_code             1U70 
_struct_ref_seq_dif.mon_id                       ARG 
_struct_ref_seq_dif.pdbx_pdb_strand_id           A 
_struct_ref_seq_dif.seq_num                      22 
_struct_ref_seq_dif.pdbx_pdb_ins_code            ? 
_struct_ref_seq_dif.pdbx_seq_db_name             UNP 
_struct_ref_seq_dif.pdbx_seq_db_accession_code   P00375 
_struct_ref_seq_dif.db_mon_id                    LEU 
_struct_ref_seq_dif.pdbx_seq_db_seq_num          22 
_struct_ref_seq_dif.details                      'engineered mutation' 
_struct_ref_seq_dif.pdbx_auth_seq_num            22 
_struct_ref_seq_dif.pdbx_ordinal                 1 
# 
_pdbx_struct_assembly.id                   1 
_pdbx_struct_assembly.details              author_defined_assembly 
_pdbx_struct_assembly.method_details       ? 
_pdbx_struct_assembly.oligomeric_details   monomeric 
_pdbx_struct_assembly.oligomeric_count     1 
# 
_pdbx_struct_assembly_gen.assembly_id       1 
_pdbx_struct_assembly_gen.oper_expression   1 
_pdbx_struct_assembly_gen.asym_id_list      A,B,C,D 
# 
_pdbx_struct_oper_list.id                   1 
_pdbx_struct_oper_list.type                 'identity operation' 
_pdbx_struct_oper_list.name                 1_555 
_pdbx_struct_oper_list.symmetry_operation   x,y,z 
_pdbx_struct_oper_list.matrix[1][1]         1.0000000000 
_pdbx_struct_oper_list.matrix[1][2]         0.0000000000 
_pdbx_struct_oper_list.matrix[1][3]         0.0000000000 
_pdbx_struct_oper_list.vector[1]            0.0000000000 
_pdbx_struct_oper_list.matrix[2][1]         0.0000000000 
_pdbx_struct_oper_list.matrix[2][2]         1.0000000000 
_pdbx_struct_oper_list.matrix[2][3]         0.0000000000 
_pdbx_struct_oper_list.vector[2]            0.0000000000 
_pdbx_struct_oper_list.matrix[3][1]         0.0000000000 
_pdbx_struct_oper_list.matrix[3][2]         0.0000000000 
_pdbx_struct_oper_list.matrix[3][3]         1.0000000000 
_pdbx_struct_oper_list.vector[3]            0.0000000000 
# 
loop_
_struct_conf.conf_type_id 
_struct_conf.id 
_struct_conf.pdbx_PDB_helix_id 
_struct_conf.beg_label_comp_id 
_struct_conf.beg_label_asym_id 
_struct_conf.beg_label_seq_id 
_struct_conf.pdbx_beg_PDB_ins_code 
_struct_conf.end_label_comp_id 
_struct_conf.end_label_asym_id 
_struct_conf.end_label_seq_id 
_struct_conf.pdbx_end_PDB_ins_code 
_struct_conf.beg_auth_comp_id 
_struct_conf.beg_auth_asym_id 
_struct_conf.beg_auth_seq_id 
_struct_conf.end_auth_comp_id 
_struct_conf.end_auth_asym_id 
_struct_conf.end_auth_seq_id 
_struct_conf.pdbx_PDB_helix_class 
_struct_conf.details 
_struct_conf.pdbx_PDB_helix_length 
HELX_P HELX_P1 1 LEU A 27  ? THR A 40  ? LEU A 27  THR A 40  1 ? 14 
HELX_P HELX_P2 2 ARG A 54  ? PHE A 58  ? ARG A 54  PHE A 58  1 ? 5  
HELX_P HELX_P3 3 SER A 59  ? ILE A 60  ? SER A 59  ILE A 60  5 ? 2  
HELX_P HELX_P4 4 PRO A 61  ? ARG A 65  ? PRO A 61  ARG A 65  5 ? 5  
HELX_P HELX_P5 5 SER A 92  ? GLU A 101 ? SER A 92  GLU A 101 1 ? 10 
HELX_P HELX_P6 6 GLN A 102 ? SER A 107 ? GLN A 102 SER A 107 1 ? 6  
HELX_P HELX_P7 7 GLY A 117 ? ASN A 126 ? GLY A 117 ASN A 126 1 ? 10 
# 
_struct_conf_type.id          HELX_P 
_struct_conf_type.criteria    ? 
_struct_conf_type.reference   ? 
# 
_struct_mon_prot_cis.pdbx_id                1 
_struct_mon_prot_cis.label_comp_id          ARG 
_struct_mon_prot_cis.label_seq_id           65 
_struct_mon_prot_cis.label_asym_id          A 
_struct_mon_prot_cis.label_alt_id           . 
_struct_mon_prot_cis.pdbx_PDB_ins_code      ? 
_struct_mon_prot_cis.auth_comp_id           ARG 
_struct_mon_prot_cis.auth_seq_id            65 
_struct_mon_prot_cis.auth_asym_id           A 
_struct_mon_prot_cis.pdbx_label_comp_id_2   PRO 
_struct_mon_prot_cis.pdbx_label_seq_id_2    66 
_struct_mon_prot_cis.pdbx_label_asym_id_2   A 
_struct_mon_prot_cis.pdbx_PDB_ins_code_2    ? 
_struct_mon_prot_cis.pdbx_auth_comp_id_2    PRO 
_struct_mon_prot_cis.pdbx_auth_seq_id_2     66 
_struct_mon_prot_cis.pdbx_auth_asym_id_2    A 
_struct_mon_prot_cis.pdbx_PDB_model_num     1 
_struct_mon_prot_cis.pdbx_omega_angle       -0.06 
# 
loop_
_struct_sheet.id 
_struct_sheet.type 
_struct_sheet.number_strands 
_struct_sheet.details 
A ? 8 ? 
B ? 8 ? 
# 
loop_
_struct_sheet_order.sheet_id 
_struct_sheet_order.range_id_1 
_struct_sheet_order.range_id_2 
_struct_sheet_order.offset 
_struct_sheet_order.sense 
A 1 2 ? parallel      
A 2 3 ? parallel      
A 3 4 ? parallel      
A 4 5 ? parallel      
A 5 6 ? parallel      
A 6 7 ? anti-parallel 
A 7 8 ? anti-parallel 
B 1 2 ? parallel      
B 2 3 ? parallel      
B 3 4 ? parallel      
B 4 5 ? parallel      
B 5 6 ? parallel      
B 6 7 ? anti-parallel 
B 7 8 ? anti-parallel 
# 
loop_
_struct_sheet_range.sheet_id 
_struct_sheet_range.id 
_struct_sheet_range.beg_label_comp_id 
_struct_sheet_range.beg_label_asym_id 
_struct_sheet_range.beg_label_seq_id 
_struct_sheet_range.pdbx_beg_PDB_ins_code 
_struct_sheet_range.end_label_comp_id 
_struct_sheet_range.end_label_asym_id 
_struct_sheet_range.end_label_seq_id 
_struct_sheet_range.pdbx_end_PDB_ins_code 
_struct_sheet_range.beg_auth_comp_id 
_struct_sheet_range.beg_auth_asym_id 
_struct_sheet_range.beg_auth_seq_id 
_struct_sheet_range.end_auth_comp_id 
_struct_sheet_range.end_auth_asym_id 
_struct_sheet_range.end_auth_seq_id 
A 1 PHE A 88  ? ALA A 90  ? PHE A 88  ALA A 90  
A 2 ARG A 70  ? LEU A 75  ? ARG A 70  LEU A 75  
A 3 GLN A 47  ? GLY A 53  ? GLN A 47  GLY A 53  
A 4 VAL A 109 ? GLY A 116 ? VAL A 109 GLY A 116 
A 5 LEU A 4   ? SER A 11  ? LEU A 4   SER A 11  
A 6 LEU A 131 ? ILE A 138 ? LEU A 131 ILE A 138 
A 7 ILE A 175 ? LYS A 184 ? ILE A 175 LYS A 184 
A 8 LYS A 157 ? LEU A 158 ? LYS A 157 LEU A 158 
B 1 PHE A 88  ? ALA A 90  ? PHE A 88  ALA A 90  
B 2 ARG A 70  ? LEU A 75  ? ARG A 70  LEU A 75  
B 3 GLN A 47  ? GLY A 53  ? GLN A 47  GLY A 53  
B 4 VAL A 109 ? GLY A 116 ? VAL A 109 GLY A 116 
B 5 LEU A 4   ? SER A 11  ? LEU A 4   SER A 11  
B 6 LEU A 131 ? ILE A 138 ? LEU A 131 ILE A 138 
B 7 ILE A 175 ? LYS A 184 ? ILE A 175 LYS A 184 
B 8 GLN A 170 ? GLU A 172 ? GLN A 170 GLU A 172 
# 
loop_
_pdbx_struct_sheet_hbond.sheet_id 
_pdbx_struct_sheet_hbond.range_id_1 
_pdbx_struct_sheet_hbond.range_id_2 
_pdbx_struct_sheet_hbond.range_1_label_atom_id 
_pdbx_struct_sheet_hbond.range_1_label_comp_id 
_pdbx_struct_sheet_hbond.range_1_label_asym_id 
_pdbx_struct_sheet_hbond.range_1_label_seq_id 
_pdbx_struct_sheet_hbond.range_1_PDB_ins_code 
_pdbx_struct_sheet_hbond.range_1_auth_atom_id 
_pdbx_struct_sheet_hbond.range_1_auth_comp_id 
_pdbx_struct_sheet_hbond.range_1_auth_asym_id 
_pdbx_struct_sheet_hbond.range_1_auth_seq_id 
_pdbx_struct_sheet_hbond.range_2_label_atom_id 
_pdbx_struct_sheet_hbond.range_2_label_comp_id 
_pdbx_struct_sheet_hbond.range_2_label_asym_id 
_pdbx_struct_sheet_hbond.range_2_label_seq_id 
_pdbx_struct_sheet_hbond.range_2_PDB_ins_code 
_pdbx_struct_sheet_hbond.range_2_auth_atom_id 
_pdbx_struct_sheet_hbond.range_2_auth_comp_id 
_pdbx_struct_sheet_hbond.range_2_auth_asym_id 
_pdbx_struct_sheet_hbond.range_2_auth_seq_id 
A 1 2 O ALA A 90  ? O ALA A 90  N VAL A 74  ? N VAL A 74  
A 2 3 O ILE A 71  ? O ILE A 71  N VAL A 50  ? N VAL A 50  
A 3 4 N LEU A 49  ? N LEU A 49  O MET A 111 ? O MET A 111 
A 4 5 O ILE A 114 ? O ILE A 114 N ASN A 5   ? N ASN A 5   
A 5 6 N CYS A 6   ? N CYS A 6   O PHE A 134 ? O PHE A 134 
A 6 7 N ARG A 137 ? N ARG A 137 O LYS A 178 ? O LYS A 178 
A 7 8 O GLU A 183 ? O GLU A 183 N LYS A 157 ? N LYS A 157 
B 1 2 O ALA A 90  ? O ALA A 90  N VAL A 74  ? N VAL A 74  
B 2 3 O ILE A 71  ? O ILE A 71  N VAL A 50  ? N VAL A 50  
B 3 4 N LEU A 49  ? N LEU A 49  O MET A 111 ? O MET A 111 
B 4 5 O ILE A 114 ? O ILE A 114 N ASN A 5   ? N ASN A 5   
B 5 6 N CYS A 6   ? N CYS A 6   O PHE A 134 ? O PHE A 134 
B 6 7 N ARG A 137 ? N ARG A 137 O LYS A 178 ? O LYS A 178 
B 7 8 O TYR A 177 ? O TYR A 177 N GLN A 170 ? N GLN A 170 
# 
loop_
_struct_site.id 
_struct_site.pdbx_evidence_code 
_struct_site.pdbx_auth_asym_id 
_struct_site.pdbx_auth_comp_id 
_struct_site.pdbx_auth_seq_id 
_struct_site.pdbx_auth_ins_code 
_struct_site.pdbx_num_residues 
_struct_site.details 
AC1 Software A MTX 187 ? 15 'BINDING SITE FOR RESIDUE MTX A 187' 
AC2 Software A NDP 188 ? 24 'BINDING SITE FOR RESIDUE NDP A 188' 
# 
loop_
_struct_site_gen.id 
_struct_site_gen.site_id 
_struct_site_gen.pdbx_num_res 
_struct_site_gen.label_comp_id 
_struct_site_gen.label_asym_id 
_struct_site_gen.label_seq_id 
_struct_site_gen.pdbx_auth_ins_code 
_struct_site_gen.auth_comp_id 
_struct_site_gen.auth_asym_id 
_struct_site_gen.auth_seq_id 
_struct_site_gen.label_atom_id 
_struct_site_gen.label_alt_id 
_struct_site_gen.symmetry 
_struct_site_gen.details 
1  AC1 15 ILE A 7   ? ILE A 7   . ? 1_555 ? 
2  AC1 15 VAL A 8   ? VAL A 8   . ? 1_555 ? 
3  AC1 15 ARG A 22  ? ARG A 22  . ? 1_555 ? 
4  AC1 15 GLU A 30  ? GLU A 30  . ? 1_555 ? 
5  AC1 15 PHE A 31  ? PHE A 31  . ? 1_555 ? 
6  AC1 15 PHE A 34  ? PHE A 34  . ? 1_555 ? 
7  AC1 15 GLN A 35  ? GLN A 35  . ? 1_555 ? 
8  AC1 15 PRO A 61  ? PRO A 61  . ? 1_555 ? 
9  AC1 15 ASN A 64  ? ASN A 64  . ? 1_555 ? 
10 AC1 15 LYS A 68  ? LYS A 68  . ? 1_555 ? 
11 AC1 15 ARG A 70  ? ARG A 70  . ? 1_555 ? 
12 AC1 15 VAL A 115 ? VAL A 115 . ? 1_555 ? 
13 AC1 15 TYR A 121 ? TYR A 121 . ? 1_555 ? 
14 AC1 15 THR A 136 ? THR A 136 . ? 1_555 ? 
15 AC1 15 NDP C .   ? NDP A 188 . ? 1_555 ? 
16 AC2 24 VAL A 8   ? VAL A 8   . ? 1_555 ? 
17 AC2 24 ALA A 9   ? ALA A 9   . ? 1_555 ? 
18 AC2 24 GLY A 20  ? GLY A 20  . ? 1_555 ? 
19 AC2 24 ASP A 21  ? ASP A 21  . ? 1_555 ? 
20 AC2 24 TRP A 24  ? TRP A 24  . ? 1_555 ? 
21 AC2 24 GLY A 53  ? GLY A 53  . ? 1_555 ? 
22 AC2 24 ARG A 54  ? ARG A 54  . ? 1_555 ? 
23 AC2 24 LYS A 55  ? LYS A 55  . ? 1_555 ? 
24 AC2 24 THR A 56  ? THR A 56  . ? 1_555 ? 
25 AC2 24 LEU A 75  ? LEU A 75  . ? 1_555 ? 
26 AC2 24 SER A 76  ? SER A 76  . ? 1_555 ? 
27 AC2 24 ARG A 77  ? ARG A 77  . ? 1_555 ? 
28 AC2 24 GLU A 78  ? GLU A 78  . ? 1_555 ? 
29 AC2 24 LYS A 91  ? LYS A 91  . ? 1_555 ? 
30 AC2 24 SER A 92  ? SER A 92  . ? 1_555 ? 
31 AC2 24 VAL A 115 ? VAL A 115 . ? 1_555 ? 
32 AC2 24 GLY A 116 ? GLY A 116 . ? 1_555 ? 
33 AC2 24 GLY A 117 ? GLY A 117 . ? 1_555 ? 
34 AC2 24 SER A 118 ? SER A 118 . ? 1_555 ? 
35 AC2 24 SER A 119 ? SER A 119 . ? 1_555 ? 
36 AC2 24 VAL A 120 ? VAL A 120 . ? 1_555 ? 
37 AC2 24 TYR A 121 ? TYR A 121 . ? 1_555 ? 
38 AC2 24 GLU A 123 ? GLU A 123 . ? 1_555 ? 
39 AC2 24 MTX B .   ? MTX A 187 . ? 1_555 ? 
# 
_pdbx_validate_symm_contact.id                1 
_pdbx_validate_symm_contact.PDB_model_num     1 
_pdbx_validate_symm_contact.auth_atom_id_1    NH2 
_pdbx_validate_symm_contact.auth_asym_id_1    A 
_pdbx_validate_symm_contact.auth_comp_id_1    ARG 
_pdbx_validate_symm_contact.auth_seq_id_1     28 
_pdbx_validate_symm_contact.PDB_ins_code_1    ? 
_pdbx_validate_symm_contact.label_alt_id_1    ? 
_pdbx_validate_symm_contact.site_symmetry_1   1_555 
_pdbx_validate_symm_contact.auth_atom_id_2    NH1 
_pdbx_validate_symm_contact.auth_asym_id_2    A 
_pdbx_validate_symm_contact.auth_comp_id_2    ARG 
_pdbx_validate_symm_contact.auth_seq_id_2     54 
_pdbx_validate_symm_contact.PDB_ins_code_2    ? 
_pdbx_validate_symm_contact.label_alt_id_2    ? 
_pdbx_validate_symm_contact.site_symmetry_2   2_556 
_pdbx_validate_symm_contact.dist              2.11 
# 
loop_
_pdbx_validate_rmsd_angle.id 
_pdbx_validate_rmsd_angle.PDB_model_num 
_pdbx_validate_rmsd_angle.auth_atom_id_1 
_pdbx_validate_rmsd_angle.auth_asym_id_1 
_pdbx_validate_rmsd_angle.auth_comp_id_1 
_pdbx_validate_rmsd_angle.auth_seq_id_1 
_pdbx_validate_rmsd_angle.PDB_ins_code_1 
_pdbx_validate_rmsd_angle.label_alt_id_1 
_pdbx_validate_rmsd_angle.auth_atom_id_2 
_pdbx_validate_rmsd_angle.auth_asym_id_2 
_pdbx_validate_rmsd_angle.auth_comp_id_2 
_pdbx_validate_rmsd_angle.auth_seq_id_2 
_pdbx_validate_rmsd_angle.PDB_ins_code_2 
_pdbx_validate_rmsd_angle.label_alt_id_2 
_pdbx_validate_rmsd_angle.auth_atom_id_3 
_pdbx_validate_rmsd_angle.auth_asym_id_3 
_pdbx_validate_rmsd_angle.auth_comp_id_3 
_pdbx_validate_rmsd_angle.auth_seq_id_3 
_pdbx_validate_rmsd_angle.PDB_ins_code_3 
_pdbx_validate_rmsd_angle.label_alt_id_3 
_pdbx_validate_rmsd_angle.angle_value 
_pdbx_validate_rmsd_angle.angle_target_value 
_pdbx_validate_rmsd_angle.angle_deviation 
_pdbx_validate_rmsd_angle.angle_standard_deviation 
_pdbx_validate_rmsd_angle.linker_flag 
1 1 NE A ARG 22 ? ? CZ A ARG 22 ? ? NH1 A ARG 22 ? ? 123.79 120.30 3.49 0.50 N 
2 1 NE A ARG 28 ? ? CZ A ARG 28 ? ? NH1 A ARG 28 ? ? 124.99 120.30 4.69 0.50 N 
# 
loop_
_pdbx_validate_torsion.id 
_pdbx_validate_torsion.PDB_model_num 
_pdbx_validate_torsion.auth_comp_id 
_pdbx_validate_torsion.auth_asym_id 
_pdbx_validate_torsion.auth_seq_id 
_pdbx_validate_torsion.PDB_ins_code 
_pdbx_validate_torsion.label_alt_id 
_pdbx_validate_torsion.phi 
_pdbx_validate_torsion.psi 
1  1 ASN A 13  ? ? -75.43  42.61  
2  1 MET A 14  ? ? 38.01   34.20  
3  1 LYS A 18  ? ? -160.30 95.61  
4  1 ASN A 19  ? ? 74.32   32.86  
5  1 LEU A 105 ? ? -90.77  -60.29 
6  1 ALA A 106 ? ? -36.68  -34.41 
7  1 ASP A 110 ? ? -104.46 -87.43 
8  1 ASN A 126 ? ? -74.18  41.66  
9  1 GLN A 140 ? ? -170.18 145.67 
10 1 ASP A 145 ? ? -78.93  -73.07 
# 
loop_
_chem_comp_atom.comp_id 
_chem_comp_atom.atom_id 
_chem_comp_atom.type_symbol 
_chem_comp_atom.pdbx_aromatic_flag 
_chem_comp_atom.pdbx_stereo_config 
_chem_comp_atom.pdbx_ordinal 
ALA N    N N N 1   
ALA CA   C N S 2   
ALA C    C N N 3   
ALA O    O N N 4   
ALA CB   C N N 5   
ALA OXT  O N N 6   
ALA H    H N N 7   
ALA H2   H N N 8   
ALA HA   H N N 9   
ALA HB1  H N N 10  
ALA HB2  H N N 11  
ALA HB3  H N N 12  
ALA HXT  H N N 13  
ARG N    N N N 14  
ARG CA   C N S 15  
ARG C    C N N 16  
ARG O    O N N 17  
ARG CB   C N N 18  
ARG CG   C N N 19  
ARG CD   C N N 20  
ARG NE   N N N 21  
ARG CZ   C N N 22  
ARG NH1  N N N 23  
ARG NH2  N N N 24  
ARG OXT  O N N 25  
ARG H    H N N 26  
ARG H2   H N N 27  
ARG HA   H N N 28  
ARG HB2  H N N 29  
ARG HB3  H N N 30  
ARG HG2  H N N 31  
ARG HG3  H N N 32  
ARG HD2  H N N 33  
ARG HD3  H N N 34  
ARG HE   H N N 35  
ARG HH11 H N N 36  
ARG HH12 H N N 37  
ARG HH21 H N N 38  
ARG HH22 H N N 39  
ARG HXT  H N N 40  
ASN N    N N N 41  
ASN CA   C N S 42  
ASN C    C N N 43  
ASN O    O N N 44  
ASN CB   C N N 45  
ASN CG   C N N 46  
ASN OD1  O N N 47  
ASN ND2  N N N 48  
ASN OXT  O N N 49  
ASN H    H N N 50  
ASN H2   H N N 51  
ASN HA   H N N 52  
ASN HB2  H N N 53  
ASN HB3  H N N 54  
ASN HD21 H N N 55  
ASN HD22 H N N 56  
ASN HXT  H N N 57  
ASP N    N N N 58  
ASP CA   C N S 59  
ASP C    C N N 60  
ASP O    O N N 61  
ASP CB   C N N 62  
ASP CG   C N N 63  
ASP OD1  O N N 64  
ASP OD2  O N N 65  
ASP OXT  O N N 66  
ASP H    H N N 67  
ASP H2   H N N 68  
ASP HA   H N N 69  
ASP HB2  H N N 70  
ASP HB3  H N N 71  
ASP HD2  H N N 72  
ASP HXT  H N N 73  
CYS N    N N N 74  
CYS CA   C N R 75  
CYS C    C N N 76  
CYS O    O N N 77  
CYS CB   C N N 78  
CYS SG   S N N 79  
CYS OXT  O N N 80  
CYS H    H N N 81  
CYS H2   H N N 82  
CYS HA   H N N 83  
CYS HB2  H N N 84  
CYS HB3  H N N 85  
CYS HG   H N N 86  
CYS HXT  H N N 87  
GLN N    N N N 88  
GLN CA   C N S 89  
GLN C    C N N 90  
GLN O    O N N 91  
GLN CB   C N N 92  
GLN CG   C N N 93  
GLN CD   C N N 94  
GLN OE1  O N N 95  
GLN NE2  N N N 96  
GLN OXT  O N N 97  
GLN H    H N N 98  
GLN H2   H N N 99  
GLN HA   H N N 100 
GLN HB2  H N N 101 
GLN HB3  H N N 102 
GLN HG2  H N N 103 
GLN HG3  H N N 104 
GLN HE21 H N N 105 
GLN HE22 H N N 106 
GLN HXT  H N N 107 
GLU N    N N N 108 
GLU CA   C N S 109 
GLU C    C N N 110 
GLU O    O N N 111 
GLU CB   C N N 112 
GLU CG   C N N 113 
GLU CD   C N N 114 
GLU OE1  O N N 115 
GLU OE2  O N N 116 
GLU OXT  O N N 117 
GLU H    H N N 118 
GLU H2   H N N 119 
GLU HA   H N N 120 
GLU HB2  H N N 121 
GLU HB3  H N N 122 
GLU HG2  H N N 123 
GLU HG3  H N N 124 
GLU HE2  H N N 125 
GLU HXT  H N N 126 
GLY N    N N N 127 
GLY CA   C N N 128 
GLY C    C N N 129 
GLY O    O N N 130 
GLY OXT  O N N 131 
GLY H    H N N 132 
GLY H2   H N N 133 
GLY HA2  H N N 134 
GLY HA3  H N N 135 
GLY HXT  H N N 136 
HIS N    N N N 137 
HIS CA   C N S 138 
HIS C    C N N 139 
HIS O    O N N 140 
HIS CB   C N N 141 
HIS CG   C Y N 142 
HIS ND1  N Y N 143 
HIS CD2  C Y N 144 
HIS CE1  C Y N 145 
HIS NE2  N Y N 146 
HIS OXT  O N N 147 
HIS H    H N N 148 
HIS H2   H N N 149 
HIS HA   H N N 150 
HIS HB2  H N N 151 
HIS HB3  H N N 152 
HIS HD1  H N N 153 
HIS HD2  H N N 154 
HIS HE1  H N N 155 
HIS HE2  H N N 156 
HIS HXT  H N N 157 
HOH O    O N N 158 
HOH H1   H N N 159 
HOH H2   H N N 160 
ILE N    N N N 161 
ILE CA   C N S 162 
ILE C    C N N 163 
ILE O    O N N 164 
ILE CB   C N S 165 
ILE CG1  C N N 166 
ILE CG2  C N N 167 
ILE CD1  C N N 168 
ILE OXT  O N N 169 
ILE H    H N N 170 
ILE H2   H N N 171 
ILE HA   H N N 172 
ILE HB   H N N 173 
ILE HG12 H N N 174 
ILE HG13 H N N 175 
ILE HG21 H N N 176 
ILE HG22 H N N 177 
ILE HG23 H N N 178 
ILE HD11 H N N 179 
ILE HD12 H N N 180 
ILE HD13 H N N 181 
ILE HXT  H N N 182 
LEU N    N N N 183 
LEU CA   C N S 184 
LEU C    C N N 185 
LEU O    O N N 186 
LEU CB   C N N 187 
LEU CG   C N N 188 
LEU CD1  C N N 189 
LEU CD2  C N N 190 
LEU OXT  O N N 191 
LEU H    H N N 192 
LEU H2   H N N 193 
LEU HA   H N N 194 
LEU HB2  H N N 195 
LEU HB3  H N N 196 
LEU HG   H N N 197 
LEU HD11 H N N 198 
LEU HD12 H N N 199 
LEU HD13 H N N 200 
LEU HD21 H N N 201 
LEU HD22 H N N 202 
LEU HD23 H N N 203 
LEU HXT  H N N 204 
LYS N    N N N 205 
LYS CA   C N S 206 
LYS C    C N N 207 
LYS O    O N N 208 
LYS CB   C N N 209 
LYS CG   C N N 210 
LYS CD   C N N 211 
LYS CE   C N N 212 
LYS NZ   N N N 213 
LYS OXT  O N N 214 
LYS H    H N N 215 
LYS H2   H N N 216 
LYS HA   H N N 217 
LYS HB2  H N N 218 
LYS HB3  H N N 219 
LYS HG2  H N N 220 
LYS HG3  H N N 221 
LYS HD2  H N N 222 
LYS HD3  H N N 223 
LYS HE2  H N N 224 
LYS HE3  H N N 225 
LYS HZ1  H N N 226 
LYS HZ2  H N N 227 
LYS HZ3  H N N 228 
LYS HXT  H N N 229 
MET N    N N N 230 
MET CA   C N S 231 
MET C    C N N 232 
MET O    O N N 233 
MET CB   C N N 234 
MET CG   C N N 235 
MET SD   S N N 236 
MET CE   C N N 237 
MET OXT  O N N 238 
MET H    H N N 239 
MET H2   H N N 240 
MET HA   H N N 241 
MET HB2  H N N 242 
MET HB3  H N N 243 
MET HG2  H N N 244 
MET HG3  H N N 245 
MET HE1  H N N 246 
MET HE2  H N N 247 
MET HE3  H N N 248 
MET HXT  H N N 249 
MTX N1   N Y N 250 
MTX C2   C Y N 251 
MTX NA2  N N N 252 
MTX N3   N Y N 253 
MTX C4   C Y N 254 
MTX NA4  N N N 255 
MTX C4A  C Y N 256 
MTX N5   N Y N 257 
MTX C6   C Y N 258 
MTX C7   C Y N 259 
MTX N8   N Y N 260 
MTX C8A  C Y N 261 
MTX C9   C N N 262 
MTX N10  N N N 263 
MTX CM   C N N 264 
MTX C11  C Y N 265 
MTX C12  C Y N 266 
MTX C13  C Y N 267 
MTX C14  C Y N 268 
MTX C15  C Y N 269 
MTX C16  C Y N 270 
MTX C    C N N 271 
MTX O    O N N 272 
MTX N    N N N 273 
MTX CA   C N S 274 
MTX CT   C N N 275 
MTX O1   O N N 276 
MTX O2   O N N 277 
MTX CB   C N N 278 
MTX CG   C N N 279 
MTX CD   C N N 280 
MTX OE1  O N N 281 
MTX OE2  O N N 282 
MTX HN21 H N N 283 
MTX HN22 H N N 284 
MTX HN41 H N N 285 
MTX HN42 H N N 286 
MTX H7   H N N 287 
MTX H91  H N N 288 
MTX H92  H N N 289 
MTX HM1  H N N 290 
MTX HM2  H N N 291 
MTX HM3  H N N 292 
MTX H12  H N N 293 
MTX H13  H N N 294 
MTX H15  H N N 295 
MTX H16  H N N 296 
MTX HN   H N N 297 
MTX HA   H N N 298 
MTX HO2  H N N 299 
MTX HB1  H N N 300 
MTX HB2  H N N 301 
MTX HG1  H N N 302 
MTX HG2  H N N 303 
MTX HOE2 H N N 304 
NDP PA   P N S 305 
NDP O1A  O N N 306 
NDP O2A  O N N 307 
NDP O5B  O N N 308 
NDP C5B  C N N 309 
NDP C4B  C N R 310 
NDP O4B  O N N 311 
NDP C3B  C N R 312 
NDP O3B  O N N 313 
NDP C2B  C N R 314 
NDP O2B  O N N 315 
NDP C1B  C N R 316 
NDP N9A  N Y N 317 
NDP C8A  C Y N 318 
NDP N7A  N Y N 319 
NDP C5A  C Y N 320 
NDP C6A  C Y N 321 
NDP N6A  N N N 322 
NDP N1A  N Y N 323 
NDP C2A  C Y N 324 
NDP N3A  N Y N 325 
NDP C4A  C Y N 326 
NDP O3   O N N 327 
NDP PN   P N S 328 
NDP O1N  O N N 329 
NDP O2N  O N N 330 
NDP O5D  O N N 331 
NDP C5D  C N N 332 
NDP C4D  C N R 333 
NDP O4D  O N N 334 
NDP C3D  C N S 335 
NDP O3D  O N N 336 
NDP C2D  C N R 337 
NDP O2D  O N N 338 
NDP C1D  C N R 339 
NDP N1N  N N N 340 
NDP C2N  C N N 341 
NDP C3N  C N N 342 
NDP C7N  C N N 343 
NDP O7N  O N N 344 
NDP N7N  N N N 345 
NDP C4N  C N N 346 
NDP C5N  C N N 347 
NDP C6N  C N N 348 
NDP P2B  P N N 349 
NDP O1X  O N N 350 
NDP O2X  O N N 351 
NDP O3X  O N N 352 
NDP HOA2 H N N 353 
NDP H51A H N N 354 
NDP H52A H N N 355 
NDP H4B  H N N 356 
NDP H3B  H N N 357 
NDP HO3A H N N 358 
NDP H2B  H N N 359 
NDP H1B  H N N 360 
NDP H8A  H N N 361 
NDP H61A H N N 362 
NDP H62A H N N 363 
NDP H2A  H N N 364 
NDP H21N H N N 365 
NDP H51N H N N 366 
NDP H52N H N N 367 
NDP H4D  H N N 368 
NDP H3D  H N N 369 
NDP HO3N H N N 370 
NDP H2D  H N N 371 
NDP HO2N H N N 372 
NDP H1D  H N N 373 
NDP H2N  H N N 374 
NDP H71N H N N 375 
NDP H72N H N N 376 
NDP H41N H N N 377 
NDP H42N H N N 378 
NDP H5N  H N N 379 
NDP H6N  H N N 380 
NDP HOP2 H N N 381 
NDP HOP3 H N N 382 
PHE N    N N N 383 
PHE CA   C N S 384 
PHE C    C N N 385 
PHE O    O N N 386 
PHE CB   C N N 387 
PHE CG   C Y N 388 
PHE CD1  C Y N 389 
PHE CD2  C Y N 390 
PHE CE1  C Y N 391 
PHE CE2  C Y N 392 
PHE CZ   C Y N 393 
PHE OXT  O N N 394 
PHE H    H N N 395 
PHE H2   H N N 396 
PHE HA   H N N 397 
PHE HB2  H N N 398 
PHE HB3  H N N 399 
PHE HD1  H N N 400 
PHE HD2  H N N 401 
PHE HE1  H N N 402 
PHE HE2  H N N 403 
PHE HZ   H N N 404 
PHE HXT  H N N 405 
PRO N    N N N 406 
PRO CA   C N S 407 
PRO C    C N N 408 
PRO O    O N N 409 
PRO CB   C N N 410 
PRO CG   C N N 411 
PRO CD   C N N 412 
PRO OXT  O N N 413 
PRO H    H N N 414 
PRO HA   H N N 415 
PRO HB2  H N N 416 
PRO HB3  H N N 417 
PRO HG2  H N N 418 
PRO HG3  H N N 419 
PRO HD2  H N N 420 
PRO HD3  H N N 421 
PRO HXT  H N N 422 
SER N    N N N 423 
SER CA   C N S 424 
SER C    C N N 425 
SER O    O N N 426 
SER CB   C N N 427 
SER OG   O N N 428 
SER OXT  O N N 429 
SER H    H N N 430 
SER H2   H N N 431 
SER HA   H N N 432 
SER HB2  H N N 433 
SER HB3  H N N 434 
SER HG   H N N 435 
SER HXT  H N N 436 
THR N    N N N 437 
THR CA   C N S 438 
THR C    C N N 439 
THR O    O N N 440 
THR CB   C N R 441 
THR OG1  O N N 442 
THR CG2  C N N 443 
THR OXT  O N N 444 
THR H    H N N 445 
THR H2   H N N 446 
THR HA   H N N 447 
THR HB   H N N 448 
THR HG1  H N N 449 
THR HG21 H N N 450 
THR HG22 H N N 451 
THR HG23 H N N 452 
THR HXT  H N N 453 
TRP N    N N N 454 
TRP CA   C N S 455 
TRP C    C N N 456 
TRP O    O N N 457 
TRP CB   C N N 458 
TRP CG   C Y N 459 
TRP CD1  C Y N 460 
TRP CD2  C Y N 461 
TRP NE1  N Y N 462 
TRP CE2  C Y N 463 
TRP CE3  C Y N 464 
TRP CZ2  C Y N 465 
TRP CZ3  C Y N 466 
TRP CH2  C Y N 467 
TRP OXT  O N N 468 
TRP H    H N N 469 
TRP H2   H N N 470 
TRP HA   H N N 471 
TRP HB2  H N N 472 
TRP HB3  H N N 473 
TRP HD1  H N N 474 
TRP HE1  H N N 475 
TRP HE3  H N N 476 
TRP HZ2  H N N 477 
TRP HZ3  H N N 478 
TRP HH2  H N N 479 
TRP HXT  H N N 480 
TYR N    N N N 481 
TYR CA   C N S 482 
TYR C    C N N 483 
TYR O    O N N 484 
TYR CB   C N N 485 
TYR CG   C Y N 486 
TYR CD1  C Y N 487 
TYR CD2  C Y N 488 
TYR CE1  C Y N 489 
TYR CE2  C Y N 490 
TYR CZ   C Y N 491 
TYR OH   O N N 492 
TYR OXT  O N N 493 
TYR H    H N N 494 
TYR H2   H N N 495 
TYR HA   H N N 496 
TYR HB2  H N N 497 
TYR HB3  H N N 498 
TYR HD1  H N N 499 
TYR HD2  H N N 500 
TYR HE1  H N N 501 
TYR HE2  H N N 502 
TYR HH   H N N 503 
TYR HXT  H N N 504 
VAL N    N N N 505 
VAL CA   C N S 506 
VAL C    C N N 507 
VAL O    O N N 508 
VAL CB   C N N 509 
VAL CG1  C N N 510 
VAL CG2  C N N 511 
VAL OXT  O N N 512 
VAL H    H N N 513 
VAL H2   H N N 514 
VAL HA   H N N 515 
VAL HB   H N N 516 
VAL HG11 H N N 517 
VAL HG12 H N N 518 
VAL HG13 H N N 519 
VAL HG21 H N N 520 
VAL HG22 H N N 521 
VAL HG23 H N N 522 
VAL HXT  H N N 523 
# 
loop_
_chem_comp_bond.comp_id 
_chem_comp_bond.atom_id_1 
_chem_comp_bond.atom_id_2 
_chem_comp_bond.value_order 
_chem_comp_bond.pdbx_aromatic_flag 
_chem_comp_bond.pdbx_stereo_config 
_chem_comp_bond.pdbx_ordinal 
ALA N   CA   sing N N 1   
ALA N   H    sing N N 2   
ALA N   H2   sing N N 3   
ALA CA  C    sing N N 4   
ALA CA  CB   sing N N 5   
ALA CA  HA   sing N N 6   
ALA C   O    doub N N 7   
ALA C   OXT  sing N N 8   
ALA CB  HB1  sing N N 9   
ALA CB  HB2  sing N N 10  
ALA CB  HB3  sing N N 11  
ALA OXT HXT  sing N N 12  
ARG N   CA   sing N N 13  
ARG N   H    sing N N 14  
ARG N   H2   sing N N 15  
ARG CA  C    sing N N 16  
ARG CA  CB   sing N N 17  
ARG CA  HA   sing N N 18  
ARG C   O    doub N N 19  
ARG C   OXT  sing N N 20  
ARG CB  CG   sing N N 21  
ARG CB  HB2  sing N N 22  
ARG CB  HB3  sing N N 23  
ARG CG  CD   sing N N 24  
ARG CG  HG2  sing N N 25  
ARG CG  HG3  sing N N 26  
ARG CD  NE   sing N N 27  
ARG CD  HD2  sing N N 28  
ARG CD  HD3  sing N N 29  
ARG NE  CZ   sing N N 30  
ARG NE  HE   sing N N 31  
ARG CZ  NH1  sing N N 32  
ARG CZ  NH2  doub N N 33  
ARG NH1 HH11 sing N N 34  
ARG NH1 HH12 sing N N 35  
ARG NH2 HH21 sing N N 36  
ARG NH2 HH22 sing N N 37  
ARG OXT HXT  sing N N 38  
ASN N   CA   sing N N 39  
ASN N   H    sing N N 40  
ASN N   H2   sing N N 41  
ASN CA  C    sing N N 42  
ASN CA  CB   sing N N 43  
ASN CA  HA   sing N N 44  
ASN C   O    doub N N 45  
ASN C   OXT  sing N N 46  
ASN CB  CG   sing N N 47  
ASN CB  HB2  sing N N 48  
ASN CB  HB3  sing N N 49  
ASN CG  OD1  doub N N 50  
ASN CG  ND2  sing N N 51  
ASN ND2 HD21 sing N N 52  
ASN ND2 HD22 sing N N 53  
ASN OXT HXT  sing N N 54  
ASP N   CA   sing N N 55  
ASP N   H    sing N N 56  
ASP N   H2   sing N N 57  
ASP CA  C    sing N N 58  
ASP CA  CB   sing N N 59  
ASP CA  HA   sing N N 60  
ASP C   O    doub N N 61  
ASP C   OXT  sing N N 62  
ASP CB  CG   sing N N 63  
ASP CB  HB2  sing N N 64  
ASP CB  HB3  sing N N 65  
ASP CG  OD1  doub N N 66  
ASP CG  OD2  sing N N 67  
ASP OD2 HD2  sing N N 68  
ASP OXT HXT  sing N N 69  
CYS N   CA   sing N N 70  
CYS N   H    sing N N 71  
CYS N   H2   sing N N 72  
CYS CA  C    sing N N 73  
CYS CA  CB   sing N N 74  
CYS CA  HA   sing N N 75  
CYS C   O    doub N N 76  
CYS C   OXT  sing N N 77  
CYS CB  SG   sing N N 78  
CYS CB  HB2  sing N N 79  
CYS CB  HB3  sing N N 80  
CYS SG  HG   sing N N 81  
CYS OXT HXT  sing N N 82  
GLN N   CA   sing N N 83  
GLN N   H    sing N N 84  
GLN N   H2   sing N N 85  
GLN CA  C    sing N N 86  
GLN CA  CB   sing N N 87  
GLN CA  HA   sing N N 88  
GLN C   O    doub N N 89  
GLN C   OXT  sing N N 90  
GLN CB  CG   sing N N 91  
GLN CB  HB2  sing N N 92  
GLN CB  HB3  sing N N 93  
GLN CG  CD   sing N N 94  
GLN CG  HG2  sing N N 95  
GLN CG  HG3  sing N N 96  
GLN CD  OE1  doub N N 97  
GLN CD  NE2  sing N N 98  
GLN NE2 HE21 sing N N 99  
GLN NE2 HE22 sing N N 100 
GLN OXT HXT  sing N N 101 
GLU N   CA   sing N N 102 
GLU N   H    sing N N 103 
GLU N   H2   sing N N 104 
GLU CA  C    sing N N 105 
GLU CA  CB   sing N N 106 
GLU CA  HA   sing N N 107 
GLU C   O    doub N N 108 
GLU C   OXT  sing N N 109 
GLU CB  CG   sing N N 110 
GLU CB  HB2  sing N N 111 
GLU CB  HB3  sing N N 112 
GLU CG  CD   sing N N 113 
GLU CG  HG2  sing N N 114 
GLU CG  HG3  sing N N 115 
GLU CD  OE1  doub N N 116 
GLU CD  OE2  sing N N 117 
GLU OE2 HE2  sing N N 118 
GLU OXT HXT  sing N N 119 
GLY N   CA   sing N N 120 
GLY N   H    sing N N 121 
GLY N   H2   sing N N 122 
GLY CA  C    sing N N 123 
GLY CA  HA2  sing N N 124 
GLY CA  HA3  sing N N 125 
GLY C   O    doub N N 126 
GLY C   OXT  sing N N 127 
GLY OXT HXT  sing N N 128 
HIS N   CA   sing N N 129 
HIS N   H    sing N N 130 
HIS N   H2   sing N N 131 
HIS CA  C    sing N N 132 
HIS CA  CB   sing N N 133 
HIS CA  HA   sing N N 134 
HIS C   O    doub N N 135 
HIS C   OXT  sing N N 136 
HIS CB  CG   sing N N 137 
HIS CB  HB2  sing N N 138 
HIS CB  HB3  sing N N 139 
HIS CG  ND1  sing Y N 140 
HIS CG  CD2  doub Y N 141 
HIS ND1 CE1  doub Y N 142 
HIS ND1 HD1  sing N N 143 
HIS CD2 NE2  sing Y N 144 
HIS CD2 HD2  sing N N 145 
HIS CE1 NE2  sing Y N 146 
HIS CE1 HE1  sing N N 147 
HIS NE2 HE2  sing N N 148 
HIS OXT HXT  sing N N 149 
HOH O   H1   sing N N 150 
HOH O   H2   sing N N 151 
ILE N   CA   sing N N 152 
ILE N   H    sing N N 153 
ILE N   H2   sing N N 154 
ILE CA  C    sing N N 155 
ILE CA  CB   sing N N 156 
ILE CA  HA   sing N N 157 
ILE C   O    doub N N 158 
ILE C   OXT  sing N N 159 
ILE CB  CG1  sing N N 160 
ILE CB  CG2  sing N N 161 
ILE CB  HB   sing N N 162 
ILE CG1 CD1  sing N N 163 
ILE CG1 HG12 sing N N 164 
ILE CG1 HG13 sing N N 165 
ILE CG2 HG21 sing N N 166 
ILE CG2 HG22 sing N N 167 
ILE CG2 HG23 sing N N 168 
ILE CD1 HD11 sing N N 169 
ILE CD1 HD12 sing N N 170 
ILE CD1 HD13 sing N N 171 
ILE OXT HXT  sing N N 172 
LEU N   CA   sing N N 173 
LEU N   H    sing N N 174 
LEU N   H2   sing N N 175 
LEU CA  C    sing N N 176 
LEU CA  CB   sing N N 177 
LEU CA  HA   sing N N 178 
LEU C   O    doub N N 179 
LEU C   OXT  sing N N 180 
LEU CB  CG   sing N N 181 
LEU CB  HB2  sing N N 182 
LEU CB  HB3  sing N N 183 
LEU CG  CD1  sing N N 184 
LEU CG  CD2  sing N N 185 
LEU CG  HG   sing N N 186 
LEU CD1 HD11 sing N N 187 
LEU CD1 HD12 sing N N 188 
LEU CD1 HD13 sing N N 189 
LEU CD2 HD21 sing N N 190 
LEU CD2 HD22 sing N N 191 
LEU CD2 HD23 sing N N 192 
LEU OXT HXT  sing N N 193 
LYS N   CA   sing N N 194 
LYS N   H    sing N N 195 
LYS N   H2   sing N N 196 
LYS CA  C    sing N N 197 
LYS CA  CB   sing N N 198 
LYS CA  HA   sing N N 199 
LYS C   O    doub N N 200 
LYS C   OXT  sing N N 201 
LYS CB  CG   sing N N 202 
LYS CB  HB2  sing N N 203 
LYS CB  HB3  sing N N 204 
LYS CG  CD   sing N N 205 
LYS CG  HG2  sing N N 206 
LYS CG  HG3  sing N N 207 
LYS CD  CE   sing N N 208 
LYS CD  HD2  sing N N 209 
LYS CD  HD3  sing N N 210 
LYS CE  NZ   sing N N 211 
LYS CE  HE2  sing N N 212 
LYS CE  HE3  sing N N 213 
LYS NZ  HZ1  sing N N 214 
LYS NZ  HZ2  sing N N 215 
LYS NZ  HZ3  sing N N 216 
LYS OXT HXT  sing N N 217 
MET N   CA   sing N N 218 
MET N   H    sing N N 219 
MET N   H2   sing N N 220 
MET CA  C    sing N N 221 
MET CA  CB   sing N N 222 
MET CA  HA   sing N N 223 
MET C   O    doub N N 224 
MET C   OXT  sing N N 225 
MET CB  CG   sing N N 226 
MET CB  HB2  sing N N 227 
MET CB  HB3  sing N N 228 
MET CG  SD   sing N N 229 
MET CG  HG2  sing N N 230 
MET CG  HG3  sing N N 231 
MET SD  CE   sing N N 232 
MET CE  HE1  sing N N 233 
MET CE  HE2  sing N N 234 
MET CE  HE3  sing N N 235 
MET OXT HXT  sing N N 236 
MTX N1  C2   doub Y N 237 
MTX N1  C8A  sing Y N 238 
MTX C2  NA2  sing N N 239 
MTX C2  N3   sing Y N 240 
MTX NA2 HN21 sing N N 241 
MTX NA2 HN22 sing N N 242 
MTX N3  C4   doub Y N 243 
MTX C4  NA4  sing N N 244 
MTX C4  C4A  sing Y N 245 
MTX NA4 HN41 sing N N 246 
MTX NA4 HN42 sing N N 247 
MTX C4A N5   sing Y N 248 
MTX C4A C8A  doub Y N 249 
MTX N5  C6   doub Y N 250 
MTX C6  C7   sing Y N 251 
MTX C6  C9   sing N N 252 
MTX C7  N8   doub Y N 253 
MTX C7  H7   sing N N 254 
MTX N8  C8A  sing Y N 255 
MTX C9  N10  sing N N 256 
MTX C9  H91  sing N N 257 
MTX C9  H92  sing N N 258 
MTX N10 CM   sing N N 259 
MTX N10 C14  sing N N 260 
MTX CM  HM1  sing N N 261 
MTX CM  HM2  sing N N 262 
MTX CM  HM3  sing N N 263 
MTX C11 C12  doub Y N 264 
MTX C11 C16  sing Y N 265 
MTX C11 C    sing N N 266 
MTX C12 C13  sing Y N 267 
MTX C12 H12  sing N N 268 
MTX C13 C14  doub Y N 269 
MTX C13 H13  sing N N 270 
MTX C14 C15  sing Y N 271 
MTX C15 C16  doub Y N 272 
MTX C15 H15  sing N N 273 
MTX C16 H16  sing N N 274 
MTX C   O    doub N N 275 
MTX C   N    sing N N 276 
MTX N   CA   sing N N 277 
MTX N   HN   sing N N 278 
MTX CA  CT   sing N N 279 
MTX CA  CB   sing N N 280 
MTX CA  HA   sing N N 281 
MTX CT  O1   doub N N 282 
MTX CT  O2   sing N N 283 
MTX O2  HO2  sing N N 284 
MTX CB  CG   sing N N 285 
MTX CB  HB1  sing N N 286 
MTX CB  HB2  sing N N 287 
MTX CG  CD   sing N N 288 
MTX CG  HG1  sing N N 289 
MTX CG  HG2  sing N N 290 
MTX CD  OE1  doub N N 291 
MTX CD  OE2  sing N N 292 
MTX OE2 HOE2 sing N N 293 
NDP PA  O1A  doub N N 294 
NDP PA  O2A  sing N N 295 
NDP PA  O5B  sing N N 296 
NDP PA  O3   sing N N 297 
NDP O2A HOA2 sing N N 298 
NDP O5B C5B  sing N N 299 
NDP C5B C4B  sing N N 300 
NDP C5B H51A sing N N 301 
NDP C5B H52A sing N N 302 
NDP C4B O4B  sing N N 303 
NDP C4B C3B  sing N N 304 
NDP C4B H4B  sing N N 305 
NDP O4B C1B  sing N N 306 
NDP C3B O3B  sing N N 307 
NDP C3B C2B  sing N N 308 
NDP C3B H3B  sing N N 309 
NDP O3B HO3A sing N N 310 
NDP C2B O2B  sing N N 311 
NDP C2B C1B  sing N N 312 
NDP C2B H2B  sing N N 313 
NDP O2B P2B  sing N N 314 
NDP C1B N9A  sing N N 315 
NDP C1B H1B  sing N N 316 
NDP N9A C8A  sing Y N 317 
NDP N9A C4A  sing Y N 318 
NDP C8A N7A  doub Y N 319 
NDP C8A H8A  sing N N 320 
NDP N7A C5A  sing Y N 321 
NDP C5A C6A  sing Y N 322 
NDP C5A C4A  doub Y N 323 
NDP C6A N6A  sing N N 324 
NDP C6A N1A  doub Y N 325 
NDP N6A H61A sing N N 326 
NDP N6A H62A sing N N 327 
NDP N1A C2A  sing Y N 328 
NDP C2A N3A  doub Y N 329 
NDP C2A H2A  sing N N 330 
NDP N3A C4A  sing Y N 331 
NDP O3  PN   sing N N 332 
NDP PN  O1N  doub N N 333 
NDP PN  O2N  sing N N 334 
NDP PN  O5D  sing N N 335 
NDP O2N H21N sing N N 336 
NDP O5D C5D  sing N N 337 
NDP C5D C4D  sing N N 338 
NDP C5D H51N sing N N 339 
NDP C5D H52N sing N N 340 
NDP C4D O4D  sing N N 341 
NDP C4D C3D  sing N N 342 
NDP C4D H4D  sing N N 343 
NDP O4D C1D  sing N N 344 
NDP C3D O3D  sing N N 345 
NDP C3D C2D  sing N N 346 
NDP C3D H3D  sing N N 347 
NDP O3D HO3N sing N N 348 
NDP C2D O2D  sing N N 349 
NDP C2D C1D  sing N N 350 
NDP C2D H2D  sing N N 351 
NDP O2D HO2N sing N N 352 
NDP C1D N1N  sing N N 353 
NDP C1D H1D  sing N N 354 
NDP N1N C2N  sing N N 355 
NDP N1N C6N  sing N N 356 
NDP C2N C3N  doub N N 357 
NDP C2N H2N  sing N N 358 
NDP C3N C7N  sing N N 359 
NDP C3N C4N  sing N N 360 
NDP C7N O7N  doub N N 361 
NDP C7N N7N  sing N N 362 
NDP N7N H71N sing N N 363 
NDP N7N H72N sing N N 364 
NDP C4N C5N  sing N N 365 
NDP C4N H41N sing N N 366 
NDP C4N H42N sing N N 367 
NDP C5N C6N  doub N N 368 
NDP C5N H5N  sing N N 369 
NDP C6N H6N  sing N N 370 
NDP P2B O1X  doub N N 371 
NDP P2B O2X  sing N N 372 
NDP P2B O3X  sing N N 373 
NDP O2X HOP2 sing N N 374 
NDP O3X HOP3 sing N N 375 
PHE N   CA   sing N N 376 
PHE N   H    sing N N 377 
PHE N   H2   sing N N 378 
PHE CA  C    sing N N 379 
PHE CA  CB   sing N N 380 
PHE CA  HA   sing N N 381 
PHE C   O    doub N N 382 
PHE C   OXT  sing N N 383 
PHE CB  CG   sing N N 384 
PHE CB  HB2  sing N N 385 
PHE CB  HB3  sing N N 386 
PHE CG  CD1  doub Y N 387 
PHE CG  CD2  sing Y N 388 
PHE CD1 CE1  sing Y N 389 
PHE CD1 HD1  sing N N 390 
PHE CD2 CE2  doub Y N 391 
PHE CD2 HD2  sing N N 392 
PHE CE1 CZ   doub Y N 393 
PHE CE1 HE1  sing N N 394 
PHE CE2 CZ   sing Y N 395 
PHE CE2 HE2  sing N N 396 
PHE CZ  HZ   sing N N 397 
PHE OXT HXT  sing N N 398 
PRO N   CA   sing N N 399 
PRO N   CD   sing N N 400 
PRO N   H    sing N N 401 
PRO CA  C    sing N N 402 
PRO CA  CB   sing N N 403 
PRO CA  HA   sing N N 404 
PRO C   O    doub N N 405 
PRO C   OXT  sing N N 406 
PRO CB  CG   sing N N 407 
PRO CB  HB2  sing N N 408 
PRO CB  HB3  sing N N 409 
PRO CG  CD   sing N N 410 
PRO CG  HG2  sing N N 411 
PRO CG  HG3  sing N N 412 
PRO CD  HD2  sing N N 413 
PRO CD  HD3  sing N N 414 
PRO OXT HXT  sing N N 415 
SER N   CA   sing N N 416 
SER N   H    sing N N 417 
SER N   H2   sing N N 418 
SER CA  C    sing N N 419 
SER CA  CB   sing N N 420 
SER CA  HA   sing N N 421 
SER C   O    doub N N 422 
SER C   OXT  sing N N 423 
SER CB  OG   sing N N 424 
SER CB  HB2  sing N N 425 
SER CB  HB3  sing N N 426 
SER OG  HG   sing N N 427 
SER OXT HXT  sing N N 428 
THR N   CA   sing N N 429 
THR N   H    sing N N 430 
THR N   H2   sing N N 431 
THR CA  C    sing N N 432 
THR CA  CB   sing N N 433 
THR CA  HA   sing N N 434 
THR C   O    doub N N 435 
THR C   OXT  sing N N 436 
THR CB  OG1  sing N N 437 
THR CB  CG2  sing N N 438 
THR CB  HB   sing N N 439 
THR OG1 HG1  sing N N 440 
THR CG2 HG21 sing N N 441 
THR CG2 HG22 sing N N 442 
THR CG2 HG23 sing N N 443 
THR OXT HXT  sing N N 444 
TRP N   CA   sing N N 445 
TRP N   H    sing N N 446 
TRP N   H2   sing N N 447 
TRP CA  C    sing N N 448 
TRP CA  CB   sing N N 449 
TRP CA  HA   sing N N 450 
TRP C   O    doub N N 451 
TRP C   OXT  sing N N 452 
TRP CB  CG   sing N N 453 
TRP CB  HB2  sing N N 454 
TRP CB  HB3  sing N N 455 
TRP CG  CD1  doub Y N 456 
TRP CG  CD2  sing Y N 457 
TRP CD1 NE1  sing Y N 458 
TRP CD1 HD1  sing N N 459 
TRP CD2 CE2  doub Y N 460 
TRP CD2 CE3  sing Y N 461 
TRP NE1 CE2  sing Y N 462 
TRP NE1 HE1  sing N N 463 
TRP CE2 CZ2  sing Y N 464 
TRP CE3 CZ3  doub Y N 465 
TRP CE3 HE3  sing N N 466 
TRP CZ2 CH2  doub Y N 467 
TRP CZ2 HZ2  sing N N 468 
TRP CZ3 CH2  sing Y N 469 
TRP CZ3 HZ3  sing N N 470 
TRP CH2 HH2  sing N N 471 
TRP OXT HXT  sing N N 472 
TYR N   CA   sing N N 473 
TYR N   H    sing N N 474 
TYR N   H2   sing N N 475 
TYR CA  C    sing N N 476 
TYR CA  CB   sing N N 477 
TYR CA  HA   sing N N 478 
TYR C   O    doub N N 479 
TYR C   OXT  sing N N 480 
TYR CB  CG   sing N N 481 
TYR CB  HB2  sing N N 482 
TYR CB  HB3  sing N N 483 
TYR CG  CD1  doub Y N 484 
TYR CG  CD2  sing Y N 485 
TYR CD1 CE1  sing Y N 486 
TYR CD1 HD1  sing N N 487 
TYR CD2 CE2  doub Y N 488 
TYR CD2 HD2  sing N N 489 
TYR CE1 CZ   doub Y N 490 
TYR CE1 HE1  sing N N 491 
TYR CE2 CZ   sing Y N 492 
TYR CE2 HE2  sing N N 493 
TYR CZ  OH   sing N N 494 
TYR OH  HH   sing N N 495 
TYR OXT HXT  sing N N 496 
VAL N   CA   sing N N 497 
VAL N   H    sing N N 498 
VAL N   H2   sing N N 499 
VAL CA  C    sing N N 500 
VAL CA  CB   sing N N 501 
VAL CA  HA   sing N N 502 
VAL C   O    doub N N 503 
VAL C   OXT  sing N N 504 
VAL CB  CG1  sing N N 505 
VAL CB  CG2  sing N N 506 
VAL CB  HB   sing N N 507 
VAL CG1 HG11 sing N N 508 
VAL CG1 HG12 sing N N 509 
VAL CG1 HG13 sing N N 510 
VAL CG2 HG21 sing N N 511 
VAL CG2 HG22 sing N N 512 
VAL CG2 HG23 sing N N 513 
VAL OXT HXT  sing N N 514 
# 
_atom_sites.entry_id                    1U70 
_atom_sites.fract_transf_matrix[1][1]   -0.02351943 
_atom_sites.fract_transf_matrix[1][2]   0.00599265 
_atom_sites.fract_transf_matrix[1][3]   0.01097843 
_atom_sites.fract_transf_matrix[2][1]   -0.00279289 
_atom_sites.fract_transf_matrix[2][2]   -0.01579068 
_atom_sites.fract_transf_matrix[2][3]   0.00263614 
_atom_sites.fract_transf_matrix[3][1]   -0.00015887 
_atom_sites.fract_transf_matrix[3][2]   0.00425715 
_atom_sites.fract_transf_matrix[3][3]   0.02533229 
_atom_sites.fract_transf_vector[1]      0.169642 
_atom_sites.fract_transf_vector[2]      -0.003004 
_atom_sites.fract_transf_vector[3]      0.266865 
# 
loop_
_atom_type.symbol 
C 
N 
O 
P 
S 
# 
loop_
_atom_site.group_PDB 
_atom_site.id 
_atom_site.type_symbol 
_atom_site.label_atom_id 
_atom_site.label_alt_id 
_atom_site.label_comp_id 
_atom_site.label_asym_id 
_atom_site.label_entity_id 
_atom_site.label_seq_id 
_atom_site.pdbx_PDB_ins_code 
_atom_site.Cartn_x 
_atom_site.Cartn_y 
_atom_site.Cartn_z 
_atom_site.occupancy 
_atom_site.B_iso_or_equiv 
_atom_site.pdbx_formal_charge 
_atom_site.auth_seq_id 
_atom_site.auth_comp_id 
_atom_site.auth_asym_id 
_atom_site.auth_atom_id 
_atom_site.pdbx_PDB_model_num 
ATOM   1    N N   . VAL A 1 1   ? -4.763  0.745   -13.617 1.00 67.53 ? 1   VAL A N   1 
ATOM   2    C CA  . VAL A 1 1   ? -4.160  2.081   -13.882 1.00 67.38 ? 1   VAL A CA  1 
ATOM   3    C C   . VAL A 1 1   ? -5.198  3.182   -13.646 1.00 67.24 ? 1   VAL A C   1 
ATOM   4    O O   . VAL A 1 1   ? -4.888  4.372   -13.732 1.00 67.94 ? 1   VAL A O   1 
ATOM   5    C CB  . VAL A 1 1   ? -3.631  2.166   -15.337 1.00 67.83 ? 1   VAL A CB  1 
ATOM   6    C CG1 . VAL A 1 1   ? -4.777  1.984   -16.317 1.00 69.23 ? 1   VAL A CG1 1 
ATOM   7    C CG2 . VAL A 1 1   ? -2.925  3.490   -15.568 1.00 67.43 ? 1   VAL A CG2 1 
ATOM   8    N N   . ARG A 1 2   ? -6.428  2.769   -13.343 1.00 66.66 ? 2   ARG A N   1 
ATOM   9    C CA  . ARG A 1 2   ? -7.541  3.688   -13.084 1.00 64.48 ? 2   ARG A CA  1 
ATOM   10   C C   . ARG A 1 2   ? -7.985  3.537   -11.618 1.00 59.40 ? 2   ARG A C   1 
ATOM   11   O O   . ARG A 1 2   ? -8.073  4.529   -10.889 1.00 58.10 ? 2   ARG A O   1 
ATOM   12   C CB  . ARG A 1 2   ? -8.696  3.384   -14.051 1.00 70.33 ? 2   ARG A CB  1 
ATOM   13   C CG  . ARG A 1 2   ? -9.871  4.352   -14.013 1.00 77.83 ? 2   ARG A CG  1 
ATOM   14   C CD  . ARG A 1 2   ? -10.824 4.047   -15.168 1.00 84.40 ? 2   ARG A CD  1 
ATOM   15   N NE  . ARG A 1 2   ? -12.004 4.915   -15.193 1.00 90.52 ? 2   ARG A NE  1 
ATOM   16   C CZ  . ARG A 1 2   ? -12.930 4.900   -16.154 1.00 92.98 ? 2   ARG A CZ  1 
ATOM   17   N NH1 . ARG A 1 2   ? -13.970 5.724   -16.092 1.00 93.66 ? 2   ARG A NH1 1 
ATOM   18   N NH2 . ARG A 1 2   ? -12.818 4.067   -17.185 1.00 93.72 ? 2   ARG A NH2 1 
ATOM   19   N N   . PRO A 1 3   ? -8.290  2.295   -11.176 1.00 54.39 ? 3   PRO A N   1 
ATOM   20   C CA  . PRO A 1 3   ? -8.706  2.078   -9.781  1.00 48.70 ? 3   PRO A CA  1 
ATOM   21   C C   . PRO A 1 3   ? -7.466  2.197   -8.888  1.00 44.42 ? 3   PRO A C   1 
ATOM   22   O O   . PRO A 1 3   ? -6.354  1.869   -9.317  1.00 43.26 ? 3   PRO A O   1 
ATOM   23   C CB  . PRO A 1 3   ? -9.243  0.642   -9.792  1.00 47.72 ? 3   PRO A CB  1 
ATOM   24   C CG  . PRO A 1 3   ? -9.673  0.440   -11.203 1.00 48.45 ? 3   PRO A CG  1 
ATOM   25   C CD  . PRO A 1 3   ? -8.559  1.087   -11.980 1.00 50.95 ? 3   PRO A CD  1 
ATOM   26   N N   . LEU A 1 4   ? -7.644  2.663   -7.657  1.00 39.48 ? 4   LEU A N   1 
ATOM   27   C CA  . LEU A 1 4   ? -6.508  2.793   -6.744  1.00 34.29 ? 4   LEU A CA  1 
ATOM   28   C C   . LEU A 1 4   ? -6.609  1.744   -5.651  1.00 30.64 ? 4   LEU A C   1 
ATOM   29   O O   . LEU A 1 4   ? -7.683  1.509   -5.111  1.00 28.30 ? 4   LEU A O   1 
ATOM   30   C CB  . LEU A 1 4   ? -6.467  4.191   -6.129  1.00 34.97 ? 4   LEU A CB  1 
ATOM   31   C CG  . LEU A 1 4   ? -5.236  5.053   -6.427  1.00 33.77 ? 4   LEU A CG  1 
ATOM   32   C CD1 . LEU A 1 4   ? -4.956  5.097   -7.926  1.00 34.68 ? 4   LEU A CD1 1 
ATOM   33   C CD2 . LEU A 1 4   ? -5.482  6.447   -5.891  1.00 32.78 ? 4   LEU A CD2 1 
ATOM   34   N N   . ASN A 1 5   ? -5.487  1.107   -5.339  1.00 27.60 ? 5   ASN A N   1 
ATOM   35   C CA  . ASN A 1 5   ? -5.461  0.067   -4.325  1.00 25.27 ? 5   ASN A CA  1 
ATOM   36   C C   . ASN A 1 5   ? -4.550  0.434   -3.167  1.00 25.70 ? 5   ASN A C   1 
ATOM   37   O O   . ASN A 1 5   ? -3.347  0.601   -3.357  1.00 28.02 ? 5   ASN A O   1 
ATOM   38   C CB  . ASN A 1 5   ? -4.953  -1.247  -4.927  1.00 23.32 ? 5   ASN A CB  1 
ATOM   39   C CG  . ASN A 1 5   ? -5.686  -1.641  -6.191  1.00 23.56 ? 5   ASN A CG  1 
ATOM   40   O OD1 . ASN A 1 5   ? -6.835  -2.077  -6.151  1.00 24.81 ? 5   ASN A OD1 1 
ATOM   41   N ND2 . ASN A 1 5   ? -5.019  -1.489  -7.327  1.00 25.10 ? 5   ASN A ND2 1 
ATOM   42   N N   . CYS A 1 6   ? -5.117  0.565   -1.970  1.00 23.41 ? 6   CYS A N   1 
ATOM   43   C CA  . CYS A 1 6   ? -4.310  0.849   -0.788  1.00 22.06 ? 6   CYS A CA  1 
ATOM   44   C C   . CYS A 1 6   ? -4.057  -0.492  -0.146  1.00 18.76 ? 6   CYS A C   1 
ATOM   45   O O   . CYS A 1 6   ? -4.927  -1.357  -0.145  1.00 17.61 ? 6   CYS A O   1 
ATOM   46   C CB  . CYS A 1 6   ? -5.048  1.725   0.235   1.00 22.23 ? 6   CYS A CB  1 
ATOM   47   S SG  . CYS A 1 6   ? -5.202  3.447   -0.196  1.00 26.66 ? 6   CYS A SG  1 
ATOM   48   N N   . ILE A 1 7   ? -2.863  -0.674  0.384   1.00 16.61 ? 7   ILE A N   1 
ATOM   49   C CA  . ILE A 1 7   ? -2.547  -1.906  1.063   1.00 16.89 ? 7   ILE A CA  1 
ATOM   50   C C   . ILE A 1 7   ? -1.910  -1.501  2.392   1.00 19.21 ? 7   ILE A C   1 
ATOM   51   O O   . ILE A 1 7   ? -0.949  -0.731  2.440   1.00 18.12 ? 7   ILE A O   1 
ATOM   52   C CB  . ILE A 1 7   ? -1.613  -2.829  0.209   1.00 16.54 ? 7   ILE A CB  1 
ATOM   53   C CG1 . ILE A 1 7   ? -1.333  -4.127  0.979   1.00 16.73 ? 7   ILE A CG1 1 
ATOM   54   C CG2 . ILE A 1 7   ? -0.331  -2.104  -0.167  1.00 16.08 ? 7   ILE A CG2 1 
ATOM   55   C CD1 . ILE A 1 7   ? -0.734  -5.242  0.154   1.00 14.86 ? 7   ILE A CD1 1 
ATOM   56   N N   . VAL A 1 8   ? -2.492  -1.997  3.477   1.00 20.00 ? 8   VAL A N   1 
ATOM   57   C CA  . VAL A 1 8   ? -2.014  -1.682  4.803   1.00 19.30 ? 8   VAL A CA  1 
ATOM   58   C C   . VAL A 1 8   ? -2.194  -2.890  5.716   1.00 19.91 ? 8   VAL A C   1 
ATOM   59   O O   . VAL A 1 8   ? -2.945  -3.820  5.417   1.00 19.30 ? 8   VAL A O   1 
ATOM   60   C CB  . VAL A 1 8   ? -2.813  -0.483  5.387   1.00 21.66 ? 8   VAL A CB  1 
ATOM   61   C CG1 . VAL A 1 8   ? -4.276  -0.871  5.554   1.00 20.73 ? 8   VAL A CG1 1 
ATOM   62   C CG2 . VAL A 1 8   ? -2.223  -0.034  6.726   1.00 20.37 ? 8   VAL A CG2 1 
ATOM   63   N N   . ALA A 1 9   ? -1.457  -2.870  6.815   1.00 19.66 ? 9   ALA A N   1 
ATOM   64   C CA  . ALA A 1 9   ? -1.530  -3.896  7.841   1.00 19.97 ? 9   ALA A CA  1 
ATOM   65   C C   . ALA A 1 9   ? -1.819  -3.062  9.082   1.00 19.96 ? 9   ALA A C   1 
ATOM   66   O O   . ALA A 1 9   ? -1.091  -2.113  9.381   1.00 19.27 ? 9   ALA A O   1 
ATOM   67   C CB  . ALA A 1 9   ? -0.199  -4.614  7.977   1.00 20.24 ? 9   ALA A CB  1 
ATOM   68   N N   . VAL A 1 10  ? -2.896  -3.377  9.784   1.00 19.59 ? 10  VAL A N   1 
ATOM   69   C CA  . VAL A 1 10  ? -3.240  -2.605  10.972  1.00 22.52 ? 10  VAL A CA  1 
ATOM   70   C C   . VAL A 1 10  ? -3.571  -3.514  12.150  1.00 23.07 ? 10  VAL A C   1 
ATOM   71   O O   . VAL A 1 10  ? -4.056  -4.626  11.953  1.00 23.02 ? 10  VAL A O   1 
ATOM   72   C CB  . VAL A 1 10  ? -4.452  -1.679  10.693  1.00 23.96 ? 10  VAL A CB  1 
ATOM   73   C CG1 . VAL A 1 10  ? -4.118  -0.705  9.581   1.00 23.62 ? 10  VAL A CG1 1 
ATOM   74   C CG2 . VAL A 1 10  ? -5.667  -2.511  10.305  1.00 27.21 ? 10  VAL A CG2 1 
ATOM   75   N N   . SER A 1 11  ? -3.297  -3.049  13.367  1.00 23.01 ? 11  SER A N   1 
ATOM   76   C CA  . SER A 1 11  ? -3.603  -3.829  14.555  1.00 26.19 ? 11  SER A CA  1 
ATOM   77   C C   . SER A 1 11  ? -5.071  -3.601  14.941  1.00 30.39 ? 11  SER A C   1 
ATOM   78   O O   . SER A 1 11  ? -5.784  -2.828  14.285  1.00 28.09 ? 11  SER A O   1 
ATOM   79   C CB  . SER A 1 11  ? -2.681  -3.422  15.710  1.00 26.73 ? 11  SER A CB  1 
ATOM   80   O OG  . SER A 1 11  ? -2.873  -2.063  16.072  1.00 30.17 ? 11  SER A OG  1 
ATOM   81   N N   . GLN A 1 12  ? -5.520  -4.290  15.989  1.00 35.05 ? 12  GLN A N   1 
ATOM   82   C CA  . GLN A 1 12  ? -6.893  -4.160  16.477  1.00 38.15 ? 12  GLN A CA  1 
ATOM   83   C C   . GLN A 1 12  ? -7.200  -2.707  16.774  1.00 38.84 ? 12  GLN A C   1 
ATOM   84   O O   . GLN A 1 12  ? -8.189  -2.164  16.291  1.00 39.82 ? 12  GLN A O   1 
ATOM   85   C CB  . GLN A 1 12  ? -7.098  -4.974  17.754  1.00 40.89 ? 12  GLN A CB  1 
ATOM   86   C CG  . GLN A 1 12  ? -7.498  -6.413  17.526  1.00 44.10 ? 12  GLN A CG  1 
ATOM   87   C CD  . GLN A 1 12  ? -7.635  -7.179  18.826  1.00 47.30 ? 12  GLN A CD  1 
ATOM   88   O OE1 . GLN A 1 12  ? -7.934  -8.374  18.824  1.00 47.97 ? 12  GLN A OE1 1 
ATOM   89   N NE2 . GLN A 1 12  ? -7.410  -6.496  19.948  1.00 49.13 ? 12  GLN A NE2 1 
ATOM   90   N N   . ASN A 1 13  ? -6.352  -2.084  17.585  1.00 41.02 ? 13  ASN A N   1 
ATOM   91   C CA  . ASN A 1 13  ? -6.537  -0.679  17.917  1.00 43.65 ? 13  ASN A CA  1 
ATOM   92   C C   . ASN A 1 13  ? -6.116  0.202   16.729  1.00 45.74 ? 13  ASN A C   1 
ATOM   93   O O   . ASN A 1 13  ? -5.444  1.224   16.900  1.00 46.65 ? 13  ASN A O   1 
ATOM   94   C CB  . ASN A 1 13  ? -5.741  -0.313  19.178  1.00 42.11 ? 13  ASN A CB  1 
ATOM   95   C CG  . ASN A 1 13  ? -4.248  -0.488  19.007  1.00 42.02 ? 13  ASN A CG  1 
ATOM   96   O OD1 . ASN A 1 13  ? -3.757  -1.600  18.839  1.00 43.89 ? 13  ASN A OD1 1 
ATOM   97   N ND2 . ASN A 1 13  ? -3.516  0.618   19.054  1.00 43.18 ? 13  ASN A ND2 1 
ATOM   98   N N   . MET A 1 14  ? -6.513  -0.230  15.531  1.00 46.09 ? 14  MET A N   1 
ATOM   99   C CA  . MET A 1 14  ? -6.244  0.465   14.273  1.00 47.87 ? 14  MET A CA  1 
ATOM   100  C C   . MET A 1 14  ? -4.859  1.126   14.166  1.00 48.05 ? 14  MET A C   1 
ATOM   101  O O   . MET A 1 14  ? -4.713  2.167   13.528  1.00 47.53 ? 14  MET A O   1 
ATOM   102  C CB  . MET A 1 14  ? -7.341  1.511   14.048  1.00 47.48 ? 14  MET A CB  1 
ATOM   103  C CG  . MET A 1 14  ? -7.711  1.757   12.591  1.00 52.24 ? 14  MET A CG  1 
ATOM   104  S SD  . MET A 1 14  ? -8.478  0.334   11.747  1.00 53.74 ? 14  MET A SD  1 
ATOM   105  C CE  . MET A 1 14  ? -10.253 0.703   11.952  1.00 54.39 ? 14  MET A CE  1 
ATOM   106  N N   . GLY A 1 15  ? -3.841  0.517   14.764  1.00 49.35 ? 15  GLY A N   1 
ATOM   107  C CA  . GLY A 1 15  ? -2.513  1.108   14.718  1.00 51.92 ? 15  GLY A CA  1 
ATOM   108  C C   . GLY A 1 15  ? -1.545  0.528   13.702  1.00 53.95 ? 15  GLY A C   1 
ATOM   109  O O   . GLY A 1 15  ? -1.559  -0.668  13.425  1.00 54.54 ? 15  GLY A O   1 
ATOM   110  N N   . ILE A 1 16  ? -0.692  1.389   13.151  1.00 56.30 ? 16  ILE A N   1 
ATOM   111  C CA  . ILE A 1 16  ? 0.313   0.992   12.162  1.00 58.30 ? 16  ILE A CA  1 
ATOM   112  C C   . ILE A 1 16  ? 1.639   1.660   12.533  1.00 59.64 ? 16  ILE A C   1 
ATOM   113  O O   . ILE A 1 16  ? 1.647   2.794   13.002  1.00 62.13 ? 16  ILE A O   1 
ATOM   114  C CB  . ILE A 1 16  ? -0.091  1.440   10.724  1.00 57.64 ? 16  ILE A CB  1 
ATOM   115  C CG1 . ILE A 1 16  ? -0.049  2.968   10.597  1.00 55.98 ? 16  ILE A CG1 1 
ATOM   116  C CG2 . ILE A 1 16  ? -1.496  0.960   10.409  1.00 57.77 ? 16  ILE A CG2 1 
ATOM   117  C CD1 . ILE A 1 16  ? -0.378  3.485   9.205   1.00 55.69 ? 16  ILE A CD1 1 
ATOM   118  N N   . GLY A 1 17  ? 2.751   0.960   12.337  1.00 60.05 ? 17  GLY A N   1 
ATOM   119  C CA  . GLY A 1 17  ? 4.047   1.536   12.665  1.00 60.43 ? 17  GLY A CA  1 
ATOM   120  C C   . GLY A 1 17  ? 4.196   2.110   14.070  1.00 60.54 ? 17  GLY A C   1 
ATOM   121  O O   . GLY A 1 17  ? 3.233   2.582   14.679  1.00 59.80 ? 17  GLY A O   1 
ATOM   122  N N   . LYS A 1 18  ? 5.420   2.074   14.591  1.00 61.20 ? 18  LYS A N   1 
ATOM   123  C CA  . LYS A 1 18  ? 5.712   2.592   15.926  1.00 61.01 ? 18  LYS A CA  1 
ATOM   124  C C   . LYS A 1 18  ? 7.202   2.882   16.102  1.00 61.91 ? 18  LYS A C   1 
ATOM   125  O O   . LYS A 1 18  ? 7.980   1.981   16.417  1.00 62.98 ? 18  LYS A O   1 
ATOM   126  C CB  . LYS A 1 18  ? 5.246   1.594   16.991  1.00 59.04 ? 18  LYS A CB  1 
ATOM   127  C CG  . LYS A 1 18  ? 5.678   1.921   18.415  1.00 57.05 ? 18  LYS A CG  1 
ATOM   128  C CD  . LYS A 1 18  ? 5.057   3.202   18.935  1.00 55.96 ? 18  LYS A CD  1 
ATOM   129  C CE  . LYS A 1 18  ? 5.613   3.556   20.315  1.00 56.85 ? 18  LYS A CE  1 
ATOM   130  N NZ  . LYS A 1 18  ? 5.156   4.886   20.815  1.00 55.14 ? 18  LYS A NZ  1 
ATOM   131  N N   . ASN A 1 19  ? 7.584   4.142   15.885  1.00 62.69 ? 19  ASN A N   1 
ATOM   132  C CA  . ASN A 1 19  ? 8.968   4.609   16.027  1.00 63.22 ? 19  ASN A CA  1 
ATOM   133  C C   . ASN A 1 19  ? 9.946   4.196   14.920  1.00 63.45 ? 19  ASN A C   1 
ATOM   134  O O   . ASN A 1 19  ? 11.114  3.922   15.195  1.00 64.40 ? 19  ASN A O   1 
ATOM   135  C CB  . ASN A 1 19  ? 9.541   4.185   17.395  1.00 64.22 ? 19  ASN A CB  1 
ATOM   136  C CG  . ASN A 1 19  ? 8.999   5.022   18.554  1.00 65.10 ? 19  ASN A CG  1 
ATOM   137  O OD1 . ASN A 1 19  ? 9.004   6.249   18.494  1.00 67.25 ? 19  ASN A OD1 1 
ATOM   138  N ND2 . ASN A 1 19  ? 8.544   4.360   19.615  1.00 64.31 ? 19  ASN A ND2 1 
ATOM   139  N N   . GLY A 1 20  ? 9.431   4.076   13.652  1.00 63.31 ? 20  GLY A N   1 
ATOM   140  C CA  . GLY A 1 20  ? 10.399  3.789   12.583  1.00 62.93 ? 20  GLY A CA  1 
ATOM   141  C C   . GLY A 1 20  ? 10.055  2.464   11.891  1.00 62.49 ? 20  GLY A C   1 
ATOM   142  O O   . GLY A 1 20  ? 10.298  2.282   10.691  1.00 61.30 ? 20  GLY A O   1 
ATOM   143  N N   . ASP A 1 21  ? 9.501   1.554   12.672  1.00 62.03 ? 21  ASP A N   1 
ATOM   144  C CA  . ASP A 1 21  ? 9.102   0.223   12.179  1.00 61.06 ? 21  ASP A CA  1 
ATOM   145  C C   . ASP A 1 21  ? 7.674   -0.073  12.641  1.00 58.32 ? 21  ASP A C   1 
ATOM   146  O O   . ASP A 1 21  ? 6.980   0.797   13.174  1.00 58.04 ? 21  ASP A O   1 
ATOM   147  C CB  . ASP A 1 21  ? 10.068  -0.838  12.710  1.00 63.57 ? 21  ASP A CB  1 
ATOM   148  C CG  . ASP A 1 21  ? 10.116  -2.090  11.835  1.00 67.12 ? 21  ASP A CG  1 
ATOM   149  O OD1 . ASP A 1 21  ? 9.104   -2.394  11.097  1.00 69.10 ? 21  ASP A OD1 1 
ATOM   150  O OD2 . ASP A 1 21  ? 11.163  -2.840  11.838  1.00 68.63 ? 21  ASP A OD2 1 
ATOM   151  N N   . ARG A 1 22  ? 7.246   -1.302  12.436  1.00 54.71 ? 22  ARG A N   1 
ATOM   152  C CA  . ARG A 1 22  ? 5.882   -1.723  12.806  1.00 51.20 ? 22  ARG A CA  1 
ATOM   153  C C   . ARG A 1 22  ? 5.811   -2.048  14.311  1.00 48.46 ? 22  ARG A C   1 
ATOM   154  O O   . ARG A 1 22  ? 6.799   -2.505  14.908  1.00 49.64 ? 22  ARG A O   1 
ATOM   155  C CB  . ARG A 1 22  ? 5.498   -2.926  11.965  1.00 51.34 ? 22  ARG A CB  1 
ATOM   156  C CG  . ARG A 1 22  ? 5.779   -2.690  10.480  1.00 54.24 ? 22  ARG A CG  1 
ATOM   157  C CD  . ARG A 1 22  ? 7.236   -2.272  10.176  1.00 54.47 ? 22  ARG A CD  1 
ATOM   158  N NE  . ARG A 1 22  ? 7.819   -3.154  9.185   1.00 54.92 ? 22  ARG A NE  1 
ATOM   159  C CZ  . ARG A 1 22  ? 8.944   -3.020  8.472   1.00 56.17 ? 22  ARG A CZ  1 
ATOM   160  N NH1 . ARG A 1 22  ? 9.736   -1.952  8.533   1.00 53.80 ? 22  ARG A NH1 1 
ATOM   161  N NH2 . ARG A 1 22  ? 9.380   -4.011  7.678   1.00 57.78 ? 22  ARG A NH2 1 
ATOM   162  N N   . PRO A 1 23  ? 4.648   -1.831  14.971  1.00 44.53 ? 23  PRO A N   1 
ATOM   163  C CA  . PRO A 1 23  ? 4.494   -2.066  16.412  1.00 42.24 ? 23  PRO A CA  1 
ATOM   164  C C   . PRO A 1 23  ? 4.647   -3.523  16.792  1.00 41.43 ? 23  PRO A C   1 
ATOM   165  O O   . PRO A 1 23  ? 5.193   -3.825  17.898  1.00 41.49 ? 23  PRO A O   1 
ATOM   166  C CB  . PRO A 1 23  ? 3.071   -1.680  16.710  1.00 43.42 ? 23  PRO A CB  1 
ATOM   167  C CG  . PRO A 1 23  ? 2.419   -1.270  15.406  1.00 43.38 ? 23  PRO A CG  1 
ATOM   168  C CD  . PRO A 1 23  ? 3.440   -1.330  14.310  1.00 42.66 ? 23  PRO A CD  1 
ATOM   169  N N   . TRP A 1 24  ? 4.148   -4.386  15.917  1.00 38.65 ? 24  TRP A N   1 
ATOM   170  C CA  . TRP A 1 24  ? 4.164   -5.854  16.122  1.00 34.12 ? 24  TRP A CA  1 
ATOM   171  C C   . TRP A 1 24  ? 5.480   -6.448  15.616  1.00 33.03 ? 24  TRP A C   1 
ATOM   172  O O   . TRP A 1 24  ? 6.216   -5.807  14.859  1.00 32.79 ? 24  TRP A O   1 
ATOM   173  C CB  . TRP A 1 24  ? 3.021   -6.500  15.343  1.00 32.89 ? 24  TRP A CB  1 
ATOM   174  C CG  . TRP A 1 24  ? 2.991   -6.028  13.894  1.00 34.43 ? 24  TRP A CG  1 
ATOM   175  C CD1 . TRP A 1 24  ? 3.725   -6.499  12.880  1.00 33.49 ? 24  TRP A CD1 1 
ATOM   176  C CD2 . TRP A 1 24  ? 2.164   -4.989  13.397  1.00 34.78 ? 24  TRP A CD2 1 
ATOM   177  N NE1 . TRP A 1 24  ? 3.382   -5.732  11.723  1.00 32.99 ? 24  TRP A NE1 1 
ATOM   178  C CE2 . TRP A 1 24  ? 2.471   -4.845  12.050  1.00 33.83 ? 24  TRP A CE2 1 
ATOM   179  C CE3 . TRP A 1 24  ? 1.195   -4.153  13.970  1.00 34.51 ? 24  TRP A CE3 1 
ATOM   180  C CZ2 . TRP A 1 24  ? 1.872   -3.881  11.229  1.00 31.80 ? 24  TRP A CZ2 1 
ATOM   181  C CZ3 . TRP A 1 24  ? 0.591   -3.192  13.133  1.00 32.17 ? 24  TRP A CZ3 1 
ATOM   182  C CH2 . TRP A 1 24  ? 0.917   -3.062  11.826  1.00 32.25 ? 24  TRP A CH2 1 
ATOM   183  N N   . PRO A 1 25  ? 5.869   -7.654  16.051  1.00 32.28 ? 25  PRO A N   1 
ATOM   184  C CA  . PRO A 1 25  ? 7.090   -8.300  15.554  1.00 30.13 ? 25  PRO A CA  1 
ATOM   185  C C   . PRO A 1 25  ? 7.016   -8.643  14.064  1.00 29.06 ? 25  PRO A C   1 
ATOM   186  O O   . PRO A 1 25  ? 5.890   -8.863  13.517  1.00 29.10 ? 25  PRO A O   1 
ATOM   187  C CB  . PRO A 1 25  ? 7.211   -9.530  16.415  1.00 28.67 ? 25  PRO A CB  1 
ATOM   188  C CG  . PRO A 1 25  ? 6.019   -9.558  17.362  1.00 29.13 ? 25  PRO A CG  1 
ATOM   189  C CD  . PRO A 1 25  ? 5.117   -8.409  17.050  1.00 31.10 ? 25  PRO A CD  1 
ATOM   190  N N   . PRO A 1 26  ? 8.162   -8.706  13.326  1.00 27.31 ? 26  PRO A N   1 
ATOM   191  C CA  . PRO A 1 26  ? 8.145   -9.017  11.901  1.00 26.56 ? 26  PRO A CA  1 
ATOM   192  C C   . PRO A 1 26  ? 7.410   -10.306 11.592  1.00 25.68 ? 26  PRO A C   1 
ATOM   193  O O   . PRO A 1 26  ? 7.776   -11.392 12.130  1.00 24.26 ? 26  PRO A O   1 
ATOM   194  C CB  . PRO A 1 26  ? 9.603   -9.009  11.495  1.00 22.43 ? 26  PRO A CB  1 
ATOM   195  C CG  . PRO A 1 26  ? 10.422  -8.606  12.705  1.00 22.52 ? 26  PRO A CG  1 
ATOM   196  C CD  . PRO A 1 26  ? 9.499   -8.454  13.882  1.00 26.59 ? 26  PRO A CD  1 
ATOM   197  N N   . LEU A 1 27  ? 6.403   -10.120 10.740  1.00 25.86 ? 27  LEU A N   1 
ATOM   198  C CA  . LEU A 1 27  ? 5.550   -11.199 10.216  1.00 25.21 ? 27  LEU A CA  1 
ATOM   199  C C   . LEU A 1 27  ? 5.947   -11.456 8.757   1.00 26.90 ? 27  LEU A C   1 
ATOM   200  O O   . LEU A 1 27  ? 5.518   -10.738 7.842   1.00 27.35 ? 27  LEU A O   1 
ATOM   201  C CB  . LEU A 1 27  ? 4.071   -10.787 10.267  1.00 21.83 ? 27  LEU A CB  1 
ATOM   202  C CG  . LEU A 1 27  ? 3.552   -10.483 11.678  1.00 22.50 ? 27  LEU A CG  1 
ATOM   203  C CD1 . LEU A 1 27  ? 2.053   -10.157 11.695  1.00 20.51 ? 27  LEU A CD1 1 
ATOM   204  C CD2 . LEU A 1 27  ? 3.736   -11.648 12.652  1.00 23.19 ? 27  LEU A CD2 1 
ATOM   205  N N   . ARG A 1 28  ? 6.763   -12.481 8.586   1.00 28.40 ? 28  ARG A N   1 
ATOM   206  C CA  . ARG A 1 28  ? 7.333   -12.861 7.278   1.00 28.27 ? 28  ARG A CA  1 
ATOM   207  C C   . ARG A 1 28  ? 6.243   -13.267 6.269   1.00 28.36 ? 28  ARG A C   1 
ATOM   208  O O   . ARG A 1 28  ? 6.317   -12.927 5.081   1.00 29.32 ? 28  ARG A O   1 
ATOM   209  C CB  . ARG A 1 28  ? 8.349   -13.993 7.482   1.00 34.49 ? 28  ARG A CB  1 
ATOM   210  C CG  . ARG A 1 28  ? 9.273   -13.681 8.663   1.00 44.86 ? 28  ARG A CG  1 
ATOM   211  C CD  . ARG A 1 28  ? 10.646  -14.361 8.643   1.00 54.27 ? 28  ARG A CD  1 
ATOM   212  N NE  . ARG A 1 28  ? 10.822  -15.272 9.764   1.00 63.57 ? 28  ARG A NE  1 
ATOM   213  C CZ  . ARG A 1 28  ? 11.961  -15.566 10.408  1.00 67.33 ? 28  ARG A CZ  1 
ATOM   214  N NH1 . ARG A 1 28  ? 13.123  -14.962 10.210  1.00 70.13 ? 28  ARG A NH1 1 
ATOM   215  N NH2 . ARG A 1 28  ? 12.047  -16.646 11.172  1.00 66.20 ? 28  ARG A NH2 1 
ATOM   216  N N   . ASN A 1 29  ? 5.236   -13.982 6.735   1.00 26.57 ? 29  ASN A N   1 
ATOM   217  C CA  . ASN A 1 29  ? 4.151   -14.446 5.848   1.00 24.23 ? 29  ASN A CA  1 
ATOM   218  C C   . ASN A 1 29  ? 3.290   -13.273 5.368   1.00 25.72 ? 29  ASN A C   1 
ATOM   219  O O   . ASN A 1 29  ? 2.646   -13.339 4.313   1.00 27.29 ? 29  ASN A O   1 
ATOM   220  C CB  . ASN A 1 29  ? 3.240   -15.434 6.566   1.00 26.05 ? 29  ASN A CB  1 
ATOM   221  C CG  . ASN A 1 29  ? 3.962   -16.700 7.024   1.00 27.14 ? 29  ASN A CG  1 
ATOM   222  O OD1 . ASN A 1 29  ? 4.969   -17.087 6.434   1.00 27.29 ? 29  ASN A OD1 1 
ATOM   223  N ND2 . ASN A 1 29  ? 3.500   -17.371 8.061   1.00 28.24 ? 29  ASN A ND2 1 
ATOM   224  N N   . GLU A 1 30  ? 3.277   -12.211 6.149   1.00 25.75 ? 30  GLU A N   1 
ATOM   225  C CA  . GLU A 1 30  ? 2.495   -11.014 5.803   1.00 26.88 ? 30  GLU A CA  1 
ATOM   226  C C   . GLU A 1 30  ? 3.251   -10.189 4.759   1.00 25.60 ? 30  GLU A C   1 
ATOM   227  O O   . GLU A 1 30  ? 2.648   -9.616  3.839   1.00 23.79 ? 30  GLU A O   1 
ATOM   228  C CB  . GLU A 1 30  ? 2.250   -10.155 7.042   1.00 29.00 ? 30  GLU A CB  1 
ATOM   229  C CG  . GLU A 1 30  ? 1.004   -9.272  6.917   1.00 24.36 ? 30  GLU A CG  1 
ATOM   230  C CD  . GLU A 1 30  ? 1.191   -8.112  5.939   1.00 26.12 ? 30  GLU A CD  1 
ATOM   231  O OE1 . GLU A 1 30  ? 0.304   -7.883  5.035   1.00 20.69 ? 30  GLU A OE1 1 
ATOM   232  O OE2 . GLU A 1 30  ? 2.240   -7.366  6.022   1.00 29.02 ? 30  GLU A OE2 1 
ATOM   233  N N   . PHE A 1 31  ? 4.600   -10.262 4.771   1.00 25.23 ? 31  PHE A N   1 
ATOM   234  C CA  . PHE A 1 31  ? 5.408   -9.582  3.756   1.00 26.54 ? 31  PHE A CA  1 
ATOM   235  C C   . PHE A 1 31  ? 5.250   -10.289 2.414   1.00 25.97 ? 31  PHE A C   1 
ATOM   236  O O   . PHE A 1 31  ? 5.265   -9.656  1.362   1.00 26.26 ? 31  PHE A O   1 
ATOM   237  C CB  . PHE A 1 31  ? 6.887   -9.565  4.131   1.00 26.79 ? 31  PHE A CB  1 
ATOM   238  C CG  . PHE A 1 31  ? 7.238   -8.510  5.136   1.00 33.75 ? 31  PHE A CG  1 
ATOM   239  C CD1 . PHE A 1 31  ? 6.969   -7.168  4.875   1.00 36.93 ? 31  PHE A CD1 1 
ATOM   240  C CD2 . PHE A 1 31  ? 7.808   -8.855  6.363   1.00 33.11 ? 31  PHE A CD2 1 
ATOM   241  C CE1 . PHE A 1 31  ? 7.262   -6.187  5.826   1.00 37.19 ? 31  PHE A CE1 1 
ATOM   242  C CE2 . PHE A 1 31  ? 8.103   -7.892  7.310   1.00 32.80 ? 31  PHE A CE2 1 
ATOM   243  C CZ  . PHE A 1 31  ? 7.828   -6.555  7.045   1.00 35.41 ? 31  PHE A CZ  1 
ATOM   244  N N   . LYS A 1 32  ? 5.089   -11.606 2.466   1.00 25.84 ? 32  LYS A N   1 
ATOM   245  C CA  . LYS A 1 32  ? 4.920   -12.405 1.264   1.00 25.09 ? 32  LYS A CA  1 
ATOM   246  C C   . LYS A 1 32  ? 3.620   -12.007 0.584   1.00 21.74 ? 32  LYS A C   1 
ATOM   247  O O   . LYS A 1 32  ? 3.561   -11.829 -0.631  1.00 22.97 ? 32  LYS A O   1 
ATOM   248  C CB  . LYS A 1 32  ? 4.895   -13.896 1.618   1.00 28.00 ? 32  LYS A CB  1 
ATOM   249  C CG  . LYS A 1 32  ? 6.161   -14.408 2.291   1.00 31.08 ? 32  LYS A CG  1 
ATOM   250  C CD  . LYS A 1 32  ? 6.115   -15.920 2.470   1.00 38.44 ? 32  LYS A CD  1 
ATOM   251  C CE  . LYS A 1 32  ? 7.297   -16.446 3.290   1.00 41.90 ? 32  LYS A CE  1 
ATOM   252  N NZ  . LYS A 1 32  ? 7.194   -16.095 4.747   1.00 44.47 ? 32  LYS A NZ  1 
ATOM   253  N N   . TYR A 1 33  ? 2.573   -11.870 1.380   1.00 22.11 ? 33  TYR A N   1 
ATOM   254  C CA  . TYR A 1 33  ? 1.271   -11.477 0.858   1.00 20.81 ? 33  TYR A CA  1 
ATOM   255  C C   . TYR A 1 33  ? 1.363   -10.063 0.265   1.00 20.32 ? 33  TYR A C   1 
ATOM   256  O O   . TYR A 1 33  ? 0.744   -9.765  -0.756  1.00 20.65 ? 33  TYR A O   1 
ATOM   257  C CB  . TYR A 1 33  ? 0.232   -11.532 1.980   1.00 12.96 ? 33  TYR A CB  1 
ATOM   258  C CG  . TYR A 1 33  ? -1.082  -10.945 1.589   1.00 12.31 ? 33  TYR A CG  1 
ATOM   259  C CD1 . TYR A 1 33  ? -1.353  -9.600  1.816   1.00 13.16 ? 33  TYR A CD1 1 
ATOM   260  C CD2 . TYR A 1 33  ? -2.066  -11.728 0.987   1.00 13.32 ? 33  TYR A CD2 1 
ATOM   261  C CE1 . TYR A 1 33  ? -2.577  -9.042  1.461   1.00 12.70 ? 33  TYR A CE1 1 
ATOM   262  C CE2 . TYR A 1 33  ? -3.298  -11.182 0.618   1.00 14.21 ? 33  TYR A CE2 1 
ATOM   263  C CZ  . TYR A 1 33  ? -3.543  -9.833  0.863   1.00 13.59 ? 33  TYR A CZ  1 
ATOM   264  O OH  . TYR A 1 33  ? -4.752  -9.278  0.524   1.00 18.50 ? 33  TYR A OH  1 
ATOM   265  N N   . PHE A 1 34  ? 2.138   -9.202  0.923   1.00 19.35 ? 34  PHE A N   1 
ATOM   266  C CA  . PHE A 1 34  ? 2.360   -7.830  0.471   1.00 18.89 ? 34  PHE A CA  1 
ATOM   267  C C   . PHE A 1 34  ? 3.132   -7.839  -0.861  1.00 19.87 ? 34  PHE A C   1 
ATOM   268  O O   . PHE A 1 34  ? 2.781   -7.128  -1.808  1.00 17.62 ? 34  PHE A O   1 
ATOM   269  C CB  . PHE A 1 34  ? 3.174   -7.073  1.518   1.00 16.35 ? 34  PHE A CB  1 
ATOM   270  C CG  . PHE A 1 34  ? 3.699   -5.752  1.041   1.00 14.84 ? 34  PHE A CG  1 
ATOM   271  C CD1 . PHE A 1 34  ? 2.877   -4.628  1.009   1.00 12.50 ? 34  PHE A CD1 1 
ATOM   272  C CD2 . PHE A 1 34  ? 5.018   -5.630  0.609   1.00 15.11 ? 34  PHE A CD2 1 
ATOM   273  C CE1 . PHE A 1 34  ? 3.363   -3.403  0.555   1.00 9.89  ? 34  PHE A CE1 1 
ATOM   274  C CE2 . PHE A 1 34  ? 5.506   -4.403  0.152   1.00 13.97 ? 34  PHE A CE2 1 
ATOM   275  C CZ  . PHE A 1 34  ? 4.676   -3.292  0.129   1.00 9.92  ? 34  PHE A CZ  1 
ATOM   276  N N   . GLN A 1 35  ? 4.191   -8.645  -0.907  1.00 19.42 ? 35  GLN A N   1 
ATOM   277  C CA  . GLN A 1 35  ? 5.022   -8.787  -2.090  1.00 19.60 ? 35  GLN A CA  1 
ATOM   278  C C   . GLN A 1 35  ? 4.221   -9.301  -3.274  1.00 18.81 ? 35  GLN A C   1 
ATOM   279  O O   . GLN A 1 35  ? 4.218   -8.695  -4.338  1.00 17.44 ? 35  GLN A O   1 
ATOM   280  C CB  . GLN A 1 35  ? 6.154   -9.761  -1.811  1.00 22.77 ? 35  GLN A CB  1 
ATOM   281  C CG  . GLN A 1 35  ? 7.070   -9.982  -3.003  1.00 31.74 ? 35  GLN A CG  1 
ATOM   282  C CD  . GLN A 1 35  ? 8.253   -10.886 -2.684  1.00 33.44 ? 35  GLN A CD  1 
ATOM   283  O OE1 . GLN A 1 35  ? 9.373   -10.633 -3.128  1.00 36.58 ? 35  GLN A OE1 1 
ATOM   284  N NE2 . GLN A 1 35  ? 8.006   -11.950 -1.921  1.00 34.41 ? 35  GLN A NE2 1 
ATOM   285  N N   . ARG A 1 36  ? 3.542   -10.424 -3.073  1.00 19.02 ? 36  ARG A N   1 
ATOM   286  C CA  . ARG A 1 36  ? 2.744   -11.055 -4.120  1.00 19.03 ? 36  ARG A CA  1 
ATOM   287  C C   . ARG A 1 36  ? 1.619   -10.186 -4.628  1.00 20.12 ? 36  ARG A C   1 
ATOM   288  O O   . ARG A 1 36  ? 1.299   -10.191 -5.814  1.00 22.19 ? 36  ARG A O   1 
ATOM   289  C CB  . ARG A 1 36  ? 2.150   -12.375 -3.616  1.00 18.55 ? 36  ARG A CB  1 
ATOM   290  C CG  . ARG A 1 36  ? 1.133   -12.997 -4.569  1.00 19.81 ? 36  ARG A CG  1 
ATOM   291  C CD  . ARG A 1 36  ? 0.706   -14.389 -4.126  1.00 22.35 ? 36  ARG A CD  1 
ATOM   292  N NE  . ARG A 1 36  ? -0.286  -14.369 -3.052  1.00 21.52 ? 36  ARG A NE  1 
ATOM   293  C CZ  . ARG A 1 36  ? -1.593  -14.262 -3.253  1.00 21.27 ? 36  ARG A CZ  1 
ATOM   294  N NH1 . ARG A 1 36  ? -2.061  -14.169 -4.487  1.00 18.93 ? 36  ARG A NH1 1 
ATOM   295  N NH2 . ARG A 1 36  ? -2.428  -14.250 -2.220  1.00 23.90 ? 36  ARG A NH2 1 
ATOM   296  N N   . MET A 1 37  ? 1.008   -9.447  -3.716  1.00 21.52 ? 37  MET A N   1 
ATOM   297  C CA  . MET A 1 37  ? -0.115  -8.584  -4.044  1.00 20.67 ? 37  MET A CA  1 
ATOM   298  C C   . MET A 1 37  ? 0.266   -7.342  -4.868  1.00 19.16 ? 37  MET A C   1 
ATOM   299  O O   . MET A 1 37  ? -0.413  -6.990  -5.820  1.00 20.90 ? 37  MET A O   1 
ATOM   300  C CB  . MET A 1 37  ? -0.797  -8.174  -2.734  1.00 20.84 ? 37  MET A CB  1 
ATOM   301  C CG  . MET A 1 37  ? -2.292  -8.412  -2.684  1.00 23.81 ? 37  MET A CG  1 
ATOM   302  S SD  . MET A 1 37  ? -2.845  -10.008 -3.312  1.00 23.28 ? 37  MET A SD  1 
ATOM   303  C CE  . MET A 1 37  ? -3.775  -9.479  -4.717  1.00 21.60 ? 37  MET A CE  1 
ATOM   304  N N   . THR A 1 38  ? 1.359   -6.683  -4.516  1.00 18.26 ? 38  THR A N   1 
ATOM   305  C CA  . THR A 1 38  ? 1.762   -5.487  -5.237  1.00 16.87 ? 38  THR A CA  1 
ATOM   306  C C   . THR A 1 38  ? 2.630   -5.800  -6.443  1.00 18.03 ? 38  THR A C   1 
ATOM   307  O O   . THR A 1 38  ? 2.782   -4.974  -7.338  1.00 19.17 ? 38  THR A O   1 
ATOM   308  C CB  . THR A 1 38  ? 2.544   -4.530  -4.323  1.00 16.73 ? 38  THR A CB  1 
ATOM   309  O OG1 . THR A 1 38  ? 3.774   -5.146  -3.941  1.00 20.52 ? 38  THR A OG1 1 
ATOM   310  C CG2 . THR A 1 38  ? 1.763   -4.218  -3.078  1.00 13.15 ? 38  THR A CG2 1 
ATOM   311  N N   . THR A 1 39  ? 3.200   -6.998  -6.471  1.00 19.19 ? 39  THR A N   1 
ATOM   312  C CA  . THR A 1 39  ? 4.066   -7.393  -7.576  1.00 20.35 ? 39  THR A CA  1 
ATOM   313  C C   . THR A 1 39  ? 3.348   -8.036  -8.759  1.00 20.81 ? 39  THR A C   1 
ATOM   314  O O   . THR A 1 39  ? 3.759   -7.868  -9.905  1.00 23.71 ? 39  THR A O   1 
ATOM   315  C CB  . THR A 1 39  ? 5.170   -8.384  -7.106  1.00 19.26 ? 39  THR A CB  1 
ATOM   316  O OG1 . THR A 1 39  ? 6.038   -7.738  -6.165  1.00 20.94 ? 39  THR A OG1 1 
ATOM   317  C CG2 . THR A 1 39  ? 5.997   -8.861  -8.287  1.00 19.63 ? 39  THR A CG2 1 
ATOM   318  N N   . THR A 1 40  ? 2.277   -8.768  -8.495  1.00 20.73 ? 40  THR A N   1 
ATOM   319  C CA  . THR A 1 40  ? 1.585   -9.459  -9.573  1.00 21.06 ? 40  THR A CA  1 
ATOM   320  C C   . THR A 1 40  ? 0.663   -8.624  -10.449 1.00 22.84 ? 40  THR A C   1 
ATOM   321  O O   . THR A 1 40  ? -0.408  -8.193  -10.014 1.00 23.08 ? 40  THR A O   1 
ATOM   322  C CB  . THR A 1 40  ? 0.780   -10.636 -9.025  1.00 20.37 ? 40  THR A CB  1 
ATOM   323  O OG1 . THR A 1 40  ? 1.614   -11.415 -8.163  1.00 20.30 ? 40  THR A OG1 1 
ATOM   324  C CG2 . THR A 1 40  ? 0.282   -11.508 -10.165 1.00 19.34 ? 40  THR A CG2 1 
ATOM   325  N N   . SER A 1 41  ? 1.085   -8.407  -11.694 1.00 25.64 ? 41  SER A N   1 
ATOM   326  C CA  . SER A 1 41  ? 0.285   -7.654  -12.650 1.00 27.03 ? 41  SER A CA  1 
ATOM   327  C C   . SER A 1 41  ? -0.568  -8.691  -13.351 1.00 28.00 ? 41  SER A C   1 
ATOM   328  O O   . SER A 1 41  ? -0.217  -9.872  -13.383 1.00 28.60 ? 41  SER A O   1 
ATOM   329  C CB  . SER A 1 41  ? 1.166   -6.940  -13.669 1.00 27.24 ? 41  SER A CB  1 
ATOM   330  O OG  . SER A 1 41  ? 1.657   -7.847  -14.630 1.00 29.87 ? 41  SER A OG  1 
ATOM   331  N N   . SER A 1 42  ? -1.685  -8.249  -13.909 1.00 26.78 ? 42  SER A N   1 
ATOM   332  C CA  . SER A 1 42  ? -2.608  -9.148  -14.577 1.00 27.73 ? 42  SER A CA  1 
ATOM   333  C C   . SER A 1 42  ? -2.293  -9.328  -16.055 1.00 29.02 ? 42  SER A C   1 
ATOM   334  O O   . SER A 1 42  ? -2.855  -10.200 -16.723 1.00 27.69 ? 42  SER A O   1 
ATOM   335  C CB  . SER A 1 42  ? -4.020  -8.610  -14.414 1.00 27.89 ? 42  SER A CB  1 
ATOM   336  O OG  . SER A 1 42  ? -4.050  -7.246  -14.796 1.00 30.48 ? 42  SER A OG  1 
ATOM   337  N N   . VAL A 1 43  ? -1.392  -8.493  -16.562 1.00 29.88 ? 43  VAL A N   1 
ATOM   338  C CA  . VAL A 1 43  ? -0.999  -8.539  -17.957 1.00 28.13 ? 43  VAL A CA  1 
ATOM   339  C C   . VAL A 1 43  ? 0.491   -8.787  -18.066 1.00 31.76 ? 43  VAL A C   1 
ATOM   340  O O   . VAL A 1 43  ? 1.274   -8.296  -17.250 1.00 33.37 ? 43  VAL A O   1 
ATOM   341  C CB  . VAL A 1 43  ? -1.326  -7.210  -18.666 1.00 25.98 ? 43  VAL A CB  1 
ATOM   342  C CG1 . VAL A 1 43  ? -0.692  -7.173  -20.039 1.00 25.10 ? 43  VAL A CG1 1 
ATOM   343  C CG2 . VAL A 1 43  ? -2.819  -7.053  -18.796 1.00 26.16 ? 43  VAL A CG2 1 
ATOM   344  N N   . GLU A 1 44  ? 0.881   -9.559  -19.072 1.00 33.75 ? 44  GLU A N   1 
ATOM   345  C CA  . GLU A 1 44  ? 2.284   -9.838  -19.298 1.00 34.35 ? 44  GLU A CA  1 
ATOM   346  C C   . GLU A 1 44  ? 2.874   -8.578  -19.936 1.00 34.95 ? 44  GLU A C   1 
ATOM   347  O O   . GLU A 1 44  ? 2.230   -7.937  -20.771 1.00 33.63 ? 44  GLU A O   1 
ATOM   348  C CB  . GLU A 1 44  ? 2.431   -11.011 -20.254 1.00 35.51 ? 44  GLU A CB  1 
ATOM   349  C CG  . GLU A 1 44  ? 3.799   -11.628 -20.220 1.00 39.03 ? 44  GLU A CG  1 
ATOM   350  C CD  . GLU A 1 44  ? 3.965   -12.551 -19.041 1.00 40.79 ? 44  GLU A CD  1 
ATOM   351  O OE1 . GLU A 1 44  ? 3.351   -13.643 -19.055 1.00 42.60 ? 44  GLU A OE1 1 
ATOM   352  O OE2 . GLU A 1 44  ? 4.702   -12.181 -18.103 1.00 42.66 ? 44  GLU A OE2 1 
ATOM   353  N N   . GLY A 1 45  ? 4.088   -8.212  -19.539 1.00 35.41 ? 45  GLY A N   1 
ATOM   354  C CA  . GLY A 1 45  ? 4.705   -7.025  -20.109 1.00 36.62 ? 45  GLY A CA  1 
ATOM   355  C C   . GLY A 1 45  ? 4.512   -5.756  -19.295 1.00 36.62 ? 45  GLY A C   1 
ATOM   356  O O   . GLY A 1 45  ? 5.426   -4.937  -19.187 1.00 38.05 ? 45  GLY A O   1 
ATOM   357  N N   . LYS A 1 46  ? 3.322   -5.582  -18.729 1.00 34.48 ? 46  LYS A N   1 
ATOM   358  C CA  . LYS A 1 46  ? 3.043   -4.408  -17.915 1.00 33.83 ? 46  LYS A CA  1 
ATOM   359  C C   . LYS A 1 46  ? 3.336   -4.697  -16.429 1.00 32.92 ? 46  LYS A C   1 
ATOM   360  O O   . LYS A 1 46  ? 3.039   -5.785  -15.936 1.00 33.08 ? 46  LYS A O   1 
ATOM   361  C CB  . LYS A 1 46  ? 1.586   -3.986  -18.111 1.00 32.75 ? 46  LYS A CB  1 
ATOM   362  C CG  . LYS A 1 46  ? 1.200   -3.884  -19.575 1.00 33.60 ? 46  LYS A CG  1 
ATOM   363  C CD  . LYS A 1 46  ? -0.148  -3.226  -19.754 1.00 34.67 ? 46  LYS A CD  1 
ATOM   364  C CE  . LYS A 1 46  ? -0.079  -1.761  -19.379 1.00 37.44 ? 46  LYS A CE  1 
ATOM   365  N NZ  . LYS A 1 46  ? -1.409  -1.088  -19.491 1.00 40.07 ? 46  LYS A NZ  1 
ATOM   366  N N   . GLN A 1 47  ? 3.931   -3.729  -15.731 1.00 30.42 ? 47  GLN A N   1 
ATOM   367  C CA  . GLN A 1 47  ? 4.269   -3.883  -14.316 1.00 28.61 ? 47  GLN A CA  1 
ATOM   368  C C   . GLN A 1 47  ? 3.369   -3.088  -13.379 1.00 26.81 ? 47  GLN A C   1 
ATOM   369  O O   . GLN A 1 47  ? 2.652   -2.185  -13.797 1.00 24.24 ? 47  GLN A O   1 
ATOM   370  C CB  . GLN A 1 47  ? 5.711   -3.451  -14.052 1.00 27.66 ? 47  GLN A CB  1 
ATOM   371  C CG  . GLN A 1 47  ? 6.762   -4.178  -14.859 1.00 32.53 ? 47  GLN A CG  1 
ATOM   372  C CD  . GLN A 1 47  ? 8.169   -3.849  -14.390 1.00 34.62 ? 47  GLN A CD  1 
ATOM   373  O OE1 . GLN A 1 47  ? 8.510   -2.683  -14.200 1.00 34.18 ? 47  GLN A OE1 1 
ATOM   374  N NE2 . GLN A 1 47  ? 8.993   -4.878  -14.203 1.00 35.92 ? 47  GLN A NE2 1 
ATOM   375  N N   . ASN A 1 48  ? 3.422   -3.434  -12.098 1.00 26.73 ? 48  ASN A N   1 
ATOM   376  C CA  . ASN A 1 48  ? 2.639   -2.740  -11.097 1.00 25.78 ? 48  ASN A CA  1 
ATOM   377  C C   . ASN A 1 48  ? 3.395   -1.516  -10.608 1.00 26.61 ? 48  ASN A C   1 
ATOM   378  O O   . ASN A 1 48  ? 4.627   -1.472  -10.633 1.00 26.75 ? 48  ASN A O   1 
ATOM   379  C CB  . ASN A 1 48  ? 2.312   -3.650  -9.911  1.00 25.13 ? 48  ASN A CB  1 
ATOM   380  C CG  . ASN A 1 48  ? 1.155   -4.593  -10.200 1.00 25.16 ? 48  ASN A CG  1 
ATOM   381  O OD1 . ASN A 1 48  ? 0.324   -4.330  -11.068 1.00 23.07 ? 48  ASN A OD1 1 
ATOM   382  N ND2 . ASN A 1 48  ? 1.087   -5.692  -9.456  1.00 29.01 ? 48  ASN A ND2 1 
ATOM   383  N N   . LEU A 1 49  ? 2.631   -0.532  -10.153 1.00 27.57 ? 49  LEU A N   1 
ATOM   384  C CA  . LEU A 1 49  ? 3.151   0.733   -9.665  1.00 25.65 ? 49  LEU A CA  1 
ATOM   385  C C   . LEU A 1 49  ? 2.870   0.865   -8.170  1.00 24.95 ? 49  LEU A C   1 
ATOM   386  O O   . LEU A 1 49  ? 1.756   0.580   -7.724  1.00 22.90 ? 49  LEU A O   1 
ATOM   387  C CB  . LEU A 1 49  ? 2.448   1.858   -10.425 1.00 28.91 ? 49  LEU A CB  1 
ATOM   388  C CG  . LEU A 1 49  ? 2.893   3.318   -10.328 1.00 30.52 ? 49  LEU A CG  1 
ATOM   389  C CD1 . LEU A 1 49  ? 2.789   3.833   -8.896  1.00 29.23 ? 49  LEU A CD1 1 
ATOM   390  C CD2 . LEU A 1 49  ? 4.301   3.416   -10.845 1.00 31.96 ? 49  LEU A CD2 1 
ATOM   391  N N   . VAL A 1 50  ? 3.882   1.278   -7.404  1.00 23.42 ? 50  VAL A N   1 
ATOM   392  C CA  . VAL A 1 50  ? 3.720   1.495   -5.967  1.00 22.23 ? 50  VAL A CA  1 
ATOM   393  C C   . VAL A 1 50  ? 4.131   2.937   -5.646  1.00 22.70 ? 50  VAL A C   1 
ATOM   394  O O   . VAL A 1 50  ? 5.169   3.424   -6.114  1.00 23.83 ? 50  VAL A O   1 
ATOM   395  C CB  . VAL A 1 50  ? 4.570   0.502   -5.081  1.00 21.38 ? 50  VAL A CB  1 
ATOM   396  C CG1 . VAL A 1 50  ? 4.283   -0.944  -5.457  1.00 19.44 ? 50  VAL A CG1 1 
ATOM   397  C CG2 . VAL A 1 50  ? 6.041   0.802   -5.200  1.00 23.21 ? 50  VAL A CG2 1 
ATOM   398  N N   . ILE A 1 51  ? 3.286   3.617   -4.873  1.00 21.37 ? 51  ILE A N   1 
ATOM   399  C CA  . ILE A 1 51  ? 3.513   4.999   -4.443  1.00 19.00 ? 51  ILE A CA  1 
ATOM   400  C C   . ILE A 1 51  ? 3.610   4.976   -2.924  1.00 17.60 ? 51  ILE A C   1 
ATOM   401  O O   . ILE A 1 51  ? 2.816   4.311   -2.263  1.00 16.84 ? 51  ILE A O   1 
ATOM   402  C CB  . ILE A 1 51  ? 2.335   5.906   -4.813  1.00 17.04 ? 51  ILE A CB  1 
ATOM   403  C CG1 . ILE A 1 51  ? 2.043   5.796   -6.302  1.00 16.96 ? 51  ILE A CG1 1 
ATOM   404  C CG2 . ILE A 1 51  ? 2.647   7.350   -4.433  1.00 19.18 ? 51  ILE A CG2 1 
ATOM   405  C CD1 . ILE A 1 51  ? 0.741   6.456   -6.696  1.00 19.72 ? 51  ILE A CD1 1 
ATOM   406  N N   . MET A 1 52  ? 4.568   5.707   -2.367  1.00 18.60 ? 52  MET A N   1 
ATOM   407  C CA  . MET A 1 52  ? 4.751   5.727   -0.919  1.00 19.62 ? 52  MET A CA  1 
ATOM   408  C C   . MET A 1 52  ? 5.365   7.033   -0.424  1.00 19.79 ? 52  MET A C   1 
ATOM   409  O O   . MET A 1 52  ? 6.059   7.734   -1.164  1.00 20.34 ? 52  MET A O   1 
ATOM   410  C CB  . MET A 1 52  ? 5.659   4.565   -0.503  1.00 20.14 ? 52  MET A CB  1 
ATOM   411  C CG  . MET A 1 52  ? 7.095   4.731   -0.983  1.00 20.93 ? 52  MET A CG  1 
ATOM   412  S SD  . MET A 1 52  ? 8.083   3.224   -0.921  1.00 22.47 ? 52  MET A SD  1 
ATOM   413  C CE  . MET A 1 52  ? 7.590   2.420   -2.449  1.00 17.55 ? 52  MET A CE  1 
ATOM   414  N N   . GLY A 1 53  ? 5.107   7.348   0.840   1.00 19.60 ? 53  GLY A N   1 
ATOM   415  C CA  . GLY A 1 53  ? 5.674   8.543   1.425   1.00 17.64 ? 53  GLY A CA  1 
ATOM   416  C C   . GLY A 1 53  ? 7.181   8.358   1.553   1.00 18.60 ? 53  GLY A C   1 
ATOM   417  O O   . GLY A 1 53  ? 7.692   7.243   1.467   1.00 16.78 ? 53  GLY A O   1 
ATOM   418  N N   . ARG A 1 54  ? 7.893   9.456   1.771   1.00 19.73 ? 54  ARG A N   1 
ATOM   419  C CA  . ARG A 1 54  ? 9.335   9.412   1.886   1.00 21.04 ? 54  ARG A CA  1 
ATOM   420  C C   . ARG A 1 54  ? 9.845   8.669   3.120   1.00 22.10 ? 54  ARG A C   1 
ATOM   421  O O   . ARG A 1 54  ? 10.906  8.039   3.072   1.00 24.15 ? 54  ARG A O   1 
ATOM   422  C CB  . ARG A 1 54  ? 9.879   10.838  1.839   1.00 21.56 ? 54  ARG A CB  1 
ATOM   423  C CG  . ARG A 1 54  ? 11.203  11.035  2.543   1.00 23.04 ? 54  ARG A CG  1 
ATOM   424  C CD  . ARG A 1 54  ? 11.026  12.086  3.603   1.00 20.41 ? 54  ARG A CD  1 
ATOM   425  N NE  . ARG A 1 54  ? 12.002  11.951  4.665   1.00 26.30 ? 54  ARG A NE  1 
ATOM   426  C CZ  . ARG A 1 54  ? 11.899  12.552  5.840   1.00 27.08 ? 54  ARG A CZ  1 
ATOM   427  N NH1 . ARG A 1 54  ? 10.856  13.330  6.090   1.00 25.94 ? 54  ARG A NH1 1 
ATOM   428  N NH2 . ARG A 1 54  ? 12.830  12.362  6.768   1.00 32.60 ? 54  ARG A NH2 1 
ATOM   429  N N   . LYS A 1 55  ? 9.116   8.739   4.228   1.00 20.46 ? 55  LYS A N   1 
ATOM   430  C CA  . LYS A 1 55  ? 9.568   8.023   5.413   1.00 21.50 ? 55  LYS A CA  1 
ATOM   431  C C   . LYS A 1 55  ? 9.451   6.534   5.152   1.00 20.68 ? 55  LYS A C   1 
ATOM   432  O O   . LYS A 1 55  ? 10.266  5.751   5.635   1.00 23.28 ? 55  LYS A O   1 
ATOM   433  C CB  . LYS A 1 55  ? 8.742   8.386   6.654   1.00 24.71 ? 55  LYS A CB  1 
ATOM   434  C CG  . LYS A 1 55  ? 9.024   9.764   7.221   1.00 30.75 ? 55  LYS A CG  1 
ATOM   435  C CD  . LYS A 1 55  ? 8.320   9.958   8.559   1.00 36.09 ? 55  LYS A CD  1 
ATOM   436  C CE  . LYS A 1 55  ? 8.268   11.432  8.964   1.00 38.16 ? 55  LYS A CE  1 
ATOM   437  N NZ  . LYS A 1 55  ? 9.624   12.045  9.087   1.00 41.93 ? 55  LYS A NZ  1 
ATOM   438  N N   . THR A 1 56  ? 8.433   6.137   4.394   1.00 20.52 ? 56  THR A N   1 
ATOM   439  C CA  . THR A 1 56  ? 8.245   4.721   4.081   1.00 19.50 ? 56  THR A CA  1 
ATOM   440  C C   . THR A 1 56  ? 9.389   4.237   3.184   1.00 18.54 ? 56  THR A C   1 
ATOM   441  O O   . THR A 1 56  ? 9.947   3.166   3.393   1.00 20.29 ? 56  THR A O   1 
ATOM   442  C CB  . THR A 1 56  ? 6.880   4.487   3.400   1.00 17.60 ? 56  THR A CB  1 
ATOM   443  O OG1 . THR A 1 56  ? 5.846   4.952   4.273   1.00 17.82 ? 56  THR A OG1 1 
ATOM   444  C CG2 . THR A 1 56  ? 6.655   3.006   3.109   1.00 11.89 ? 56  THR A CG2 1 
ATOM   445  N N   . TRP A 1 57  ? 9.752   5.049   2.203   1.00 16.25 ? 57  TRP A N   1 
ATOM   446  C CA  . TRP A 1 57  ? 10.834  4.705   1.306   1.00 16.56 ? 57  TRP A CA  1 
ATOM   447  C C   . TRP A 1 57  ? 12.108  4.293   2.056   1.00 17.60 ? 57  TRP A C   1 
ATOM   448  O O   . TRP A 1 57  ? 12.662  3.216   1.819   1.00 17.44 ? 57  TRP A O   1 
ATOM   449  C CB  . TRP A 1 57  ? 11.136  5.894   0.391   1.00 17.99 ? 57  TRP A CB  1 
ATOM   450  C CG  . TRP A 1 57  ? 12.343  5.680   -0.461  1.00 17.33 ? 57  TRP A CG  1 
ATOM   451  C CD1 . TRP A 1 57  ? 13.588  6.232   -0.292  1.00 16.95 ? 57  TRP A CD1 1 
ATOM   452  C CD2 . TRP A 1 57  ? 12.437  4.808   -1.589  1.00 18.52 ? 57  TRP A CD2 1 
ATOM   453  N NE1 . TRP A 1 57  ? 14.450  5.752   -1.250  1.00 16.24 ? 57  TRP A NE1 1 
ATOM   454  C CE2 . TRP A 1 57  ? 13.770  4.876   -2.058  1.00 17.40 ? 57  TRP A CE2 1 
ATOM   455  C CE3 . TRP A 1 57  ? 11.522  3.969   -2.251  1.00 15.13 ? 57  TRP A CE3 1 
ATOM   456  C CZ2 . TRP A 1 57  ? 14.209  4.136   -3.160  1.00 13.33 ? 57  TRP A CZ2 1 
ATOM   457  C CZ3 . TRP A 1 57  ? 11.954  3.243   -3.334  1.00 8.84  ? 57  TRP A CZ3 1 
ATOM   458  C CH2 . TRP A 1 57  ? 13.288  3.328   -3.782  1.00 13.37 ? 57  TRP A CH2 1 
ATOM   459  N N   . PHE A 1 58  ? 12.575  5.147   2.962   1.00 17.02 ? 58  PHE A N   1 
ATOM   460  C CA  . PHE A 1 58  ? 13.796  4.841   3.692   1.00 16.58 ? 58  PHE A CA  1 
ATOM   461  C C   . PHE A 1 58  ? 13.616  3.812   4.798   1.00 19.92 ? 58  PHE A C   1 
ATOM   462  O O   . PHE A 1 58  ? 14.576  3.445   5.470   1.00 22.21 ? 58  PHE A O   1 
ATOM   463  C CB  . PHE A 1 58  ? 14.411  6.116   4.261   1.00 15.82 ? 58  PHE A CB  1 
ATOM   464  C CG  . PHE A 1 58  ? 14.847  7.104   3.211   1.00 18.92 ? 58  PHE A CG  1 
ATOM   465  C CD1 . PHE A 1 58  ? 14.057  8.209   2.902   1.00 20.71 ? 58  PHE A CD1 1 
ATOM   466  C CD2 . PHE A 1 58  ? 16.054  6.937   2.535   1.00 19.53 ? 58  PHE A CD2 1 
ATOM   467  C CE1 . PHE A 1 58  ? 14.463  9.142   1.927   1.00 22.38 ? 58  PHE A CE1 1 
ATOM   468  C CE2 . PHE A 1 58  ? 16.472  7.854   1.565   1.00 23.10 ? 58  PHE A CE2 1 
ATOM   469  C CZ  . PHE A 1 58  ? 15.673  8.962   1.261   1.00 23.49 ? 58  PHE A CZ  1 
ATOM   470  N N   . SER A 1 59  ? 12.385  3.341   4.987   1.00 24.89 ? 59  SER A N   1 
ATOM   471  C CA  . SER A 1 59  ? 12.113  2.326   6.006   1.00 25.90 ? 59  SER A CA  1 
ATOM   472  C C   . SER A 1 59  ? 12.453  0.960   5.417   1.00 25.61 ? 59  SER A C   1 
ATOM   473  O O   . SER A 1 59  ? 12.866  0.059   6.140   1.00 26.75 ? 59  SER A O   1 
ATOM   474  C CB  . SER A 1 59  ? 10.639  2.344   6.444   1.00 27.02 ? 59  SER A CB  1 
ATOM   475  O OG  . SER A 1 59  ? 10.347  3.472   7.253   1.00 28.83 ? 59  SER A OG  1 
ATOM   476  N N   . ILE A 1 60  ? 12.283  0.814   4.104   1.00 23.67 ? 60  ILE A N   1 
ATOM   477  C CA  . ILE A 1 60  ? 12.584  -0.441  3.427   1.00 22.74 ? 60  ILE A CA  1 
ATOM   478  C C   . ILE A 1 60  ? 14.092  -0.675  3.487   1.00 24.60 ? 60  ILE A C   1 
ATOM   479  O O   . ILE A 1 60  ? 14.881  0.241   3.221   1.00 23.14 ? 60  ILE A O   1 
ATOM   480  C CB  . ILE A 1 60  ? 12.158  -0.389  1.949   1.00 22.67 ? 60  ILE A CB  1 
ATOM   481  C CG1 . ILE A 1 60  ? 10.700  0.049   1.841   1.00 20.33 ? 60  ILE A CG1 1 
ATOM   482  C CG2 . ILE A 1 60  ? 12.361  -1.753  1.292   1.00 20.42 ? 60  ILE A CG2 1 
ATOM   483  C CD1 . ILE A 1 60  ? 10.243  0.242   0.412   1.00 18.39 ? 60  ILE A CD1 1 
ATOM   484  N N   . PRO A 1 61  ? 14.518  -1.903  3.841   1.00 25.75 ? 61  PRO A N   1 
ATOM   485  C CA  . PRO A 1 61  ? 15.957  -2.189  3.915   1.00 25.04 ? 61  PRO A CA  1 
ATOM   486  C C   . PRO A 1 61  ? 16.592  -1.707  2.625   1.00 24.91 ? 61  PRO A C   1 
ATOM   487  O O   . PRO A 1 61  ? 16.045  -1.945  1.556   1.00 26.79 ? 61  PRO A O   1 
ATOM   488  C CB  . PRO A 1 61  ? 15.999  -3.705  4.039   1.00 24.47 ? 61  PRO A CB  1 
ATOM   489  C CG  . PRO A 1 61  ? 14.740  -4.015  4.762   1.00 24.70 ? 61  PRO A CG  1 
ATOM   490  C CD  . PRO A 1 61  ? 13.731  -3.123  4.085   1.00 25.32 ? 61  PRO A CD  1 
ATOM   491  N N   . GLU A 1 62  ? 17.729  -1.029  2.710   1.00 25.16 ? 62  GLU A N   1 
ATOM   492  C CA  . GLU A 1 62  ? 18.374  -0.530  1.504   1.00 26.40 ? 62  GLU A CA  1 
ATOM   493  C C   . GLU A 1 62  ? 18.565  -1.587  0.415   1.00 27.70 ? 62  GLU A C   1 
ATOM   494  O O   . GLU A 1 62  ? 18.444  -1.284  -0.773  1.00 26.80 ? 62  GLU A O   1 
ATOM   495  C CB  . GLU A 1 62  ? 19.725  0.091   1.835   1.00 27.17 ? 62  GLU A CB  1 
ATOM   496  C CG  . GLU A 1 62  ? 20.173  1.097   0.788   1.00 32.07 ? 62  GLU A CG  1 
ATOM   497  C CD  . GLU A 1 62  ? 21.510  1.756   1.111   1.00 35.20 ? 62  GLU A CD  1 
ATOM   498  O OE1 . GLU A 1 62  ? 21.728  2.138   2.283   1.00 37.34 ? 62  GLU A OE1 1 
ATOM   499  O OE2 . GLU A 1 62  ? 22.336  1.905   0.182   1.00 38.28 ? 62  GLU A OE2 1 
ATOM   500  N N   . LYS A 1 63  ? 18.849  -2.828  0.802   1.00 30.48 ? 63  LYS A N   1 
ATOM   501  C CA  . LYS A 1 63  ? 19.054  -3.859  -0.213  1.00 32.57 ? 63  LYS A CA  1 
ATOM   502  C C   . LYS A 1 63  ? 17.761  -4.372  -0.851  1.00 33.96 ? 63  LYS A C   1 
ATOM   503  O O   . LYS A 1 63  ? 17.807  -5.150  -1.809  1.00 33.81 ? 63  LYS A O   1 
ATOM   504  C CB  . LYS A 1 63  ? 19.876  -5.031  0.338   1.00 32.32 ? 63  LYS A CB  1 
ATOM   505  C CG  . LYS A 1 63  ? 19.149  -5.994  1.237   1.00 31.98 ? 63  LYS A CG  1 
ATOM   506  C CD  . LYS A 1 63  ? 18.790  -5.357  2.550   1.00 34.32 ? 63  LYS A CD  1 
ATOM   507  C CE  . LYS A 1 63  ? 18.452  -6.420  3.584   1.00 37.43 ? 63  LYS A CE  1 
ATOM   508  N NZ  . LYS A 1 63  ? 19.630  -7.284  3.896   1.00 39.26 ? 63  LYS A NZ  1 
ATOM   509  N N   . ASN A 1 64  ? 16.616  -3.936  -0.328  1.00 34.69 ? 64  ASN A N   1 
ATOM   510  C CA  . ASN A 1 64  ? 15.318  -4.331  -0.881  1.00 34.66 ? 64  ASN A CA  1 
ATOM   511  C C   . ASN A 1 64  ? 14.708  -3.133  -1.601  1.00 34.20 ? 64  ASN A C   1 
ATOM   512  O O   . ASN A 1 64  ? 13.524  -3.126  -1.935  1.00 36.30 ? 64  ASN A O   1 
ATOM   513  C CB  . ASN A 1 64  ? 14.367  -4.817  0.218   1.00 35.56 ? 64  ASN A CB  1 
ATOM   514  C CG  . ASN A 1 64  ? 14.804  -6.139  0.824   1.00 36.16 ? 64  ASN A CG  1 
ATOM   515  O OD1 . ASN A 1 64  ? 15.748  -6.769  0.352   1.00 37.65 ? 64  ASN A OD1 1 
ATOM   516  N ND2 . ASN A 1 64  ? 14.111  -6.571  1.870   1.00 37.48 ? 64  ASN A ND2 1 
ATOM   517  N N   . ARG A 1 65  ? 15.537  -2.118  -1.824  1.00 31.72 ? 65  ARG A N   1 
ATOM   518  C CA  . ARG A 1 65  ? 15.125  -0.903  -2.515  1.00 30.00 ? 65  ARG A CA  1 
ATOM   519  C C   . ARG A 1 65  ? 15.849  -0.833  -3.844  1.00 28.94 ? 65  ARG A C   1 
ATOM   520  O O   . ARG A 1 65  ? 17.060  -1.025  -3.897  1.00 30.26 ? 65  ARG A O   1 
ATOM   521  C CB  . ARG A 1 65  ? 15.492  0.338   -1.699  1.00 28.61 ? 65  ARG A CB  1 
ATOM   522  C CG  . ARG A 1 65  ? 14.447  0.791   -0.712  1.00 25.93 ? 65  ARG A CG  1 
ATOM   523  C CD  . ARG A 1 65  ? 14.837  2.126   -0.147  1.00 24.99 ? 65  ARG A CD  1 
ATOM   524  N NE  . ARG A 1 65  ? 15.558  1.992   1.109   1.00 27.17 ? 65  ARG A NE  1 
ATOM   525  C CZ  . ARG A 1 65  ? 16.513  2.819   1.515   1.00 23.90 ? 65  ARG A CZ  1 
ATOM   526  N NH1 . ARG A 1 65  ? 17.100  2.619   2.678   1.00 25.11 ? 65  ARG A NH1 1 
ATOM   527  N NH2 . ARG A 1 65  ? 16.901  3.827   0.751   1.00 24.27 ? 65  ARG A NH2 1 
ATOM   528  N N   . PRO A 1 66  ? 15.122  -0.571  -4.938  1.00 28.75 ? 66  PRO A N   1 
ATOM   529  C CA  . PRO A 1 66  ? 13.677  -0.336  -5.032  1.00 28.65 ? 66  PRO A CA  1 
ATOM   530  C C   . PRO A 1 66  ? 12.934  -1.666  -5.022  1.00 29.40 ? 66  PRO A C   1 
ATOM   531  O O   . PRO A 1 66  ? 13.499  -2.700  -5.389  1.00 31.10 ? 66  PRO A O   1 
ATOM   532  C CB  . PRO A 1 66  ? 13.511  0.356   -6.387  1.00 27.14 ? 66  PRO A CB  1 
ATOM   533  C CG  . PRO A 1 66  ? 14.888  0.756   -6.772  1.00 30.34 ? 66  PRO A CG  1 
ATOM   534  C CD  . PRO A 1 66  ? 15.758  -0.322  -6.236  1.00 29.00 ? 66  PRO A CD  1 
ATOM   535  N N   . LEU A 1 67  ? 11.670  -1.637  -4.615  1.00 28.11 ? 67  LEU A N   1 
ATOM   536  C CA  . LEU A 1 67  ? 10.884  -2.854  -4.594  1.00 26.41 ? 67  LEU A CA  1 
ATOM   537  C C   . LEU A 1 67  ? 10.895  -3.376  -6.028  1.00 26.05 ? 67  LEU A C   1 
ATOM   538  O O   . LEU A 1 67  ? 10.477  -2.700  -6.971  1.00 25.38 ? 67  LEU A O   1 
ATOM   539  C CB  . LEU A 1 67  ? 9.468   -2.566  -4.078  1.00 23.13 ? 67  LEU A CB  1 
ATOM   540  C CG  . LEU A 1 67  ? 9.452   -1.989  -2.649  1.00 21.05 ? 67  LEU A CG  1 
ATOM   541  C CD1 . LEU A 1 67  ? 8.023   -1.668  -2.228  1.00 21.66 ? 67  LEU A CD1 1 
ATOM   542  C CD2 . LEU A 1 67  ? 10.086  -2.975  -1.672  1.00 17.60 ? 67  LEU A CD2 1 
ATOM   543  N N   . LYS A 1 68  ? 11.429  -4.581  -6.162  1.00 26.96 ? 68  LYS A N   1 
ATOM   544  C CA  . LYS A 1 68  ? 11.598  -5.281  -7.427  1.00 28.37 ? 68  LYS A CA  1 
ATOM   545  C C   . LYS A 1 68  ? 10.329  -5.618  -8.197  1.00 27.89 ? 68  LYS A C   1 
ATOM   546  O O   . LYS A 1 68  ? 9.316   -6.001  -7.614  1.00 27.45 ? 68  LYS A O   1 
ATOM   547  C CB  . LYS A 1 68  ? 12.397  -6.566  -7.180  1.00 30.63 ? 68  LYS A CB  1 
ATOM   548  C CG  . LYS A 1 68  ? 12.487  -6.941  -5.704  1.00 36.51 ? 68  LYS A CG  1 
ATOM   549  C CD  . LYS A 1 68  ? 13.371  -5.944  -4.930  1.00 36.19 ? 68  LYS A CD  1 
ATOM   550  C CE  . LYS A 1 68  ? 13.102  -5.960  -3.427  1.00 32.77 ? 68  LYS A CE  1 
ATOM   551  N NZ  . LYS A 1 68  ? 11.742  -5.472  -3.113  1.00 30.06 ? 68  LYS A NZ  1 
ATOM   552  N N   . ASP A 1 69  ? 10.428  -5.477  -9.521  1.00 28.55 ? 69  ASP A N   1 
ATOM   553  C CA  . ASP A 1 69  ? 9.351   -5.753  -10.476 1.00 28.34 ? 69  ASP A CA  1 
ATOM   554  C C   . ASP A 1 69  ? 8.206   -4.780  -10.365 1.00 26.04 ? 69  ASP A C   1 
ATOM   555  O O   . ASP A 1 69  ? 7.141   -4.991  -10.936 1.00 28.41 ? 69  ASP A O   1 
ATOM   556  C CB  . ASP A 1 69  ? 8.830   -7.175  -10.300 1.00 32.49 ? 69  ASP A CB  1 
ATOM   557  C CG  . ASP A 1 69  ? 9.926   -8.204  -10.426 1.00 35.69 ? 69  ASP A CG  1 
ATOM   558  O OD1 . ASP A 1 69  ? 10.638  -8.178  -11.453 1.00 36.27 ? 69  ASP A OD1 1 
ATOM   559  O OD2 . ASP A 1 69  ? 10.077  -9.032  -9.497  1.00 39.98 ? 69  ASP A OD2 1 
ATOM   560  N N   . ARG A 1 70  ? 8.438   -3.704  -9.630  1.00 22.97 ? 70  ARG A N   1 
ATOM   561  C CA  . ARG A 1 70  ? 7.427   -2.689  -9.436  1.00 21.07 ? 70  ARG A CA  1 
ATOM   562  C C   . ARG A 1 70  ? 8.058   -1.343  -9.716  1.00 18.16 ? 70  ARG A C   1 
ATOM   563  O O   . ARG A 1 70  ? 9.247   -1.163  -9.511  1.00 15.26 ? 70  ARG A O   1 
ATOM   564  C CB  . ARG A 1 70  ? 6.911   -2.734  -7.991  1.00 21.18 ? 70  ARG A CB  1 
ATOM   565  C CG  . ARG A 1 70  ? 5.916   -3.841  -7.715  1.00 20.49 ? 70  ARG A CG  1 
ATOM   566  C CD  . ARG A 1 70  ? 6.023   -4.332  -6.290  1.00 19.30 ? 70  ARG A CD  1 
ATOM   567  N NE  . ARG A 1 70  ? 7.300   -5.001  -6.068  1.00 19.81 ? 70  ARG A NE  1 
ATOM   568  C CZ  . ARG A 1 70  ? 7.657   -5.592  -4.929  1.00 21.73 ? 70  ARG A CZ  1 
ATOM   569  N NH1 . ARG A 1 70  ? 6.832   -5.601  -3.891  1.00 18.52 ? 70  ARG A NH1 1 
ATOM   570  N NH2 . ARG A 1 70  ? 8.839   -6.185  -4.826  1.00 21.80 ? 70  ARG A NH2 1 
ATOM   571  N N   . ILE A 1 71  ? 7.254   -0.408  -10.203 1.00 16.31 ? 71  ILE A N   1 
ATOM   572  C CA  . ILE A 1 71  ? 7.729   0.933   -10.476 1.00 17.64 ? 71  ILE A CA  1 
ATOM   573  C C   . ILE A 1 71  ? 7.524   1.648   -9.152  1.00 18.05 ? 71  ILE A C   1 
ATOM   574  O O   . ILE A 1 71  ? 6.434   1.613   -8.597  1.00 21.35 ? 71  ILE A O   1 
ATOM   575  C CB  . ILE A 1 71  ? 6.898   1.596   -11.618 1.00 16.58 ? 71  ILE A CB  1 
ATOM   576  C CG1 . ILE A 1 71  ? 7.077   0.790   -12.911 1.00 14.85 ? 71  ILE A CG1 1 
ATOM   577  C CG2 . ILE A 1 71  ? 7.354   3.029   -11.850 1.00 12.36 ? 71  ILE A CG2 1 
ATOM   578  C CD1 . ILE A 1 71  ? 6.134   1.183   -14.004 1.00 19.44 ? 71  ILE A CD1 1 
ATOM   579  N N   . ASN A 1 72  ? 8.578   2.266   -8.631  1.00 19.61 ? 72  ASN A N   1 
ATOM   580  C CA  . ASN A 1 72  ? 8.515   2.958   -7.344  1.00 21.01 ? 72  ASN A CA  1 
ATOM   581  C C   . ASN A 1 72  ? 8.509   4.481   -7.411  1.00 21.12 ? 72  ASN A C   1 
ATOM   582  O O   . ASN A 1 72  ? 9.508   5.087   -7.806  1.00 20.97 ? 72  ASN A O   1 
ATOM   583  C CB  . ASN A 1 72  ? 9.693   2.548   -6.451  1.00 20.94 ? 72  ASN A CB  1 
ATOM   584  C CG  . ASN A 1 72  ? 9.744   1.056   -6.185  1.00 24.65 ? 72  ASN A CG  1 
ATOM   585  O OD1 . ASN A 1 72  ? 10.342  0.616   -5.202  1.00 22.77 ? 72  ASN A OD1 1 
ATOM   586  N ND2 . ASN A 1 72  ? 9.129   0.267   -7.063  1.00 26.95 ? 72  ASN A ND2 1 
ATOM   587  N N   . ILE A 1 73  ? 7.391   5.094   -7.022  1.00 19.94 ? 73  ILE A N   1 
ATOM   588  C CA  . ILE A 1 73  ? 7.295   6.556   -6.981  1.00 16.72 ? 73  ILE A CA  1 
ATOM   589  C C   . ILE A 1 73  ? 7.378   6.996   -5.514  1.00 16.55 ? 73  ILE A C   1 
ATOM   590  O O   . ILE A 1 73  ? 6.606   6.530   -4.687  1.00 16.17 ? 73  ILE A O   1 
ATOM   591  C CB  . ILE A 1 73  ? 5.954   7.074   -7.543  1.00 11.68 ? 73  ILE A CB  1 
ATOM   592  C CG1 . ILE A 1 73  ? 5.786   6.642   -8.997  1.00 15.70 ? 73  ILE A CG1 1 
ATOM   593  C CG2 . ILE A 1 73  ? 5.906   8.581   -7.463  1.00 7.54  ? 73  ILE A CG2 1 
ATOM   594  C CD1 . ILE A 1 73  ? 4.634   7.351   -9.730  1.00 13.61 ? 73  ILE A CD1 1 
ATOM   595  N N   . VAL A 1 74  ? 8.326   7.870   -5.187  1.00 19.56 ? 74  VAL A N   1 
ATOM   596  C CA  . VAL A 1 74  ? 8.461   8.387   -3.812  1.00 19.35 ? 74  VAL A CA  1 
ATOM   597  C C   . VAL A 1 74  ? 7.844   9.791   -3.780  1.00 19.83 ? 74  VAL A C   1 
ATOM   598  O O   . VAL A 1 74  ? 8.044   10.575  -4.713  1.00 19.09 ? 74  VAL A O   1 
ATOM   599  C CB  . VAL A 1 74  ? 9.940   8.523   -3.373  1.00 17.41 ? 74  VAL A CB  1 
ATOM   600  C CG1 . VAL A 1 74  ? 10.019  9.110   -1.970  1.00 16.87 ? 74  VAL A CG1 1 
ATOM   601  C CG2 . VAL A 1 74  ? 10.625  7.179   -3.413  1.00 16.32 ? 74  VAL A CG2 1 
ATOM   602  N N   . LEU A 1 75  ? 7.086   10.099  -2.725  1.00 20.29 ? 75  LEU A N   1 
ATOM   603  C CA  . LEU A 1 75  ? 6.467   11.421  -2.575  1.00 17.37 ? 75  LEU A CA  1 
ATOM   604  C C   . LEU A 1 75  ? 7.262   12.208  -1.541  1.00 16.38 ? 75  LEU A C   1 
ATOM   605  O O   . LEU A 1 75  ? 7.603   11.684  -0.483  1.00 14.51 ? 75  LEU A O   1 
ATOM   606  C CB  . LEU A 1 75  ? 5.028   11.305  -2.091  1.00 17.09 ? 75  LEU A CB  1 
ATOM   607  C CG  . LEU A 1 75  ? 4.026   10.458  -2.865  1.00 17.00 ? 75  LEU A CG  1 
ATOM   608  C CD1 . LEU A 1 75  ? 2.660   10.654  -2.208  1.00 17.72 ? 75  LEU A CD1 1 
ATOM   609  C CD2 . LEU A 1 75  ? 3.987   10.860  -4.334  1.00 17.69 ? 75  LEU A CD2 1 
ATOM   610  N N   . SER A 1 76  ? 7.561   13.466  -1.841  1.00 19.02 ? 76  SER A N   1 
ATOM   611  C CA  . SER A 1 76  ? 8.332   14.284  -0.910  1.00 20.90 ? 76  SER A CA  1 
ATOM   612  C C   . SER A 1 76  ? 8.281   15.740  -1.306  1.00 23.65 ? 76  SER A C   1 
ATOM   613  O O   . SER A 1 76  ? 8.358   16.071  -2.488  1.00 26.88 ? 76  SER A O   1 
ATOM   614  C CB  . SER A 1 76  ? 9.791   13.824  -0.875  1.00 20.15 ? 76  SER A CB  1 
ATOM   615  O OG  . SER A 1 76  ? 10.601  14.740  -0.163  1.00 19.42 ? 76  SER A OG  1 
ATOM   616  N N   . ARG A 1 77  ? 8.156   16.613  -0.314  1.00 26.70 ? 77  ARG A N   1 
ATOM   617  C CA  . ARG A 1 77  ? 8.104   18.038  -0.585  1.00 30.00 ? 77  ARG A CA  1 
ATOM   618  C C   . ARG A 1 77  ? 9.486   18.659  -0.397  1.00 32.25 ? 77  ARG A C   1 
ATOM   619  O O   . ARG A 1 77  ? 9.790   19.689  -0.992  1.00 33.44 ? 77  ARG A O   1 
ATOM   620  C CB  . ARG A 1 77  ? 7.093   18.720  0.341   1.00 31.16 ? 77  ARG A CB  1 
ATOM   621  C CG  . ARG A 1 77  ? 5.703   18.103  0.305   1.00 32.39 ? 77  ARG A CG  1 
ATOM   622  C CD  . ARG A 1 77  ? 4.672   19.009  0.976   1.00 37.50 ? 77  ARG A CD  1 
ATOM   623  N NE  . ARG A 1 77  ? 3.385   18.335  1.163   1.00 39.02 ? 77  ARG A NE  1 
ATOM   624  C CZ  . ARG A 1 77  ? 3.142   17.435  2.114   1.00 37.69 ? 77  ARG A CZ  1 
ATOM   625  N NH1 . ARG A 1 77  ? 1.947   16.869  2.193   1.00 36.93 ? 77  ARG A NH1 1 
ATOM   626  N NH2 . ARG A 1 77  ? 4.088   17.114  2.996   1.00 35.50 ? 77  ARG A NH2 1 
ATOM   627  N N   . GLU A 1 78  ? 10.323  18.010  0.413   1.00 33.44 ? 78  GLU A N   1 
ATOM   628  C CA  . GLU A 1 78  ? 11.668  18.498  0.712   1.00 32.79 ? 78  GLU A CA  1 
ATOM   629  C C   . GLU A 1 78  ? 12.735  18.084  -0.294  1.00 31.60 ? 78  GLU A C   1 
ATOM   630  O O   . GLU A 1 78  ? 13.606  18.890  -0.629  1.00 32.77 ? 78  GLU A O   1 
ATOM   631  C CB  . GLU A 1 78  ? 12.091  18.051  2.116   1.00 35.43 ? 78  GLU A CB  1 
ATOM   632  C CG  . GLU A 1 78  ? 11.251  18.632  3.244   1.00 37.81 ? 78  GLU A CG  1 
ATOM   633  C CD  . GLU A 1 78  ? 11.603  18.049  4.610   1.00 43.55 ? 78  GLU A CD  1 
ATOM   634  O OE1 . GLU A 1 78  ? 10.934  18.425  5.595   1.00 46.75 ? 78  GLU A OE1 1 
ATOM   635  O OE2 . GLU A 1 78  ? 12.536  17.219  4.707   1.00 44.99 ? 78  GLU A OE2 1 
ATOM   636  N N   . LEU A 1 79  ? 12.684  16.834  -0.755  1.00 31.17 ? 79  LEU A N   1 
ATOM   637  C CA  . LEU A 1 79  ? 13.653  16.335  -1.740  1.00 31.50 ? 79  LEU A CA  1 
ATOM   638  C C   . LEU A 1 79  ? 13.385  16.993  -3.081  1.00 33.68 ? 79  LEU A C   1 
ATOM   639  O O   . LEU A 1 79  ? 12.230  17.214  -3.460  1.00 33.93 ? 79  LEU A O   1 
ATOM   640  C CB  . LEU A 1 79  ? 13.540  14.819  -1.934  1.00 28.24 ? 79  LEU A CB  1 
ATOM   641  C CG  . LEU A 1 79  ? 13.872  13.828  -0.822  1.00 24.40 ? 79  LEU A CG  1 
ATOM   642  C CD1 . LEU A 1 79  ? 13.702  12.406  -1.356  1.00 20.04 ? 79  LEU A CD1 1 
ATOM   643  C CD2 . LEU A 1 79  ? 15.294  14.055  -0.337  1.00 20.56 ? 79  LEU A CD2 1 
ATOM   644  N N   . LYS A 1 80  ? 14.451  17.295  -3.808  1.00 37.64 ? 80  LYS A N   1 
ATOM   645  C CA  . LYS A 1 80  ? 14.313  17.925  -5.114  1.00 43.21 ? 80  LYS A CA  1 
ATOM   646  C C   . LYS A 1 80  ? 14.849  17.037  -6.233  1.00 44.90 ? 80  LYS A C   1 
ATOM   647  O O   . LYS A 1 80  ? 14.670  17.327  -7.414  1.00 47.50 ? 80  LYS A O   1 
ATOM   648  C CB  . LYS A 1 80  ? 15.018  19.289  -5.108  1.00 44.01 ? 80  LYS A CB  1 
ATOM   649  C CG  . LYS A 1 80  ? 14.061  20.472  -4.877  1.00 45.75 ? 80  LYS A CG  1 
ATOM   650  C CD  . LYS A 1 80  ? 13.103  20.209  -3.712  1.00 46.41 ? 80  LYS A CD  1 
ATOM   651  C CE  . LYS A 1 80  ? 12.024  21.280  -3.582  1.00 45.28 ? 80  LYS A CE  1 
ATOM   652  N NZ  . LYS A 1 80  ? 12.568  22.575  -3.089  1.00 44.56 ? 80  LYS A NZ  1 
ATOM   653  N N   . GLU A 1 81  ? 15.474  15.934  -5.839  1.00 45.94 ? 81  GLU A N   1 
ATOM   654  C CA  . GLU A 1 81  ? 16.063  14.972  -6.760  1.00 45.68 ? 81  GLU A CA  1 
ATOM   655  C C   . GLU A 1 81  ? 15.659  13.569  -6.276  1.00 43.90 ? 81  GLU A C   1 
ATOM   656  O O   . GLU A 1 81  ? 15.688  13.299  -5.076  1.00 43.55 ? 81  GLU A O   1 
ATOM   657  C CB  . GLU A 1 81  ? 17.580  15.160  -6.714  1.00 49.64 ? 81  GLU A CB  1 
ATOM   658  C CG  . GLU A 1 81  ? 18.400  14.285  -7.626  1.00 57.15 ? 81  GLU A CG  1 
ATOM   659  C CD  . GLU A 1 81  ? 19.888  14.488  -7.399  1.00 60.00 ? 81  GLU A CD  1 
ATOM   660  O OE1 . GLU A 1 81  ? 20.353  14.224  -6.269  1.00 63.11 ? 81  GLU A OE1 1 
ATOM   661  O OE2 . GLU A 1 81  ? 20.591  14.918  -8.340  1.00 63.55 ? 81  GLU A OE2 1 
ATOM   662  N N   . PRO A 1 82  ? 15.261  12.665  -7.191  1.00 42.08 ? 82  PRO A N   1 
ATOM   663  C CA  . PRO A 1 82  ? 14.868  11.315  -6.759  1.00 40.15 ? 82  PRO A CA  1 
ATOM   664  C C   . PRO A 1 82  ? 15.965  10.557  -6.000  1.00 38.49 ? 82  PRO A C   1 
ATOM   665  O O   . PRO A 1 82  ? 17.140  10.591  -6.375  1.00 37.32 ? 82  PRO A O   1 
ATOM   666  C CB  . PRO A 1 82  ? 14.491  10.624  -8.071  1.00 39.36 ? 82  PRO A CB  1 
ATOM   667  C CG  . PRO A 1 82  ? 13.983  11.749  -8.907  1.00 40.31 ? 82  PRO A CG  1 
ATOM   668  C CD  . PRO A 1 82  ? 14.999  12.840  -8.630  1.00 42.28 ? 82  PRO A CD  1 
ATOM   669  N N   . PRO A 1 83  ? 15.593  9.870   -4.909  1.00 37.84 ? 83  PRO A N   1 
ATOM   670  C CA  . PRO A 1 83  ? 16.600  9.129   -4.154  1.00 36.90 ? 83  PRO A CA  1 
ATOM   671  C C   . PRO A 1 83  ? 17.058  7.889   -4.911  1.00 36.19 ? 83  PRO A C   1 
ATOM   672  O O   . PRO A 1 83  ? 16.272  7.254   -5.606  1.00 32.69 ? 83  PRO A O   1 
ATOM   673  C CB  . PRO A 1 83  ? 15.872  8.798   -2.852  1.00 36.31 ? 83  PRO A CB  1 
ATOM   674  C CG  . PRO A 1 83  ? 14.460  8.664   -3.283  1.00 34.59 ? 83  PRO A CG  1 
ATOM   675  C CD  . PRO A 1 83  ? 14.291  9.831   -4.219  1.00 36.79 ? 83  PRO A CD  1 
ATOM   676  N N   . ARG A 1 84  ? 18.337  7.557   -4.766  1.00 37.99 ? 84  ARG A N   1 
ATOM   677  C CA  . ARG A 1 84  ? 18.923  6.400   -5.425  1.00 39.85 ? 84  ARG A CA  1 
ATOM   678  C C   . ARG A 1 84  ? 17.978  5.202   -5.388  1.00 37.39 ? 84  ARG A C   1 
ATOM   679  O O   . ARG A 1 84  ? 17.584  4.741   -4.318  1.00 37.65 ? 84  ARG A O   1 
ATOM   680  C CB  . ARG A 1 84  ? 20.266  6.042   -4.764  1.00 45.08 ? 84  ARG A CB  1 
ATOM   681  C CG  . ARG A 1 84  ? 20.964  4.823   -5.369  1.00 52.57 ? 84  ARG A CG  1 
ATOM   682  C CD  . ARG A 1 84  ? 21.243  5.045   -6.849  1.00 60.44 ? 84  ARG A CD  1 
ATOM   683  N NE  . ARG A 1 84  ? 21.438  3.799   -7.592  1.00 66.14 ? 84  ARG A NE  1 
ATOM   684  C CZ  . ARG A 1 84  ? 21.515  3.729   -8.920  1.00 68.34 ? 84  ARG A CZ  1 
ATOM   685  N NH1 . ARG A 1 84  ? 21.690  2.560   -9.523  1.00 69.46 ? 84  ARG A NH1 1 
ATOM   686  N NH2 . ARG A 1 84  ? 21.414  4.833   -9.653  1.00 69.51 ? 84  ARG A NH2 1 
ATOM   687  N N   . GLY A 1 85  ? 17.624  4.700   -6.568  1.00 35.76 ? 85  GLY A N   1 
ATOM   688  C CA  . GLY A 1 85  ? 16.729  3.562   -6.654  1.00 31.43 ? 85  GLY A CA  1 
ATOM   689  C C   . GLY A 1 85  ? 15.330  3.990   -7.042  1.00 29.59 ? 85  GLY A C   1 
ATOM   690  O O   . GLY A 1 85  ? 14.592  3.237   -7.661  1.00 29.10 ? 85  GLY A O   1 
ATOM   691  N N   . ALA A 1 86  ? 14.964  5.213   -6.682  1.00 29.04 ? 86  ALA A N   1 
ATOM   692  C CA  . ALA A 1 86  ? 13.638  5.739   -6.989  1.00 29.15 ? 86  ALA A CA  1 
ATOM   693  C C   . ALA A 1 86  ? 13.403  6.041   -8.475  1.00 28.78 ? 86  ALA A C   1 
ATOM   694  O O   . ALA A 1 86  ? 14.091  6.862   -9.084  1.00 27.09 ? 86  ALA A O   1 
ATOM   695  C CB  . ALA A 1 86  ? 13.383  6.998   -6.166  1.00 31.43 ? 86  ALA A CB  1 
ATOM   696  N N   . HIS A 1 87  ? 12.412  5.381   -9.057  1.00 27.41 ? 87  HIS A N   1 
ATOM   697  C CA  . HIS A 1 87  ? 12.091  5.620   -10.450 1.00 27.11 ? 87  HIS A CA  1 
ATOM   698  C C   . HIS A 1 87  ? 11.625  7.068   -10.625 1.00 26.90 ? 87  HIS A C   1 
ATOM   699  O O   . HIS A 1 87  ? 12.183  7.814   -11.426 1.00 28.42 ? 87  HIS A O   1 
ATOM   700  C CB  . HIS A 1 87  ? 10.999  4.658   -10.904 1.00 27.03 ? 87  HIS A CB  1 
ATOM   701  C CG  . HIS A 1 87  ? 11.371  3.217   -10.757 1.00 28.60 ? 87  HIS A CG  1 
ATOM   702  N ND1 . HIS A 1 87  ? 12.401  2.639   -11.461 1.00 31.69 ? 87  HIS A ND1 1 
ATOM   703  C CD2 . HIS A 1 87  ? 10.865  2.243   -9.965  1.00 29.80 ? 87  HIS A CD2 1 
ATOM   704  C CE1 . HIS A 1 87  ? 12.514  1.370   -11.113 1.00 31.32 ? 87  HIS A CE1 1 
ATOM   705  N NE2 . HIS A 1 87  ? 11.592  1.106   -10.207 1.00 30.22 ? 87  HIS A NE2 1 
ATOM   706  N N   . PHE A 1 88  ? 10.604  7.467   -9.875  1.00 25.39 ? 88  PHE A N   1 
ATOM   707  C CA  . PHE A 1 88  ? 10.079  8.827   -9.963  1.00 22.17 ? 88  PHE A CA  1 
ATOM   708  C C   . PHE A 1 88  ? 9.981   9.467   -8.589  1.00 23.22 ? 88  PHE A C   1 
ATOM   709  O O   . PHE A 1 88  ? 9.955   8.771   -7.571  1.00 23.38 ? 88  PHE A O   1 
ATOM   710  C CB  . PHE A 1 88  ? 8.699   8.811   -10.599 1.00 20.90 ? 88  PHE A CB  1 
ATOM   711  C CG  . PHE A 1 88  ? 8.693   8.354   -12.025 1.00 23.96 ? 88  PHE A CG  1 
ATOM   712  C CD1 . PHE A 1 88  ? 9.050   9.224   -13.048 1.00 21.65 ? 88  PHE A CD1 1 
ATOM   713  C CD2 . PHE A 1 88  ? 8.339   7.046   -12.350 1.00 23.77 ? 88  PHE A CD2 1 
ATOM   714  C CE1 . PHE A 1 88  ? 9.055   8.806   -14.375 1.00 21.14 ? 88  PHE A CE1 1 
ATOM   715  C CE2 . PHE A 1 88  ? 8.343   6.619   -13.679 1.00 22.41 ? 88  PHE A CE2 1 
ATOM   716  C CZ  . PHE A 1 88  ? 8.703   7.503   -14.692 1.00 21.74 ? 88  PHE A CZ  1 
ATOM   717  N N   . LEU A 1 89  ? 9.936   10.798  -8.571  1.00 24.12 ? 89  LEU A N   1 
ATOM   718  C CA  . LEU A 1 89  ? 9.816   11.587  -7.345  1.00 21.67 ? 89  LEU A CA  1 
ATOM   719  C C   . LEU A 1 89  ? 8.694   12.555  -7.662  1.00 22.57 ? 89  LEU A C   1 
ATOM   720  O O   . LEU A 1 89  ? 8.713   13.200  -8.697  1.00 25.45 ? 89  LEU A O   1 
ATOM   721  C CB  . LEU A 1 89  ? 11.125  12.340  -7.069  1.00 21.80 ? 89  LEU A CB  1 
ATOM   722  C CG  . LEU A 1 89  ? 11.395  13.306  -5.897  1.00 22.82 ? 89  LEU A CG  1 
ATOM   723  C CD1 . LEU A 1 89  ? 10.672  14.608  -6.138  1.00 24.25 ? 89  LEU A CD1 1 
ATOM   724  C CD2 . LEU A 1 89  ? 10.994  12.686  -4.563  1.00 22.38 ? 89  LEU A CD2 1 
ATOM   725  N N   . ALA A 1 90  ? 7.691   12.631  -6.801  1.00 23.84 ? 90  ALA A N   1 
ATOM   726  C CA  . ALA A 1 90  ? 6.581   13.540  -7.042  1.00 22.10 ? 90  ALA A CA  1 
ATOM   727  C C   . ALA A 1 90  ? 6.348   14.420  -5.823  1.00 22.64 ? 90  ALA A C   1 
ATOM   728  O O   . ALA A 1 90  ? 6.471   13.977  -4.681  1.00 20.82 ? 90  ALA A O   1 
ATOM   729  C CB  . ALA A 1 90  ? 5.320   12.763  -7.393  1.00 22.53 ? 90  ALA A CB  1 
ATOM   730  N N   . LYS A 1 91  ? 6.016   15.674  -6.113  1.00 25.46 ? 91  LYS A N   1 
ATOM   731  C CA  . LYS A 1 91  ? 5.764   16.754  -5.160  1.00 25.88 ? 91  LYS A CA  1 
ATOM   732  C C   . LYS A 1 91  ? 4.444   16.602  -4.377  1.00 25.81 ? 91  LYS A C   1 
ATOM   733  O O   . LYS A 1 91  ? 4.244   17.241  -3.348  1.00 26.19 ? 91  LYS A O   1 
ATOM   734  C CB  . LYS A 1 91  ? 5.776   18.062  -5.973  1.00 29.44 ? 91  LYS A CB  1 
ATOM   735  C CG  . LYS A 1 91  ? 5.622   19.359  -5.222  1.00 30.82 ? 91  LYS A CG  1 
ATOM   736  C CD  . LYS A 1 91  ? 5.780   20.577  -6.169  1.00 31.11 ? 91  LYS A CD  1 
ATOM   737  C CE  . LYS A 1 91  ? 4.548   20.850  -7.039  1.00 27.46 ? 91  LYS A CE  1 
ATOM   738  N NZ  . LYS A 1 91  ? 4.641   20.237  -8.386  1.00 29.15 ? 91  LYS A NZ  1 
ATOM   739  N N   . SER A 1 92  ? 3.551   15.751  -4.869  1.00 26.73 ? 92  SER A N   1 
ATOM   740  C CA  . SER A 1 92  ? 2.260   15.529  -4.221  1.00 27.90 ? 92  SER A CA  1 
ATOM   741  C C   . SER A 1 92  ? 1.530   14.353  -4.872  1.00 27.45 ? 92  SER A C   1 
ATOM   742  O O   . SER A 1 92  ? 1.924   13.892  -5.945  1.00 25.40 ? 92  SER A O   1 
ATOM   743  C CB  . SER A 1 92  ? 1.405   16.782  -4.344  1.00 28.20 ? 92  SER A CB  1 
ATOM   744  O OG  . SER A 1 92  ? 1.244   17.108  -5.716  1.00 28.98 ? 92  SER A OG  1 
ATOM   745  N N   . LEU A 1 93  ? 0.456   13.886  -4.233  1.00 29.13 ? 93  LEU A N   1 
ATOM   746  C CA  . LEU A 1 93  ? -0.318  12.757  -4.757  1.00 30.27 ? 93  LEU A CA  1 
ATOM   747  C C   . LEU A 1 93  ? -0.941  13.037  -6.129  1.00 31.45 ? 93  LEU A C   1 
ATOM   748  O O   . LEU A 1 93  ? -1.226  12.110  -6.891  1.00 31.59 ? 93  LEU A O   1 
ATOM   749  C CB  . LEU A 1 93  ? -1.402  12.345  -3.759  1.00 27.71 ? 93  LEU A CB  1 
ATOM   750  C CG  . LEU A 1 93  ? -2.145  11.051  -4.097  1.00 27.74 ? 93  LEU A CG  1 
ATOM   751  C CD1 . LEU A 1 93  ? -1.171  9.882   -4.124  1.00 26.82 ? 93  LEU A CD1 1 
ATOM   752  C CD2 . LEU A 1 93  ? -3.226  10.806  -3.070  1.00 27.46 ? 93  LEU A CD2 1 
ATOM   753  N N   . ASP A 1 94  ? -1.156  14.314  -6.438  1.00 34.02 ? 94  ASP A N   1 
ATOM   754  C CA  . ASP A 1 94  ? -1.699  14.710  -7.734  1.00 36.13 ? 94  ASP A CA  1 
ATOM   755  C C   . ASP A 1 94  ? -0.591  14.659  -8.780  1.00 35.49 ? 94  ASP A C   1 
ATOM   756  O O   . ASP A 1 94  ? -0.773  14.100  -9.862  1.00 35.59 ? 94  ASP A O   1 
ATOM   757  C CB  . ASP A 1 94  ? -2.288  16.116  -7.663  1.00 38.91 ? 94  ASP A CB  1 
ATOM   758  C CG  . ASP A 1 94  ? -3.596  16.143  -6.925  1.00 42.56 ? 94  ASP A CG  1 
ATOM   759  O OD1 . ASP A 1 94  ? -3.597  15.841  -5.714  1.00 48.11 ? 94  ASP A OD1 1 
ATOM   760  O OD2 . ASP A 1 94  ? -4.625  16.454  -7.559  1.00 42.53 ? 94  ASP A OD2 1 
ATOM   761  N N   . ASP A 1 95  ? 0.555   15.247  -8.454  1.00 33.73 ? 95  ASP A N   1 
ATOM   762  C CA  . ASP A 1 95  ? 1.703   15.221  -9.348  1.00 33.62 ? 95  ASP A CA  1 
ATOM   763  C C   . ASP A 1 95  ? 1.909   13.755  -9.749  1.00 33.49 ? 95  ASP A C   1 
ATOM   764  O O   . ASP A 1 95  ? 2.162   13.437  -10.909 1.00 34.22 ? 95  ASP A O   1 
ATOM   765  C CB  . ASP A 1 95  ? 2.949   15.729  -8.611  1.00 33.87 ? 95  ASP A CB  1 
ATOM   766  C CG  . ASP A 1 95  ? 3.335   17.148  -8.998  1.00 32.31 ? 95  ASP A CG  1 
ATOM   767  O OD1 . ASP A 1 95  ? 2.435   17.949  -9.332  1.00 31.23 ? 95  ASP A OD1 1 
ATOM   768  O OD2 . ASP A 1 95  ? 4.550   17.455  -8.944  1.00 30.15 ? 95  ASP A OD2 1 
ATOM   769  N N   . ALA A 1 96  ? 1.783   12.868  -8.771  1.00 33.64 ? 96  ALA A N   1 
ATOM   770  C CA  . ALA A 1 96  ? 1.958   11.443  -8.994  1.00 32.89 ? 96  ALA A CA  1 
ATOM   771  C C   . ALA A 1 96  ? 0.805   10.811  -9.777  1.00 33.05 ? 96  ALA A C   1 
ATOM   772  O O   . ALA A 1 96  ? 1.036   10.047  -10.716 1.00 30.46 ? 96  ALA A O   1 
ATOM   773  C CB  . ALA A 1 96  ? 2.130   10.742  -7.664  1.00 32.07 ? 96  ALA A CB  1 
ATOM   774  N N   . LEU A 1 97  ? -0.432  11.123  -9.398  1.00 32.64 ? 97  LEU A N   1 
ATOM   775  C CA  . LEU A 1 97  ? -1.585  10.553  -10.088 1.00 33.54 ? 97  LEU A CA  1 
ATOM   776  C C   . LEU A 1 97  ? -1.717  11.035  -11.531 1.00 33.69 ? 97  LEU A C   1 
ATOM   777  O O   . LEU A 1 97  ? -2.259  10.326  -12.380 1.00 33.51 ? 97  LEU A O   1 
ATOM   778  C CB  . LEU A 1 97  ? -2.877  10.844  -9.313  1.00 34.08 ? 97  LEU A CB  1 
ATOM   779  C CG  . LEU A 1 97  ? -3.113  10.013  -8.041  1.00 35.72 ? 97  LEU A CG  1 
ATOM   780  C CD1 . LEU A 1 97  ? -4.351  10.506  -7.293  1.00 32.88 ? 97  LEU A CD1 1 
ATOM   781  C CD2 . LEU A 1 97  ? -3.271  8.547   -8.421  1.00 35.48 ? 97  LEU A CD2 1 
ATOM   782  N N   . ARG A 1 98  ? -1.222  12.234  -11.819 1.00 33.83 ? 98  ARG A N   1 
ATOM   783  C CA  . ARG A 1 98  ? -1.301  12.755  -13.180 1.00 34.34 ? 98  ARG A CA  1 
ATOM   784  C C   . ARG A 1 98  ? -0.147  12.206  -14.023 1.00 32.15 ? 98  ARG A C   1 
ATOM   785  O O   . ARG A 1 98  ? -0.256  12.072  -15.243 1.00 32.37 ? 98  ARG A O   1 
ATOM   786  C CB  . ARG A 1 98  ? -1.291  14.292  -13.166 1.00 38.09 ? 98  ARG A CB  1 
ATOM   787  C CG  . ARG A 1 98  ? -2.605  14.922  -12.667 1.00 45.53 ? 98  ARG A CG  1 
ATOM   788  C CD  . ARG A 1 98  ? -2.981  14.425  -11.258 1.00 52.43 ? 98  ARG A CD  1 
ATOM   789  N NE  . ARG A 1 98  ? -4.354  14.751  -10.865 1.00 57.14 ? 98  ARG A NE  1 
ATOM   790  C CZ  . ARG A 1 98  ? -4.881  14.485  -9.670  1.00 58.52 ? 98  ARG A CZ  1 
ATOM   791  N NH1 . ARG A 1 98  ? -4.160  13.886  -8.731  1.00 58.98 ? 98  ARG A NH1 1 
ATOM   792  N NH2 . ARG A 1 98  ? -6.137  14.817  -9.410  1.00 60.28 ? 98  ARG A NH2 1 
ATOM   793  N N   . LEU A 1 99  ? 0.956   11.875  -13.367 1.00 27.65 ? 99  LEU A N   1 
ATOM   794  C CA  . LEU A 1 99  ? 2.101   11.330  -14.069 1.00 29.01 ? 99  LEU A CA  1 
ATOM   795  C C   . LEU A 1 99  ? 1.784   9.918   -14.545 1.00 31.80 ? 99  LEU A C   1 
ATOM   796  O O   . LEU A 1 99  ? 2.082   9.533   -15.681 1.00 31.13 ? 99  LEU A O   1 
ATOM   797  C CB  . LEU A 1 99  ? 3.311   11.305  -13.135 1.00 28.48 ? 99  LEU A CB  1 
ATOM   798  C CG  . LEU A 1 99  ? 4.476   10.378  -13.482 1.00 28.04 ? 99  LEU A CG  1 
ATOM   799  C CD1 . LEU A 1 99  ? 4.898   10.571  -14.928 1.00 29.27 ? 99  LEU A CD1 1 
ATOM   800  C CD2 . LEU A 1 99  ? 5.631   10.667  -12.538 1.00 27.53 ? 99  LEU A CD2 1 
ATOM   801  N N   . ILE A 1 100 ? 1.164   9.153   -13.659 1.00 32.71 ? 100 ILE A N   1 
ATOM   802  C CA  . ILE A 1 100 ? 0.803   7.777   -13.945 1.00 34.38 ? 100 ILE A CA  1 
ATOM   803  C C   . ILE A 1 100 ? -0.155  7.647   -15.131 1.00 36.68 ? 100 ILE A C   1 
ATOM   804  O O   . ILE A 1 100 ? -0.181  6.617   -15.809 1.00 36.20 ? 100 ILE A O   1 
ATOM   805  C CB  . ILE A 1 100 ? 0.200   7.136   -12.682 1.00 34.41 ? 100 ILE A CB  1 
ATOM   806  C CG1 . ILE A 1 100 ? 1.287   7.071   -11.597 1.00 33.95 ? 100 ILE A CG1 1 
ATOM   807  C CG2 . ILE A 1 100 ? -0.375  5.754   -13.000 1.00 33.38 ? 100 ILE A CG2 1 
ATOM   808  C CD1 . ILE A 1 100 ? 0.761   6.936   -10.191 1.00 32.51 ? 100 ILE A CD1 1 
ATOM   809  N N   . GLU A 1 101 ? -0.927  8.695   -15.396 1.00 38.17 ? 101 GLU A N   1 
ATOM   810  C CA  . GLU A 1 101 ? -1.867  8.650   -16.505 1.00 38.23 ? 101 GLU A CA  1 
ATOM   811  C C   . GLU A 1 101 ? -1.298  9.174   -17.833 1.00 36.07 ? 101 GLU A C   1 
ATOM   812  O O   . GLU A 1 101 ? -2.031  9.359   -18.801 1.00 36.37 ? 101 GLU A O   1 
ATOM   813  C CB  . GLU A 1 101 ? -3.146  9.404   -16.129 1.00 42.62 ? 101 GLU A CB  1 
ATOM   814  C CG  . GLU A 1 101 ? -4.411  8.685   -16.588 1.00 53.04 ? 101 GLU A CG  1 
ATOM   815  C CD  . GLU A 1 101 ? -4.477  7.221   -16.120 1.00 58.32 ? 101 GLU A CD  1 
ATOM   816  O OE1 . GLU A 1 101 ? -5.383  6.488   -16.579 1.00 61.01 ? 101 GLU A OE1 1 
ATOM   817  O OE2 . GLU A 1 101 ? -3.631  6.802   -15.296 1.00 59.53 ? 101 GLU A OE2 1 
ATOM   818  N N   . GLN A 1 102 ? 0.011   9.403   -17.879 1.00 32.91 ? 102 GLN A N   1 
ATOM   819  C CA  . GLN A 1 102 ? 0.657   9.888   -19.091 1.00 30.43 ? 102 GLN A CA  1 
ATOM   820  C C   . GLN A 1 102 ? 0.799   8.734   -20.090 1.00 30.70 ? 102 GLN A C   1 
ATOM   821  O O   . GLN A 1 102 ? 1.193   7.624   -19.719 1.00 29.41 ? 102 GLN A O   1 
ATOM   822  C CB  . GLN A 1 102 ? 2.029   10.467  -18.747 1.00 30.02 ? 102 GLN A CB  1 
ATOM   823  C CG  . GLN A 1 102 ? 1.957   11.727  -17.912 1.00 29.13 ? 102 GLN A CG  1 
ATOM   824  C CD  . GLN A 1 102 ? 1.399   12.891  -18.702 1.00 32.78 ? 102 GLN A CD  1 
ATOM   825  O OE1 . GLN A 1 102 ? 2.032   13.365  -19.650 1.00 33.93 ? 102 GLN A OE1 1 
ATOM   826  N NE2 . GLN A 1 102 ? 0.205   13.354  -18.330 1.00 29.54 ? 102 GLN A NE2 1 
ATOM   827  N N   . PRO A 1 103 ? 0.480   8.984   -21.375 1.00 29.40 ? 103 PRO A N   1 
ATOM   828  C CA  . PRO A 1 103 ? 0.565   7.970   -22.434 1.00 28.32 ? 103 PRO A CA  1 
ATOM   829  C C   . PRO A 1 103 ? 1.808   7.101   -22.322 1.00 29.30 ? 103 PRO A C   1 
ATOM   830  O O   . PRO A 1 103 ? 1.738   5.878   -22.420 1.00 29.68 ? 103 PRO A O   1 
ATOM   831  C CB  . PRO A 1 103 ? 0.557   8.812   -23.707 1.00 27.15 ? 103 PRO A CB  1 
ATOM   832  C CG  . PRO A 1 103 ? -0.357  9.929   -23.338 1.00 26.29 ? 103 PRO A CG  1 
ATOM   833  C CD  . PRO A 1 103 ? 0.104   10.294  -21.940 1.00 26.80 ? 103 PRO A CD  1 
ATOM   834  N N   . GLU A 1 104 ? 2.936   7.769   -22.108 1.00 31.13 ? 104 GLU A N   1 
ATOM   835  C CA  . GLU A 1 104 ? 4.265   7.172   -21.973 1.00 30.42 ? 104 GLU A CA  1 
ATOM   836  C C   . GLU A 1 104 ? 4.355   6.124   -20.862 1.00 32.34 ? 104 GLU A C   1 
ATOM   837  O O   . GLU A 1 104 ? 5.099   5.154   -20.991 1.00 32.33 ? 104 GLU A O   1 
ATOM   838  C CB  . GLU A 1 104 ? 5.269   8.302   -21.719 1.00 30.89 ? 104 GLU A CB  1 
ATOM   839  C CG  . GLU A 1 104 ? 4.580   9.667   -21.666 1.00 30.99 ? 104 GLU A CG  1 
ATOM   840  C CD  . GLU A 1 104 ? 5.472   10.785  -21.213 1.00 33.54 ? 104 GLU A CD  1 
ATOM   841  O OE1 . GLU A 1 104 ? 4.954   11.908  -21.047 1.00 38.14 ? 104 GLU A OE1 1 
ATOM   842  O OE2 . GLU A 1 104 ? 6.684   10.558  -21.020 1.00 39.90 ? 104 GLU A OE2 1 
ATOM   843  N N   . LEU A 1 105 ? 3.613   6.334   -19.771 1.00 35.14 ? 105 LEU A N   1 
ATOM   844  C CA  . LEU A 1 105 ? 3.593   5.408   -18.627 1.00 35.05 ? 105 LEU A CA  1 
ATOM   845  C C   . LEU A 1 105 ? 2.503   4.352   -18.767 1.00 35.59 ? 105 LEU A C   1 
ATOM   846  O O   . LEU A 1 105 ? 2.783   3.159   -18.789 1.00 36.22 ? 105 LEU A O   1 
ATOM   847  C CB  . LEU A 1 105 ? 3.346   6.159   -17.313 1.00 33.93 ? 105 LEU A CB  1 
ATOM   848  C CG  . LEU A 1 105 ? 4.509   6.568   -16.410 1.00 31.95 ? 105 LEU A CG  1 
ATOM   849  C CD1 . LEU A 1 105 ? 5.342   5.353   -16.042 1.00 28.38 ? 105 LEU A CD1 1 
ATOM   850  C CD2 . LEU A 1 105 ? 5.343   7.604   -17.125 1.00 34.96 ? 105 LEU A CD2 1 
ATOM   851  N N   . ALA A 1 106 ? 1.259   4.812   -18.846 1.00 35.67 ? 106 ALA A N   1 
ATOM   852  C CA  . ALA A 1 106 ? 0.097   3.941   -18.970 1.00 37.12 ? 106 ALA A CA  1 
ATOM   853  C C   . ALA A 1 106 ? 0.360   2.712   -19.840 1.00 38.09 ? 106 ALA A C   1 
ATOM   854  O O   . ALA A 1 106 ? -0.175  1.628   -19.600 1.00 39.11 ? 106 ALA A O   1 
ATOM   855  C CB  . ALA A 1 106 ? -1.065  4.734   -19.536 1.00 36.69 ? 106 ALA A CB  1 
ATOM   856  N N   . SER A 1 107 ? 1.184   2.896   -20.859 1.00 38.93 ? 107 SER A N   1 
ATOM   857  C CA  . SER A 1 107 ? 1.527   1.827   -21.776 1.00 37.37 ? 107 SER A CA  1 
ATOM   858  C C   . SER A 1 107 ? 2.243   0.696   -21.064 1.00 36.23 ? 107 SER A C   1 
ATOM   859  O O   . SER A 1 107 ? 2.269   -0.432  -21.549 1.00 36.54 ? 107 SER A O   1 
ATOM   860  C CB  . SER A 1 107 ? 2.424   2.378   -22.888 1.00 38.21 ? 107 SER A CB  1 
ATOM   861  O OG  . SER A 1 107 ? 3.412   1.431   -23.266 1.00 40.98 ? 107 SER A OG  1 
ATOM   862  N N   . LYS A 1 108 ? 2.816   0.990   -19.905 1.00 34.68 ? 108 LYS A N   1 
ATOM   863  C CA  . LYS A 1 108 ? 3.567   -0.019  -19.177 1.00 33.70 ? 108 LYS A CA  1 
ATOM   864  C C   . LYS A 1 108 ? 3.189   -0.263  -17.722 1.00 30.29 ? 108 LYS A C   1 
ATOM   865  O O   . LYS A 1 108 ? 3.898   -0.958  -17.015 1.00 28.89 ? 108 LYS A O   1 
ATOM   866  C CB  . LYS A 1 108 ? 5.054   0.316   -19.268 1.00 37.01 ? 108 LYS A CB  1 
ATOM   867  C CG  . LYS A 1 108 ? 5.396   1.725   -18.836 1.00 42.46 ? 108 LYS A CG  1 
ATOM   868  C CD  . LYS A 1 108 ? 6.757   2.155   -19.381 1.00 47.80 ? 108 LYS A CD  1 
ATOM   869  C CE  . LYS A 1 108 ? 7.875   1.232   -18.904 1.00 51.37 ? 108 LYS A CE  1 
ATOM   870  N NZ  . LYS A 1 108 ? 9.223   1.769   -19.260 1.00 54.72 ? 108 LYS A NZ  1 
ATOM   871  N N   . VAL A 1 109 ? 2.069   0.293   -17.280 1.00 29.74 ? 109 VAL A N   1 
ATOM   872  C CA  . VAL A 1 109 ? 1.634   0.122   -15.903 1.00 27.89 ? 109 VAL A CA  1 
ATOM   873  C C   . VAL A 1 109 ? 0.295   -0.591  -15.869 1.00 27.30 ? 109 VAL A C   1 
ATOM   874  O O   . VAL A 1 109 ? -0.592  -0.307  -16.670 1.00 26.15 ? 109 VAL A O   1 
ATOM   875  C CB  . VAL A 1 109 ? 1.503   1.497   -15.187 1.00 29.58 ? 109 VAL A CB  1 
ATOM   876  C CG1 . VAL A 1 109 ? 0.752   1.348   -13.884 1.00 29.40 ? 109 VAL A CG1 1 
ATOM   877  C CG2 . VAL A 1 109 ? 2.884   2.067   -14.914 1.00 29.61 ? 109 VAL A CG2 1 
ATOM   878  N N   . ASP A 1 110 ? 0.164   -1.531  -14.939 1.00 26.73 ? 110 ASP A N   1 
ATOM   879  C CA  . ASP A 1 110 ? -1.062  -2.287  -14.782 1.00 26.43 ? 110 ASP A CA  1 
ATOM   880  C C   . ASP A 1 110 ? -1.783  -1.745  -13.547 1.00 27.00 ? 110 ASP A C   1 
ATOM   881  O O   . ASP A 1 110 ? -2.604  -0.835  -13.649 1.00 29.97 ? 110 ASP A O   1 
ATOM   882  C CB  . ASP A 1 110 ? -0.738  -3.782  -14.632 1.00 27.13 ? 110 ASP A CB  1 
ATOM   883  C CG  . ASP A 1 110 ? -1.976  -4.667  -14.679 1.00 27.38 ? 110 ASP A CG  1 
ATOM   884  O OD1 . ASP A 1 110 ? -2.887  -4.362  -15.474 1.00 30.79 ? 110 ASP A OD1 1 
ATOM   885  O OD2 . ASP A 1 110 ? -2.035  -5.678  -13.938 1.00 25.46 ? 110 ASP A OD2 1 
ATOM   886  N N   . MET A 1 111 ? -1.464  -2.275  -12.374 1.00 25.15 ? 111 MET A N   1 
ATOM   887  C CA  . MET A 1 111 ? -2.118  -1.817  -11.158 1.00 23.07 ? 111 MET A CA  1 
ATOM   888  C C   . MET A 1 111 ? -1.311  -0.790  -10.371 1.00 24.94 ? 111 MET A C   1 
ATOM   889  O O   . MET A 1 111 ? -0.074  -0.820  -10.366 1.00 24.32 ? 111 MET A O   1 
ATOM   890  C CB  . MET A 1 111 ? -2.410  -3.004  -10.258 1.00 20.92 ? 111 MET A CB  1 
ATOM   891  C CG  . MET A 1 111 ? -3.269  -4.054  -10.891 1.00 22.31 ? 111 MET A CG  1 
ATOM   892  S SD  . MET A 1 111 ? -3.455  -5.437  -9.771  1.00 25.03 ? 111 MET A SD  1 
ATOM   893  C CE  . MET A 1 111 ? -4.960  -4.949  -8.925  1.00 27.64 ? 111 MET A CE  1 
ATOM   894  N N   . VAL A 1 112 ? -2.016  0.120   -9.707  1.00 22.96 ? 112 VAL A N   1 
ATOM   895  C CA  . VAL A 1 112 ? -1.355  1.124   -8.882  1.00 22.02 ? 112 VAL A CA  1 
ATOM   896  C C   . VAL A 1 112 ? -1.700  0.858   -7.418  1.00 22.52 ? 112 VAL A C   1 
ATOM   897  O O   . VAL A 1 112 ? -2.879  0.728   -7.057  1.00 20.24 ? 112 VAL A O   1 
ATOM   898  C CB  . VAL A 1 112 ? -1.784  2.559   -9.240  1.00 20.68 ? 112 VAL A CB  1 
ATOM   899  C CG1 . VAL A 1 112 ? -1.120  3.540   -8.284  1.00 22.17 ? 112 VAL A CG1 1 
ATOM   900  C CG2 . VAL A 1 112 ? -1.381  2.882   -10.673 1.00 21.35 ? 112 VAL A CG2 1 
ATOM   901  N N   . TRP A 1 113 ? -0.656  0.782   -6.592  1.00 21.20 ? 113 TRP A N   1 
ATOM   902  C CA  . TRP A 1 113 ? -0.783  0.517   -5.164  1.00 19.89 ? 113 TRP A CA  1 
ATOM   903  C C   . TRP A 1 113 ? -0.250  1.638   -4.284  1.00 19.92 ? 113 TRP A C   1 
ATOM   904  O O   . TRP A 1 113 ? 0.886   2.058   -4.444  1.00 22.48 ? 113 TRP A O   1 
ATOM   905  C CB  . TRP A 1 113 ? -0.015  -0.764  -4.796  1.00 18.97 ? 113 TRP A CB  1 
ATOM   906  C CG  . TRP A 1 113 ? -0.532  -1.997  -5.449  1.00 18.05 ? 113 TRP A CG  1 
ATOM   907  C CD1 . TRP A 1 113 ? -0.276  -2.429  -6.717  1.00 16.63 ? 113 TRP A CD1 1 
ATOM   908  C CD2 . TRP A 1 113 ? -1.492  -2.904  -4.896  1.00 17.94 ? 113 TRP A CD2 1 
ATOM   909  N NE1 . TRP A 1 113 ? -1.027  -3.546  -6.997  1.00 18.19 ? 113 TRP A NE1 1 
ATOM   910  C CE2 . TRP A 1 113 ? -1.783  -3.859  -5.897  1.00 18.47 ? 113 TRP A CE2 1 
ATOM   911  C CE3 . TRP A 1 113 ? -2.135  -3.001  -3.650  1.00 13.45 ? 113 TRP A CE3 1 
ATOM   912  C CZ2 . TRP A 1 113 ? -2.695  -4.899  -5.693  1.00 19.01 ? 113 TRP A CZ2 1 
ATOM   913  C CZ3 . TRP A 1 113 ? -3.034  -4.029  -3.444  1.00 17.25 ? 113 TRP A CZ3 1 
ATOM   914  C CH2 . TRP A 1 113 ? -3.311  -4.970  -4.465  1.00 20.15 ? 113 TRP A CH2 1 
ATOM   915  N N   . ILE A 1 114 ? -1.063  2.128   -3.360  1.00 19.90 ? 114 ILE A N   1 
ATOM   916  C CA  . ILE A 1 114 ? -0.593  3.140   -2.420  1.00 20.27 ? 114 ILE A CA  1 
ATOM   917  C C   . ILE A 1 114 ? -0.135  2.226   -1.289  1.00 19.86 ? 114 ILE A C   1 
ATOM   918  O O   . ILE A 1 114 ? -0.926  1.425   -0.796  1.00 19.80 ? 114 ILE A O   1 
ATOM   919  C CB  . ILE A 1 114 ? -1.732  4.030   -1.902  1.00 21.59 ? 114 ILE A CB  1 
ATOM   920  C CG1 . ILE A 1 114 ? -2.539  4.616   -3.070  1.00 22.60 ? 114 ILE A CG1 1 
ATOM   921  C CG2 . ILE A 1 114 ? -1.157  5.132   -1.046  1.00 23.77 ? 114 ILE A CG2 1 
ATOM   922  C CD1 . ILE A 1 114 ? -1.784  5.550   -3.961  1.00 21.27 ? 114 ILE A CD1 1 
ATOM   923  N N   . VAL A 1 115 ? 1.124   2.314   -0.877  1.00 20.20 ? 115 VAL A N   1 
ATOM   924  C CA  . VAL A 1 115 ? 1.589   1.397   0.159   1.00 20.02 ? 115 VAL A CA  1 
ATOM   925  C C   . VAL A 1 115 ? 2.179   2.007   1.416   1.00 21.73 ? 115 VAL A C   1 
ATOM   926  O O   . VAL A 1 115 ? 2.559   1.278   2.341   1.00 21.68 ? 115 VAL A O   1 
ATOM   927  C CB  . VAL A 1 115 ? 2.656   0.404   -0.395  1.00 19.17 ? 115 VAL A CB  1 
ATOM   928  C CG1 . VAL A 1 115 ? 2.242   -0.104  -1.765  1.00 16.31 ? 115 VAL A CG1 1 
ATOM   929  C CG2 . VAL A 1 115 ? 4.030   1.070   -0.431  1.00 13.08 ? 115 VAL A CG2 1 
ATOM   930  N N   . GLY A 1 116 ? 2.258   3.325   1.490   1.00 23.36 ? 116 GLY A N   1 
ATOM   931  C CA  . GLY A 1 116 ? 2.877   3.855   2.684   1.00 26.06 ? 116 GLY A CA  1 
ATOM   932  C C   . GLY A 1 116 ? 2.670   5.305   3.008   1.00 27.19 ? 116 GLY A C   1 
ATOM   933  O O   . GLY A 1 116 ? 2.931   6.179   2.188   1.00 26.87 ? 116 GLY A O   1 
ATOM   934  N N   . GLY A 1 117 ? 2.219   5.530   4.242   1.00 28.85 ? 117 GLY A N   1 
ATOM   935  C CA  . GLY A 1 117 ? 1.953   6.851   4.742   1.00 26.58 ? 117 GLY A CA  1 
ATOM   936  C C   . GLY A 1 117 ? 0.564   6.984   5.277   1.00 28.09 ? 117 GLY A C   1 
ATOM   937  O O   . GLY A 1 117 ? -0.401  6.700   4.575   1.00 30.90 ? 117 GLY A O   1 
ATOM   938  N N   . SER A 1 118 ? 0.458   7.399   6.530   1.00 27.73 ? 118 SER A N   1 
ATOM   939  C CA  . SER A 1 118 ? -0.840  7.605   7.132   1.00 29.06 ? 118 SER A CA  1 
ATOM   940  C C   . SER A 1 118 ? -1.390  8.774   6.336   1.00 29.49 ? 118 SER A C   1 
ATOM   941  O O   . SER A 1 118 ? -2.569  8.820   6.002   1.00 31.80 ? 118 SER A O   1 
ATOM   942  C CB  . SER A 1 118 ? -0.675  8.001   8.590   1.00 31.03 ? 118 SER A CB  1 
ATOM   943  O OG  . SER A 1 118 ? 0.485   7.389   9.120   1.00 36.29 ? 118 SER A OG  1 
ATOM   944  N N   . SER A 1 119 ? -0.500  9.708   6.015   1.00 30.94 ? 119 SER A N   1 
ATOM   945  C CA  . SER A 1 119 ? -0.850  10.904  5.254   1.00 30.81 ? 119 SER A CA  1 
ATOM   946  C C   . SER A 1 119 ? -1.273  10.579  3.828   1.00 29.54 ? 119 SER A C   1 
ATOM   947  O O   . SER A 1 119 ? -2.254  11.131  3.329   1.00 29.13 ? 119 SER A O   1 
ATOM   948  C CB  . SER A 1 119 ? 0.338   11.882  5.246   1.00 33.73 ? 119 SER A CB  1 
ATOM   949  O OG  . SER A 1 119 ? 1.570   11.211  5.490   1.00 36.69 ? 119 SER A OG  1 
ATOM   950  N N   . VAL A 1 120 ? -0.530  9.682   3.178   1.00 28.41 ? 120 VAL A N   1 
ATOM   951  C CA  . VAL A 1 120 ? -0.834  9.281   1.807   1.00 25.74 ? 120 VAL A CA  1 
ATOM   952  C C   . VAL A 1 120 ? -2.154  8.497   1.778   1.00 27.35 ? 120 VAL A C   1 
ATOM   953  O O   . VAL A 1 120 ? -3.001  8.700   0.895   1.00 28.95 ? 120 VAL A O   1 
ATOM   954  C CB  . VAL A 1 120 ? 0.297   8.419   1.229   1.00 23.70 ? 120 VAL A CB  1 
ATOM   955  C CG1 . VAL A 1 120 ? 0.054   8.171   -0.240  1.00 22.58 ? 120 VAL A CG1 1 
ATOM   956  C CG2 . VAL A 1 120 ? 1.634   9.107   1.442   1.00 19.83 ? 120 VAL A CG2 1 
ATOM   957  N N   . TYR A 1 121 ? -2.319  7.598   2.744   1.00 26.21 ? 121 TYR A N   1 
ATOM   958  C CA  . TYR A 1 121 ? -3.548  6.817   2.859   1.00 26.99 ? 121 TYR A CA  1 
ATOM   959  C C   . TYR A 1 121 ? -4.714  7.805   2.958   1.00 29.36 ? 121 TYR A C   1 
ATOM   960  O O   . TYR A 1 121 ? -5.666  7.740   2.180   1.00 28.37 ? 121 TYR A O   1 
ATOM   961  C CB  . TYR A 1 121 ? -3.514  5.960   4.127   1.00 23.94 ? 121 TYR A CB  1 
ATOM   962  C CG  . TYR A 1 121 ? -2.604  4.760   4.073   1.00 20.14 ? 121 TYR A CG  1 
ATOM   963  C CD1 . TYR A 1 121 ? -1.911  4.341   5.209   1.00 20.97 ? 121 TYR A CD1 1 
ATOM   964  C CD2 . TYR A 1 121 ? -2.487  4.001   2.914   1.00 18.76 ? 121 TYR A CD2 1 
ATOM   965  C CE1 . TYR A 1 121 ? -1.122  3.190   5.193   1.00 19.68 ? 121 TYR A CE1 1 
ATOM   966  C CE2 . TYR A 1 121 ? -1.707  2.847   2.887   1.00 16.93 ? 121 TYR A CE2 1 
ATOM   967  C CZ  . TYR A 1 121 ? -1.033  2.449   4.025   1.00 17.66 ? 121 TYR A CZ  1 
ATOM   968  O OH  . TYR A 1 121 ? -0.271  1.305   3.991   1.00 21.70 ? 121 TYR A OH  1 
ATOM   969  N N   . GLN A 1 122 ? -4.619  8.722   3.925   1.00 32.22 ? 122 GLN A N   1 
ATOM   970  C CA  . GLN A 1 122 ? -5.638  9.739   4.156   1.00 34.60 ? 122 GLN A CA  1 
ATOM   971  C C   . GLN A 1 122 ? -5.984  10.520  2.899   1.00 37.25 ? 122 GLN A C   1 
ATOM   972  O O   . GLN A 1 122 ? -7.153  10.594  2.528   1.00 38.35 ? 122 GLN A O   1 
ATOM   973  C CB  . GLN A 1 122 ? -5.187  10.713  5.244   1.00 36.20 ? 122 GLN A CB  1 
ATOM   974  C CG  . GLN A 1 122 ? -5.205  10.121  6.658   1.00 40.33 ? 122 GLN A CG  1 
ATOM   975  C CD  . GLN A 1 122 ? -4.183  10.775  7.586   1.00 40.26 ? 122 GLN A CD  1 
ATOM   976  O OE1 . GLN A 1 122 ? -4.050  10.398  8.748   1.00 38.72 ? 122 GLN A OE1 1 
ATOM   977  N NE2 . GLN A 1 122 ? -3.456  11.755  7.071   1.00 44.18 ? 122 GLN A NE2 1 
ATOM   978  N N   . GLU A 1 123 ? -4.988  11.102  2.234   1.00 39.15 ? 123 GLU A N   1 
ATOM   979  C CA  . GLU A 1 123 ? -5.288  11.875  1.031   1.00 40.79 ? 123 GLU A CA  1 
ATOM   980  C C   . GLU A 1 123 ? -5.770  11.009  -0.127  1.00 40.54 ? 123 GLU A C   1 
ATOM   981  O O   . GLU A 1 123 ? -6.482  11.492  -1.008  1.00 40.31 ? 123 GLU A O   1 
ATOM   982  C CB  . GLU A 1 123 ? -4.086  12.704  0.570   1.00 43.19 ? 123 GLU A CB  1 
ATOM   983  C CG  . GLU A 1 123 ? -4.536  13.992  -0.126  1.00 46.84 ? 123 GLU A CG  1 
ATOM   984  C CD  . GLU A 1 123 ? -3.507  14.566  -1.073  1.00 48.40 ? 123 GLU A CD  1 
ATOM   985  O OE1 . GLU A 1 123 ? -2.340  14.722  -0.657  1.00 49.55 ? 123 GLU A OE1 1 
ATOM   986  O OE2 . GLU A 1 123 ? -3.872  14.870  -2.235  1.00 50.12 ? 123 GLU A OE2 1 
ATOM   987  N N   . ALA A 1 124 ? -5.376  9.738   -0.134  1.00 41.07 ? 124 ALA A N   1 
ATOM   988  C CA  . ALA A 1 124 ? -5.804  8.820   -1.184  1.00 41.21 ? 124 ALA A CA  1 
ATOM   989  C C   . ALA A 1 124 ? -7.304  8.567   -1.033  1.00 42.28 ? 124 ALA A C   1 
ATOM   990  O O   . ALA A 1 124 ? -8.048  8.610   -2.006  1.00 41.77 ? 124 ALA A O   1 
ATOM   991  C CB  . ALA A 1 124 ? -5.034  7.510   -1.084  1.00 39.59 ? 124 ALA A CB  1 
ATOM   992  N N   . MET A 1 125 ? -7.737  8.321   0.202   1.00 44.63 ? 125 MET A N   1 
ATOM   993  C CA  . MET A 1 125 ? -9.145  8.059   0.519   1.00 47.80 ? 125 MET A CA  1 
ATOM   994  C C   . MET A 1 125 ? -10.032 9.311   0.413   1.00 49.58 ? 125 MET A C   1 
ATOM   995  O O   . MET A 1 125 ? -11.209 9.222   0.058   1.00 48.78 ? 125 MET A O   1 
ATOM   996  C CB  . MET A 1 125 ? -9.256  7.481   1.938   1.00 48.16 ? 125 MET A CB  1 
ATOM   997  C CG  . MET A 1 125 ? -8.525  6.151   2.146   1.00 47.71 ? 125 MET A CG  1 
ATOM   998  S SD  . MET A 1 125 ? -8.379  5.656   3.894   1.00 46.51 ? 125 MET A SD  1 
ATOM   999  C CE  . MET A 1 125 ? -9.628  4.383   4.012   1.00 48.03 ? 125 MET A CE  1 
ATOM   1000 N N   . ASN A 1 126 ? -9.458  10.468  0.734   1.00 52.31 ? 126 ASN A N   1 
ATOM   1001 C CA  . ASN A 1 126 ? -10.165 11.749  0.689   1.00 53.45 ? 126 ASN A CA  1 
ATOM   1002 C C   . ASN A 1 126 ? -10.384 12.253  -0.722  1.00 53.41 ? 126 ASN A C   1 
ATOM   1003 O O   . ASN A 1 126 ? -10.221 13.446  -0.975  1.00 54.11 ? 126 ASN A O   1 
ATOM   1004 C CB  . ASN A 1 126 ? -9.381  12.818  1.457   1.00 54.65 ? 126 ASN A CB  1 
ATOM   1005 C CG  . ASN A 1 126 ? -9.662  12.792  2.937   1.00 56.97 ? 126 ASN A CG  1 
ATOM   1006 O OD1 . ASN A 1 126 ? -10.062 11.762  3.485   1.00 60.11 ? 126 ASN A OD1 1 
ATOM   1007 N ND2 . ASN A 1 126 ? -9.442  13.924  3.605   1.00 57.16 ? 126 ASN A ND2 1 
ATOM   1008 N N   . GLN A 1 127 ? -10.750 11.367  -1.642  1.00 52.22 ? 127 GLN A N   1 
ATOM   1009 C CA  . GLN A 1 127 ? -10.968 11.807  -3.008  1.00 52.91 ? 127 GLN A CA  1 
ATOM   1010 C C   . GLN A 1 127 ? -11.650 10.771  -3.882  1.00 53.27 ? 127 GLN A C   1 
ATOM   1011 O O   . GLN A 1 127 ? -11.260 9.606   -3.899  1.00 54.84 ? 127 GLN A O   1 
ATOM   1012 C CB  . GLN A 1 127 ? -9.640  12.223  -3.641  1.00 54.17 ? 127 GLN A CB  1 
ATOM   1013 C CG  . GLN A 1 127 ? -8.733  11.086  -4.063  1.00 52.74 ? 127 GLN A CG  1 
ATOM   1014 C CD  . GLN A 1 127 ? -7.353  11.586  -4.439  1.00 53.64 ? 127 GLN A CD  1 
ATOM   1015 O OE1 . GLN A 1 127 ? -6.618  10.924  -5.171  1.00 54.10 ? 127 GLN A OE1 1 
ATOM   1016 N NE2 . GLN A 1 127 ? -6.989  12.761  -3.927  1.00 53.37 ? 127 GLN A NE2 1 
ATOM   1017 N N   . PRO A 1 128 ? -12.674 11.201  -4.641  1.00 52.66 ? 128 PRO A N   1 
ATOM   1018 C CA  . PRO A 1 128 ? -13.498 10.411  -5.564  1.00 50.07 ? 128 PRO A CA  1 
ATOM   1019 C C   . PRO A 1 128 ? -12.751 9.450   -6.475  1.00 45.66 ? 128 PRO A C   1 
ATOM   1020 O O   . PRO A 1 128 ? -11.616 9.696   -6.868  1.00 44.69 ? 128 PRO A O   1 
ATOM   1021 C CB  . PRO A 1 128 ? -14.245 11.481  -6.353  1.00 52.23 ? 128 PRO A CB  1 
ATOM   1022 C CG  . PRO A 1 128 ? -14.471 12.521  -5.325  1.00 55.22 ? 128 PRO A CG  1 
ATOM   1023 C CD  . PRO A 1 128 ? -13.110 12.609  -4.653  1.00 53.87 ? 128 PRO A CD  1 
ATOM   1024 N N   . GLY A 1 129 ? -13.420 8.356   -6.815  1.00 41.44 ? 129 GLY A N   1 
ATOM   1025 C CA  . GLY A 1 129 ? -12.823 7.367   -7.678  1.00 36.61 ? 129 GLY A CA  1 
ATOM   1026 C C   . GLY A 1 129 ? -12.987 5.962   -7.147  1.00 34.73 ? 129 GLY A C   1 
ATOM   1027 O O   . GLY A 1 129 ? -13.253 5.739   -5.966  1.00 34.37 ? 129 GLY A O   1 
ATOM   1028 N N   . HIS A 1 130 ? -12.832 5.004   -8.044  1.00 33.13 ? 130 HIS A N   1 
ATOM   1029 C CA  . HIS A 1 130 ? -12.929 3.608   -7.692  1.00 33.66 ? 130 HIS A CA  1 
ATOM   1030 C C   . HIS A 1 130 ? -11.714 3.301   -6.820  1.00 31.98 ? 130 HIS A C   1 
ATOM   1031 O O   . HIS A 1 130 ? -10.593 3.232   -7.318  1.00 30.82 ? 130 HIS A O   1 
ATOM   1032 C CB  . HIS A 1 130 ? -12.927 2.774   -8.979  1.00 37.21 ? 130 HIS A CB  1 
ATOM   1033 C CG  . HIS A 1 130 ? -12.972 1.299   -8.751  1.00 40.20 ? 130 HIS A CG  1 
ATOM   1034 N ND1 . HIS A 1 130 ? -13.513 0.737   -7.616  1.00 44.39 ? 130 HIS A ND1 1 
ATOM   1035 C CD2 . HIS A 1 130 ? -12.566 0.266   -9.525  1.00 42.86 ? 130 HIS A CD2 1 
ATOM   1036 C CE1 . HIS A 1 130 ? -13.437 -0.579  -7.699  1.00 45.23 ? 130 HIS A CE1 1 
ATOM   1037 N NE2 . HIS A 1 130 ? -12.865 -0.890  -8.848  1.00 44.67 ? 130 HIS A NE2 1 
ATOM   1038 N N   . LEU A 1 131 ? -11.940 3.143   -5.516  1.00 29.95 ? 131 LEU A N   1 
ATOM   1039 C CA  . LEU A 1 131 ? -10.856 2.858   -4.583  1.00 30.40 ? 131 LEU A CA  1 
ATOM   1040 C C   . LEU A 1 131 ? -11.052 1.534   -3.832  1.00 30.52 ? 131 LEU A C   1 
ATOM   1041 O O   . LEU A 1 131 ? -12.161 1.191   -3.433  1.00 33.92 ? 131 LEU A O   1 
ATOM   1042 C CB  . LEU A 1 131 ? -10.708 4.009   -3.578  1.00 30.82 ? 131 LEU A CB  1 
ATOM   1043 C CG  . LEU A 1 131 ? -9.501  3.914   -2.635  1.00 31.62 ? 131 LEU A CG  1 
ATOM   1044 C CD1 . LEU A 1 131 ? -8.251  4.302   -3.380  1.00 32.38 ? 131 LEU A CD1 1 
ATOM   1045 C CD2 . LEU A 1 131 ? -9.679  4.822   -1.446  1.00 34.63 ? 131 LEU A CD2 1 
ATOM   1046 N N   . ARG A 1 132 ? -9.959  0.798   -3.651  1.00 30.37 ? 132 ARG A N   1 
ATOM   1047 C CA  . ARG A 1 132 ? -9.972  -0.493  -2.964  1.00 30.23 ? 132 ARG A CA  1 
ATOM   1048 C C   . ARG A 1 132 ? -8.941  -0.543  -1.854  1.00 29.60 ? 132 ARG A C   1 
ATOM   1049 O O   . ARG A 1 132 ? -7.795  -0.118  -2.036  1.00 28.99 ? 132 ARG A O   1 
ATOM   1050 C CB  . ARG A 1 132 ? -9.661  -1.638  -3.929  1.00 31.13 ? 132 ARG A CB  1 
ATOM   1051 C CG  . ARG A 1 132 ? -10.772 -1.984  -4.872  1.00 32.80 ? 132 ARG A CG  1 
ATOM   1052 C CD  . ARG A 1 132 ? -10.365 -3.101  -5.805  1.00 31.08 ? 132 ARG A CD  1 
ATOM   1053 N NE  . ARG A 1 132 ? -11.461 -3.385  -6.717  1.00 38.23 ? 132 ARG A NE  1 
ATOM   1054 C CZ  . ARG A 1 132 ? -11.398 -4.246  -7.721  1.00 41.89 ? 132 ARG A CZ  1 
ATOM   1055 N NH1 . ARG A 1 132 ? -10.277 -4.914  -7.950  1.00 43.72 ? 132 ARG A NH1 1 
ATOM   1056 N NH2 . ARG A 1 132 ? -12.459 -4.433  -8.498  1.00 43.89 ? 132 ARG A NH2 1 
ATOM   1057 N N   . LEU A 1 133 ? -9.347  -1.102  -0.719  1.00 25.50 ? 133 LEU A N   1 
ATOM   1058 C CA  . LEU A 1 133 ? -8.473  -1.233  0.427   1.00 24.50 ? 133 LEU A CA  1 
ATOM   1059 C C   . LEU A 1 133 ? -8.185  -2.697  0.739   1.00 22.99 ? 133 LEU A C   1 
ATOM   1060 O O   . LEU A 1 133 ? -9.098  -3.483  0.977   1.00 24.43 ? 133 LEU A O   1 
ATOM   1061 C CB  . LEU A 1 133 ? -9.115  -0.589  1.657   1.00 26.58 ? 133 LEU A CB  1 
ATOM   1062 C CG  . LEU A 1 133 ? -9.490  0.888   1.616   1.00 25.61 ? 133 LEU A CG  1 
ATOM   1063 C CD1 . LEU A 1 133 ? -10.167 1.260   2.929   1.00 24.01 ? 133 LEU A CD1 1 
ATOM   1064 C CD2 . LEU A 1 133 ? -8.242  1.729   1.380   1.00 25.03 ? 133 LEU A CD2 1 
ATOM   1065 N N   . PHE A 1 134 ? -6.914  -3.066  0.737   1.00 21.97 ? 134 PHE A N   1 
ATOM   1066 C CA  . PHE A 1 134 ? -6.549  -4.430  1.068   1.00 19.87 ? 134 PHE A CA  1 
ATOM   1067 C C   . PHE A 1 134 ? -5.970  -4.312  2.463   1.00 21.03 ? 134 PHE A C   1 
ATOM   1068 O O   . PHE A 1 134 ? -4.874  -3.795  2.652   1.00 22.24 ? 134 PHE A O   1 
ATOM   1069 C CB  . PHE A 1 134 ? -5.520  -4.976  0.078   1.00 18.35 ? 134 PHE A CB  1 
ATOM   1070 C CG  . PHE A 1 134 ? -6.056  -5.150  -1.315  1.00 16.47 ? 134 PHE A CG  1 
ATOM   1071 C CD1 . PHE A 1 134 ? -6.281  -4.043  -2.136  1.00 15.69 ? 134 PHE A CD1 1 
ATOM   1072 C CD2 . PHE A 1 134 ? -6.369  -6.417  -1.799  1.00 17.60 ? 134 PHE A CD2 1 
ATOM   1073 C CE1 . PHE A 1 134 ? -6.808  -4.192  -3.422  1.00 11.59 ? 134 PHE A CE1 1 
ATOM   1074 C CE2 . PHE A 1 134 ? -6.900  -6.577  -3.090  1.00 18.32 ? 134 PHE A CE2 1 
ATOM   1075 C CZ  . PHE A 1 134 ? -7.120  -5.455  -3.899  1.00 15.38 ? 134 PHE A CZ  1 
ATOM   1076 N N   . VAL A 1 135 ? -6.739  -4.777  3.444   1.00 22.30 ? 135 VAL A N   1 
ATOM   1077 C CA  . VAL A 1 135 ? -6.360  -4.690  4.850   1.00 18.43 ? 135 VAL A CA  1 
ATOM   1078 C C   . VAL A 1 135 ? -5.963  -6.028  5.469   1.00 20.49 ? 135 VAL A C   1 
ATOM   1079 O O   . VAL A 1 135 ? -6.674  -7.026  5.331   1.00 22.49 ? 135 VAL A O   1 
ATOM   1080 C CB  . VAL A 1 135 ? -7.539  -4.123  5.686   1.00 16.39 ? 135 VAL A CB  1 
ATOM   1081 C CG1 . VAL A 1 135 ? -7.094  -3.836  7.110   1.00 14.81 ? 135 VAL A CG1 1 
ATOM   1082 C CG2 . VAL A 1 135 ? -8.091  -2.888  5.030   1.00 11.82 ? 135 VAL A CG2 1 
ATOM   1083 N N   . THR A 1 136 ? -4.816  -6.048  6.139   1.00 18.61 ? 136 THR A N   1 
ATOM   1084 C CA  . THR A 1 136 ? -4.372  -7.244  6.823   1.00 18.45 ? 136 THR A CA  1 
ATOM   1085 C C   . THR A 1 136 ? -4.737  -6.943  8.267   1.00 21.98 ? 136 THR A C   1 
ATOM   1086 O O   . THR A 1 136 ? -4.210  -6.010  8.874   1.00 24.28 ? 136 THR A O   1 
ATOM   1087 C CB  . THR A 1 136 ? -2.855  -7.455  6.703   1.00 15.60 ? 136 THR A CB  1 
ATOM   1088 O OG1 . THR A 1 136 ? -2.516  -7.675  5.333   1.00 16.49 ? 136 THR A OG1 1 
ATOM   1089 C CG2 . THR A 1 136 ? -2.420  -8.666  7.499   1.00 13.41 ? 136 THR A CG2 1 
ATOM   1090 N N   . ARG A 1 137 ? -5.672  -7.720  8.801   1.00 26.08 ? 137 ARG A N   1 
ATOM   1091 C CA  . ARG A 1 137 ? -6.152  -7.548  10.165  1.00 24.52 ? 137 ARG A CA  1 
ATOM   1092 C C   . ARG A 1 137 ? -5.339  -8.290  11.205  1.00 23.38 ? 137 ARG A C   1 
ATOM   1093 O O   . ARG A 1 137 ? -5.519  -9.491  11.384  1.00 22.09 ? 137 ARG A O   1 
ATOM   1094 C CB  . ARG A 1 137 ? -7.599  -8.023  10.253  1.00 27.75 ? 137 ARG A CB  1 
ATOM   1095 C CG  . ARG A 1 137 ? -8.593  -7.079  9.633   1.00 34.07 ? 137 ARG A CG  1 
ATOM   1096 C CD  . ARG A 1 137 ? -8.676  -5.808  10.450  1.00 39.00 ? 137 ARG A CD  1 
ATOM   1097 N NE  . ARG A 1 137 ? -9.602  -4.841  9.872   1.00 43.40 ? 137 ARG A NE  1 
ATOM   1098 C CZ  . ARG A 1 137 ? -9.837  -3.641  10.390  1.00 43.54 ? 137 ARG A CZ  1 
ATOM   1099 N NH1 . ARG A 1 137 ? -9.212  -3.269  11.499  1.00 44.77 ? 137 ARG A NH1 1 
ATOM   1100 N NH2 . ARG A 1 137 ? -10.689 -2.815  9.795   1.00 43.42 ? 137 ARG A NH2 1 
ATOM   1101 N N   . ILE A 1 138 ? -4.453  -7.577  11.892  1.00 22.58 ? 138 ILE A N   1 
ATOM   1102 C CA  . ILE A 1 138 ? -3.645  -8.173  12.951  1.00 27.61 ? 138 ILE A CA  1 
ATOM   1103 C C   . ILE A 1 138 ? -4.579  -8.292  14.175  1.00 32.48 ? 138 ILE A C   1 
ATOM   1104 O O   . ILE A 1 138 ? -4.865  -7.299  14.849  1.00 33.78 ? 138 ILE A O   1 
ATOM   1105 C CB  . ILE A 1 138 ? -2.445  -7.272  13.326  1.00 27.52 ? 138 ILE A CB  1 
ATOM   1106 C CG1 . ILE A 1 138 ? -1.621  -6.917  12.079  1.00 29.08 ? 138 ILE A CG1 1 
ATOM   1107 C CG2 . ILE A 1 138 ? -1.602  -7.956  14.393  1.00 26.69 ? 138 ILE A CG2 1 
ATOM   1108 C CD1 . ILE A 1 138 ? -1.044  -8.098  11.319  1.00 29.77 ? 138 ILE A CD1 1 
ATOM   1109 N N   . MET A 1 139 ? -5.049  -9.505  14.457  1.00 34.21 ? 139 MET A N   1 
ATOM   1110 C CA  . MET A 1 139 ? -5.971  -9.745  15.566  1.00 34.61 ? 139 MET A CA  1 
ATOM   1111 C C   . MET A 1 139 ? -5.301  -9.691  16.942  1.00 36.69 ? 139 MET A C   1 
ATOM   1112 O O   . MET A 1 139 ? -5.281  -10.668 17.695  1.00 37.07 ? 139 MET A O   1 
ATOM   1113 C CB  . MET A 1 139 ? -6.676  -11.085 15.336  1.00 33.88 ? 139 MET A CB  1 
ATOM   1114 C CG  . MET A 1 139 ? -7.381  -11.143 13.970  1.00 34.13 ? 139 MET A CG  1 
ATOM   1115 S SD  . MET A 1 139 ? -8.193  -12.709 13.572  1.00 36.22 ? 139 MET A SD  1 
ATOM   1116 C CE  . MET A 1 139 ? -9.907  -12.173 13.338  1.00 36.85 ? 139 MET A CE  1 
ATOM   1117 N N   . GLN A 1 140 ? -4.761  -8.522  17.265  1.00 37.53 ? 140 GLN A N   1 
ATOM   1118 C CA  . GLN A 1 140 ? -4.086  -8.309  18.531  1.00 39.37 ? 140 GLN A CA  1 
ATOM   1119 C C   . GLN A 1 140 ? -3.790  -6.828  18.718  1.00 40.47 ? 140 GLN A C   1 
ATOM   1120 O O   . GLN A 1 140 ? -3.516  -6.119  17.749  1.00 40.04 ? 140 GLN A O   1 
ATOM   1121 C CB  . GLN A 1 140 ? -2.786  -9.120  18.566  1.00 41.39 ? 140 GLN A CB  1 
ATOM   1122 C CG  . GLN A 1 140 ? -1.700  -8.535  19.455  1.00 46.08 ? 140 GLN A CG  1 
ATOM   1123 C CD  . GLN A 1 140 ? -1.081  -9.556  20.381  1.00 48.71 ? 140 GLN A CD  1 
ATOM   1124 O OE1 . GLN A 1 140 ? -0.709  -10.654 19.962  1.00 49.98 ? 140 GLN A OE1 1 
ATOM   1125 N NE2 . GLN A 1 140 ? -0.960  -9.193  21.654  1.00 49.98 ? 140 GLN A NE2 1 
ATOM   1126 N N   . GLU A 1 141 ? -3.851  -6.363  19.963  1.00 41.95 ? 141 GLU A N   1 
ATOM   1127 C CA  . GLU A 1 141 ? -3.579  -4.962  20.264  1.00 43.82 ? 141 GLU A CA  1 
ATOM   1128 C C   . GLU A 1 141 ? -2.104  -4.657  20.510  1.00 43.77 ? 141 GLU A C   1 
ATOM   1129 O O   . GLU A 1 141 ? -1.424  -5.359  21.261  1.00 44.00 ? 141 GLU A O   1 
ATOM   1130 C CB  . GLU A 1 141 ? -4.386  -4.503  21.477  1.00 47.41 ? 141 GLU A CB  1 
ATOM   1131 C CG  . GLU A 1 141 ? -5.810  -4.088  21.157  1.00 50.26 ? 141 GLU A CG  1 
ATOM   1132 C CD  . GLU A 1 141 ? -6.333  -3.045  22.130  1.00 53.07 ? 141 GLU A CD  1 
ATOM   1133 O OE1 . GLU A 1 141 ? -7.432  -2.507  21.872  1.00 53.59 ? 141 GLU A OE1 1 
ATOM   1134 O OE2 . GLU A 1 141 ? -5.644  -2.765  23.144  1.00 52.55 ? 141 GLU A OE2 1 
ATOM   1135 N N   . PHE A 1 142 ? -1.624  -3.602  19.863  1.00 43.45 ? 142 PHE A N   1 
ATOM   1136 C CA  . PHE A 1 142 ? -0.240  -3.160  19.989  1.00 43.68 ? 142 PHE A CA  1 
ATOM   1137 C C   . PHE A 1 142 ? -0.254  -1.656  20.225  1.00 47.55 ? 142 PHE A C   1 
ATOM   1138 O O   . PHE A 1 142 ? -1.250  -0.986  19.941  1.00 48.86 ? 142 PHE A O   1 
ATOM   1139 C CB  . PHE A 1 142 ? 0.531   -3.447  18.700  1.00 40.28 ? 142 PHE A CB  1 
ATOM   1140 C CG  . PHE A 1 142 ? 0.799   -4.895  18.463  1.00 34.60 ? 142 PHE A CG  1 
ATOM   1141 C CD1 . PHE A 1 142 ? 1.831   -5.536  19.126  1.00 34.92 ? 142 PHE A CD1 1 
ATOM   1142 C CD2 . PHE A 1 142 ? 0.006   -5.624  17.594  1.00 33.90 ? 142 PHE A CD2 1 
ATOM   1143 C CE1 . PHE A 1 142 ? 2.070   -6.886  18.929  1.00 33.92 ? 142 PHE A CE1 1 
ATOM   1144 C CE2 . PHE A 1 142 ? 0.235   -6.979  17.389  1.00 33.58 ? 142 PHE A CE2 1 
ATOM   1145 C CZ  . PHE A 1 142 ? 1.269   -7.611  18.060  1.00 33.45 ? 142 PHE A CZ  1 
ATOM   1146 N N   . GLU A 1 143 ? 0.842   -1.120  20.743  1.00 50.96 ? 143 GLU A N   1 
ATOM   1147 C CA  . GLU A 1 143 ? 0.915   0.314   20.965  1.00 54.79 ? 143 GLU A CA  1 
ATOM   1148 C C   . GLU A 1 143 ? 1.494   0.958   19.708  1.00 55.29 ? 143 GLU A C   1 
ATOM   1149 O O   . GLU A 1 143 ? 2.579   0.588   19.254  1.00 54.74 ? 143 GLU A O   1 
ATOM   1150 C CB  . GLU A 1 143 ? 1.799   0.626   22.165  1.00 58.83 ? 143 GLU A CB  1 
ATOM   1151 C CG  . GLU A 1 143 ? 1.785   2.094   22.520  1.00 64.18 ? 143 GLU A CG  1 
ATOM   1152 C CD  . GLU A 1 143 ? 2.607   2.400   23.738  1.00 67.79 ? 143 GLU A CD  1 
ATOM   1153 O OE1 . GLU A 1 143 ? 2.678   3.591   24.110  1.00 70.33 ? 143 GLU A OE1 1 
ATOM   1154 O OE2 . GLU A 1 143 ? 3.180   1.453   24.321  1.00 70.74 ? 143 GLU A OE2 1 
ATOM   1155 N N   . SER A 1 144 ? 0.783   1.935   19.156  1.00 55.43 ? 144 SER A N   1 
ATOM   1156 C CA  . SER A 1 144 ? 1.239   2.573   17.928  1.00 56.10 ? 144 SER A CA  1 
ATOM   1157 C C   . SER A 1 144 ? 1.400   4.096   17.984  1.00 56.34 ? 144 SER A C   1 
ATOM   1158 O O   . SER A 1 144 ? 0.675   4.782   18.711  1.00 54.75 ? 144 SER A O   1 
ATOM   1159 C CB  . SER A 1 144 ? 0.269   2.212   16.796  1.00 54.94 ? 144 SER A CB  1 
ATOM   1160 O OG  . SER A 1 144 ? -0.101  0.844   16.863  1.00 51.48 ? 144 SER A OG  1 
ATOM   1161 N N   . ASP A 1 145 ? 2.368   4.604   17.217  1.00 56.71 ? 145 ASP A N   1 
ATOM   1162 C CA  . ASP A 1 145 ? 2.624   6.043   17.107  1.00 56.04 ? 145 ASP A CA  1 
ATOM   1163 C C   . ASP A 1 145 ? 1.554   6.539   16.146  1.00 56.17 ? 145 ASP A C   1 
ATOM   1164 O O   . ASP A 1 145 ? 0.582   7.196   16.529  1.00 56.29 ? 145 ASP A O   1 
ATOM   1165 C CB  . ASP A 1 145 ? 3.982   6.321   16.451  1.00 57.19 ? 145 ASP A CB  1 
ATOM   1166 C CG  . ASP A 1 145 ? 5.138   6.239   17.413  1.00 60.10 ? 145 ASP A CG  1 
ATOM   1167 O OD1 . ASP A 1 145 ? 5.314   7.167   18.230  1.00 64.15 ? 145 ASP A OD1 1 
ATOM   1168 O OD2 . ASP A 1 145 ? 5.882   5.244   17.351  1.00 61.76 ? 145 ASP A OD2 1 
ATOM   1169 N N   . THR A 1 146 ? 1.759   6.192   14.880  1.00 53.62 ? 146 THR A N   1 
ATOM   1170 C CA  . THR A 1 146 ? 0.866   6.560   13.801  1.00 51.16 ? 146 THR A CA  1 
ATOM   1171 C C   . THR A 1 146 ? -0.287  5.558   13.685  1.00 48.62 ? 146 THR A C   1 
ATOM   1172 O O   . THR A 1 146 ? -0.206  4.446   14.208  1.00 46.53 ? 146 THR A O   1 
ATOM   1173 C CB  . THR A 1 146 ? 1.662   6.655   12.468  1.00 52.08 ? 146 THR A CB  1 
ATOM   1174 O OG1 . THR A 1 146 ? 0.760   6.626   11.358  1.00 54.90 ? 146 THR A OG1 1 
ATOM   1175 C CG2 . THR A 1 146 ? 2.664   5.517   12.351  1.00 50.20 ? 146 THR A CG2 1 
ATOM   1176 N N   . PHE A 1 147 ? -1.367  5.969   13.022  1.00 46.94 ? 147 PHE A N   1 
ATOM   1177 C CA  . PHE A 1 147 ? -2.538  5.115   12.858  1.00 46.88 ? 147 PHE A CA  1 
ATOM   1178 C C   . PHE A 1 147 ? -3.153  5.111   11.453  1.00 45.91 ? 147 PHE A C   1 
ATOM   1179 O O   . PHE A 1 147 ? -2.594  5.663   10.499  1.00 45.88 ? 147 PHE A O   1 
ATOM   1180 C CB  . PHE A 1 147 ? -3.609  5.497   13.879  1.00 48.84 ? 147 PHE A CB  1 
ATOM   1181 C CG  . PHE A 1 147 ? -3.187  5.284   15.305  1.00 52.08 ? 147 PHE A CG  1 
ATOM   1182 C CD1 . PHE A 1 147 ? -2.238  6.116   15.903  1.00 52.77 ? 147 PHE A CD1 1 
ATOM   1183 C CD2 . PHE A 1 147 ? -3.718  4.236   16.045  1.00 53.66 ? 147 PHE A CD2 1 
ATOM   1184 C CE1 . PHE A 1 147 ? -1.823  5.901   17.216  1.00 54.48 ? 147 PHE A CE1 1 
ATOM   1185 C CE2 . PHE A 1 147 ? -3.311  4.011   17.361  1.00 56.23 ? 147 PHE A CE2 1 
ATOM   1186 C CZ  . PHE A 1 147 ? -2.361  4.847   17.948  1.00 55.63 ? 147 PHE A CZ  1 
ATOM   1187 N N   . PHE A 1 148 ? -4.309  4.470   11.332  1.00 43.54 ? 148 PHE A N   1 
ATOM   1188 C CA  . PHE A 1 148 ? -4.977  4.378   10.046  1.00 42.58 ? 148 PHE A CA  1 
ATOM   1189 C C   . PHE A 1 148 ? -6.420  4.868   10.110  1.00 43.46 ? 148 PHE A C   1 
ATOM   1190 O O   . PHE A 1 148 ? -7.171  4.506   11.017  1.00 41.78 ? 148 PHE A O   1 
ATOM   1191 C CB  . PHE A 1 148 ? -4.950  2.932   9.545   1.00 38.24 ? 148 PHE A CB  1 
ATOM   1192 C CG  . PHE A 1 148 ? -5.447  2.775   8.136   1.00 32.76 ? 148 PHE A CG  1 
ATOM   1193 C CD1 . PHE A 1 148 ? -4.697  3.250   7.067   1.00 29.75 ? 148 PHE A CD1 1 
ATOM   1194 C CD2 . PHE A 1 148 ? -6.675  2.169   7.880   1.00 29.93 ? 148 PHE A CD2 1 
ATOM   1195 C CE1 . PHE A 1 148 ? -5.163  3.126   5.765   1.00 27.84 ? 148 PHE A CE1 1 
ATOM   1196 C CE2 . PHE A 1 148 ? -7.148  2.040   6.580   1.00 28.56 ? 148 PHE A CE2 1 
ATOM   1197 C CZ  . PHE A 1 148 ? -6.390  2.520   5.520   1.00 27.24 ? 148 PHE A CZ  1 
ATOM   1198 N N   . PRO A 1 149 ? -6.825  5.701   9.133   1.00 45.04 ? 149 PRO A N   1 
ATOM   1199 C CA  . PRO A 1 149 ? -8.188  6.237   9.088   1.00 45.63 ? 149 PRO A CA  1 
ATOM   1200 C C   . PRO A 1 149 ? -9.242  5.161   9.322   1.00 46.49 ? 149 PRO A C   1 
ATOM   1201 O O   . PRO A 1 149 ? -9.057  4.001   8.954   1.00 47.33 ? 149 PRO A O   1 
ATOM   1202 C CB  . PRO A 1 149 ? -8.271  6.833   7.689   1.00 45.62 ? 149 PRO A CB  1 
ATOM   1203 C CG  . PRO A 1 149 ? -6.865  7.321   7.458   1.00 46.24 ? 149 PRO A CG  1 
ATOM   1204 C CD  . PRO A 1 149 ? -6.029  6.181   7.984   1.00 45.20 ? 149 PRO A CD  1 
ATOM   1205 N N   . GLU A 1 150 ? -10.343 5.553   9.948   1.00 47.61 ? 150 GLU A N   1 
ATOM   1206 C CA  . GLU A 1 150 ? -11.426 4.626   10.219  1.00 49.82 ? 150 GLU A CA  1 
ATOM   1207 C C   . GLU A 1 150 ? -12.138 4.366   8.902   1.00 48.86 ? 150 GLU A C   1 
ATOM   1208 O O   . GLU A 1 150 ? -12.186 5.243   8.036   1.00 49.21 ? 150 GLU A O   1 
ATOM   1209 C CB  . GLU A 1 150 ? -12.380 5.227   11.256  1.00 54.70 ? 150 GLU A CB  1 
ATOM   1210 C CG  . GLU A 1 150 ? -12.847 6.644   10.942  1.00 60.91 ? 150 GLU A CG  1 
ATOM   1211 C CD  . GLU A 1 150 ? -14.016 6.679   9.973   1.00 65.55 ? 150 GLU A CD  1 
ATOM   1212 O OE1 . GLU A 1 150 ? -14.403 7.790   9.536   1.00 66.47 ? 150 GLU A OE1 1 
ATOM   1213 O OE2 . GLU A 1 150 ? -14.553 5.593   9.654   1.00 68.07 ? 150 GLU A OE2 1 
ATOM   1214 N N   . ILE A 1 151 ? -12.684 3.164   8.744   1.00 46.88 ? 151 ILE A N   1 
ATOM   1215 C CA  . ILE A 1 151 ? -13.365 2.811   7.505   1.00 44.85 ? 151 ILE A CA  1 
ATOM   1216 C C   . ILE A 1 151 ? -14.882 2.927   7.587   1.00 43.76 ? 151 ILE A C   1 
ATOM   1217 O O   . ILE A 1 151 ? -15.561 2.119   8.230   1.00 43.77 ? 151 ILE A O   1 
ATOM   1218 C CB  . ILE A 1 151 ? -12.976 1.386   7.048   1.00 44.36 ? 151 ILE A CB  1 
ATOM   1219 C CG1 . ILE A 1 151 ? -11.460 1.321   6.830   1.00 44.98 ? 151 ILE A CG1 1 
ATOM   1220 C CG2 . ILE A 1 151 ? -13.709 1.024   5.760   1.00 43.59 ? 151 ILE A CG2 1 
ATOM   1221 C CD1 . ILE A 1 151 ? -10.953 -0.030  6.358   1.00 46.17 ? 151 ILE A CD1 1 
ATOM   1222 N N   . ASP A 1 152 ? -15.402 3.951   6.922   1.00 42.04 ? 152 ASP A N   1 
ATOM   1223 C CA  . ASP A 1 152 ? -16.831 4.207   6.897   1.00 40.44 ? 152 ASP A CA  1 
ATOM   1224 C C   . ASP A 1 152 ? -17.482 3.102   6.087   1.00 39.05 ? 152 ASP A C   1 
ATOM   1225 O O   . ASP A 1 152 ? -17.374 3.071   4.866   1.00 39.65 ? 152 ASP A O   1 
ATOM   1226 C CB  . ASP A 1 152 ? -17.098 5.566   6.245   1.00 42.12 ? 152 ASP A CB  1 
ATOM   1227 C CG  . ASP A 1 152 ? -18.532 6.034   6.431   1.00 46.15 ? 152 ASP A CG  1 
ATOM   1228 O OD1 . ASP A 1 152 ? -18.895 7.073   5.841   1.00 49.75 ? 152 ASP A OD1 1 
ATOM   1229 O OD2 . ASP A 1 152 ? -19.299 5.377   7.165   1.00 48.70 ? 152 ASP A OD2 1 
ATOM   1230 N N   . LEU A 1 153 ? -18.155 2.185   6.764   1.00 38.01 ? 153 LEU A N   1 
ATOM   1231 C CA  . LEU A 1 153 ? -18.799 1.083   6.068   1.00 36.86 ? 153 LEU A CA  1 
ATOM   1232 C C   . LEU A 1 153 ? -20.058 1.538   5.326   1.00 35.37 ? 153 LEU A C   1 
ATOM   1233 O O   . LEU A 1 153 ? -20.837 0.724   4.816   1.00 32.64 ? 153 LEU A O   1 
ATOM   1234 C CB  . LEU A 1 153 ? -19.107 -0.049  7.057   1.00 38.25 ? 153 LEU A CB  1 
ATOM   1235 C CG  . LEU A 1 153 ? -17.920 -0.465  7.944   1.00 38.12 ? 153 LEU A CG  1 
ATOM   1236 C CD1 . LEU A 1 153 ? -18.201 -1.831  8.548   1.00 36.41 ? 153 LEU A CD1 1 
ATOM   1237 C CD2 . LEU A 1 153 ? -16.633 -0.510  7.137   1.00 36.68 ? 153 LEU A CD2 1 
ATOM   1238 N N   . GLY A 1 154 ? -20.244 2.852   5.265   1.00 34.56 ? 154 GLY A N   1 
ATOM   1239 C CA  . GLY A 1 154 ? -21.377 3.404   4.549   1.00 34.21 ? 154 GLY A CA  1 
ATOM   1240 C C   . GLY A 1 154 ? -20.853 3.870   3.204   1.00 34.13 ? 154 GLY A C   1 
ATOM   1241 O O   . GLY A 1 154 ? -21.607 4.059   2.244   1.00 35.48 ? 154 GLY A O   1 
ATOM   1242 N N   . LYS A 1 155 ? -19.535 4.034   3.146   1.00 32.70 ? 155 LYS A N   1 
ATOM   1243 C CA  . LYS A 1 155 ? -18.853 4.483   1.948   1.00 33.53 ? 155 LYS A CA  1 
ATOM   1244 C C   . LYS A 1 155 ? -18.156 3.324   1.228   1.00 33.92 ? 155 LYS A C   1 
ATOM   1245 O O   . LYS A 1 155 ? -18.077 3.325   0.001   1.00 36.41 ? 155 LYS A O   1 
ATOM   1246 C CB  . LYS A 1 155 ? -17.842 5.575   2.312   1.00 33.00 ? 155 LYS A CB  1 
ATOM   1247 C CG  . LYS A 1 155 ? -17.412 6.430   1.141   1.00 36.03 ? 155 LYS A CG  1 
ATOM   1248 C CD  . LYS A 1 155 ? -16.468 7.545   1.560   1.00 36.40 ? 155 LYS A CD  1 
ATOM   1249 C CE  . LYS A 1 155 ? -16.025 8.361   0.345   1.00 38.24 ? 155 LYS A CE  1 
ATOM   1250 N NZ  . LYS A 1 155 ? -15.122 9.488   0.727   1.00 38.21 ? 155 LYS A NZ  1 
ATOM   1251 N N   . TYR A 1 156 ? -17.657 2.344   1.989   1.00 33.83 ? 156 TYR A N   1 
ATOM   1252 C CA  . TYR A 1 156 ? -16.981 1.160   1.433   1.00 33.72 ? 156 TYR A CA  1 
ATOM   1253 C C   . TYR A 1 156 ? -17.753 -0.119  1.721   1.00 34.69 ? 156 TYR A C   1 
ATOM   1254 O O   . TYR A 1 156 ? -18.452 -0.210  2.725   1.00 36.71 ? 156 TYR A O   1 
ATOM   1255 C CB  . TYR A 1 156 ? -15.597 0.954   2.042   1.00 31.73 ? 156 TYR A CB  1 
ATOM   1256 C CG  . TYR A 1 156 ? -14.596 2.029   1.762   1.00 33.59 ? 156 TYR A CG  1 
ATOM   1257 C CD1 . TYR A 1 156 ? -14.559 3.187   2.535   1.00 36.39 ? 156 TYR A CD1 1 
ATOM   1258 C CD2 . TYR A 1 156 ? -13.662 1.883   0.739   1.00 32.01 ? 156 TYR A CD2 1 
ATOM   1259 C CE1 . TYR A 1 156 ? -13.613 4.177   2.299   1.00 36.41 ? 156 TYR A CE1 1 
ATOM   1260 C CE2 . TYR A 1 156 ? -12.712 2.867   0.492   1.00 34.24 ? 156 TYR A CE2 1 
ATOM   1261 C CZ  . TYR A 1 156 ? -12.694 4.012   1.277   1.00 34.85 ? 156 TYR A CZ  1 
ATOM   1262 O OH  . TYR A 1 156 ? -11.770 4.998   1.032   1.00 34.32 ? 156 TYR A OH  1 
ATOM   1263 N N   . LYS A 1 157 ? -17.607 -1.117  0.855   1.00 35.60 ? 157 LYS A N   1 
ATOM   1264 C CA  . LYS A 1 157 ? -18.274 -2.394  1.075   1.00 37.89 ? 157 LYS A CA  1 
ATOM   1265 C C   . LYS A 1 157 ? -17.230 -3.490  1.177   1.00 38.31 ? 157 LYS A C   1 
ATOM   1266 O O   . LYS A 1 157 ? -16.236 -3.501  0.453   1.00 38.68 ? 157 LYS A O   1 
ATOM   1267 C CB  . LYS A 1 157 ? -19.262 -2.727  -0.053  1.00 39.31 ? 157 LYS A CB  1 
ATOM   1268 C CG  . LYS A 1 157 ? -18.624 -2.997  -1.394  1.00 44.01 ? 157 LYS A CG  1 
ATOM   1269 C CD  . LYS A 1 157 ? -19.675 -3.134  -2.480  1.00 46.90 ? 157 LYS A CD  1 
ATOM   1270 C CE  . LYS A 1 157 ? -19.033 -3.129  -3.863  1.00 50.34 ? 157 LYS A CE  1 
ATOM   1271 N NZ  . LYS A 1 157 ? -20.041 -3.193  -4.972  1.00 54.98 ? 157 LYS A NZ  1 
ATOM   1272 N N   . LEU A 1 158 ? -17.464 -4.400  2.109   1.00 37.67 ? 158 LEU A N   1 
ATOM   1273 C CA  . LEU A 1 158 ? -16.576 -5.523  2.342   1.00 38.66 ? 158 LEU A CA  1 
ATOM   1274 C C   . LEU A 1 158 ? -16.841 -6.565  1.267   1.00 38.31 ? 158 LEU A C   1 
ATOM   1275 O O   . LEU A 1 158 ? -17.975 -7.005  1.084   1.00 40.91 ? 158 LEU A O   1 
ATOM   1276 C CB  . LEU A 1 158 ? -16.853 -6.099  3.740   1.00 40.39 ? 158 LEU A CB  1 
ATOM   1277 C CG  . LEU A 1 158 ? -16.136 -7.341  4.276   1.00 40.59 ? 158 LEU A CG  1 
ATOM   1278 C CD1 . LEU A 1 158 ? -16.695 -8.592  3.604   1.00 42.41 ? 158 LEU A CD1 1 
ATOM   1279 C CD2 . LEU A 1 158 ? -14.635 -7.204  4.061   1.00 38.73 ? 158 LEU A CD2 1 
ATOM   1280 N N   . LEU A 1 159 ? -15.803 -6.944  0.533   1.00 37.31 ? 159 LEU A N   1 
ATOM   1281 C CA  . LEU A 1 159 ? -15.971 -7.951  -0.507  1.00 36.97 ? 159 LEU A CA  1 
ATOM   1282 C C   . LEU A 1 159 ? -15.976 -9.321  0.163   1.00 38.47 ? 159 LEU A C   1 
ATOM   1283 O O   . LEU A 1 159 ? -15.001 -9.704  0.801   1.00 39.34 ? 159 LEU A O   1 
ATOM   1284 C CB  . LEU A 1 159 ? -14.836 -7.855  -1.532  1.00 33.05 ? 159 LEU A CB  1 
ATOM   1285 C CG  . LEU A 1 159 ? -14.791 -6.528  -2.292  1.00 31.95 ? 159 LEU A CG  1 
ATOM   1286 C CD1 . LEU A 1 159 ? -13.602 -6.506  -3.238  1.00 33.36 ? 159 LEU A CD1 1 
ATOM   1287 C CD2 . LEU A 1 159 ? -16.088 -6.329  -3.051  1.00 28.26 ? 159 LEU A CD2 1 
ATOM   1288 N N   . PRO A 1 160 ? -17.086 -10.073 0.041   1.00 41.24 ? 160 PRO A N   1 
ATOM   1289 C CA  . PRO A 1 160 ? -17.151 -11.403 0.668   1.00 42.01 ? 160 PRO A CA  1 
ATOM   1290 C C   . PRO A 1 160 ? -15.974 -12.263 0.239   1.00 41.72 ? 160 PRO A C   1 
ATOM   1291 O O   . PRO A 1 160 ? -15.413 -13.013 1.033   1.00 41.86 ? 160 PRO A O   1 
ATOM   1292 C CB  . PRO A 1 160 ? -18.487 -11.959 0.174   1.00 41.95 ? 160 PRO A CB  1 
ATOM   1293 C CG  . PRO A 1 160 ? -18.653 -11.291 -1.170  1.00 41.75 ? 160 PRO A CG  1 
ATOM   1294 C CD  . PRO A 1 160 ? -18.233 -9.866  -0.862  1.00 41.24 ? 160 PRO A CD  1 
ATOM   1295 N N   . GLU A 1 161 ? -15.612 -12.134 -1.034  1.00 41.47 ? 161 GLU A N   1 
ATOM   1296 C CA  . GLU A 1 161 ? -14.504 -12.874 -1.606  1.00 41.35 ? 161 GLU A CA  1 
ATOM   1297 C C   . GLU A 1 161 ? -13.879 -12.047 -2.715  1.00 38.02 ? 161 GLU A C   1 
ATOM   1298 O O   . GLU A 1 161 ? -14.545 -11.247 -3.372  1.00 37.25 ? 161 GLU A O   1 
ATOM   1299 C CB  . GLU A 1 161 ? -14.990 -14.207 -2.166  1.00 46.40 ? 161 GLU A CB  1 
ATOM   1300 C CG  . GLU A 1 161 ? -16.016 -14.067 -3.272  1.00 53.94 ? 161 GLU A CG  1 
ATOM   1301 C CD  . GLU A 1 161 ? -16.605 -15.399 -3.674  1.00 58.22 ? 161 GLU A CD  1 
ATOM   1302 O OE1 . GLU A 1 161 ? -17.246 -16.041 -2.811  1.00 59.80 ? 161 GLU A OE1 1 
ATOM   1303 O OE2 . GLU A 1 161 ? -16.422 -15.805 -4.847  1.00 61.27 ? 161 GLU A OE2 1 
ATOM   1304 N N   . TYR A 1 162 ? -12.588 -12.248 -2.912  1.00 33.94 ? 162 TYR A N   1 
ATOM   1305 C CA  . TYR A 1 162 ? -11.866 -11.525 -3.931  1.00 32.23 ? 162 TYR A CA  1 
ATOM   1306 C C   . TYR A 1 162 ? -10.860 -12.500 -4.500  1.00 31.44 ? 162 TYR A C   1 
ATOM   1307 O O   . TYR A 1 162 ? -10.231 -13.255 -3.757  1.00 32.48 ? 162 TYR A O   1 
ATOM   1308 C CB  . TYR A 1 162 ? -11.142 -10.335 -3.306  1.00 31.25 ? 162 TYR A CB  1 
ATOM   1309 C CG  . TYR A 1 162 ? -10.426 -9.432  -4.284  1.00 28.18 ? 162 TYR A CG  1 
ATOM   1310 C CD1 . TYR A 1 162 ? -11.116 -8.445  -4.994  1.00 29.72 ? 162 TYR A CD1 1 
ATOM   1311 C CD2 . TYR A 1 162 ? -9.052  -9.541  -4.473  1.00 27.12 ? 162 TYR A CD2 1 
ATOM   1312 C CE1 . TYR A 1 162 ? -10.450 -7.583  -5.867  1.00 30.27 ? 162 TYR A CE1 1 
ATOM   1313 C CE2 . TYR A 1 162 ? -8.375  -8.694  -5.342  1.00 29.30 ? 162 TYR A CE2 1 
ATOM   1314 C CZ  . TYR A 1 162 ? -9.078  -7.714  -6.034  1.00 32.12 ? 162 TYR A CZ  1 
ATOM   1315 O OH  . TYR A 1 162 ? -8.393  -6.868  -6.883  1.00 35.03 ? 162 TYR A OH  1 
ATOM   1316 N N   . PRO A 1 163 ? -10.697 -12.504 -5.827  1.00 30.75 ? 163 PRO A N   1 
ATOM   1317 C CA  . PRO A 1 163 ? -9.750  -13.409 -6.484  1.00 29.91 ? 163 PRO A CA  1 
ATOM   1318 C C   . PRO A 1 163 ? -8.300  -13.245 -6.025  1.00 29.28 ? 163 PRO A C   1 
ATOM   1319 O O   . PRO A 1 163 ? -7.835  -12.133 -5.784  1.00 30.90 ? 163 PRO A O   1 
ATOM   1320 C CB  . PRO A 1 163 ? -9.944  -13.092 -7.969  1.00 29.29 ? 163 PRO A CB  1 
ATOM   1321 C CG  . PRO A 1 163 ? -10.438 -11.670 -7.965  1.00 29.50 ? 163 PRO A CG  1 
ATOM   1322 C CD  . PRO A 1 163 ? -11.388 -11.650 -6.812  1.00 29.71 ? 163 PRO A CD  1 
ATOM   1323 N N   . GLY A 1 164 ? -7.596  -14.363 -5.887  1.00 28.43 ? 164 GLY A N   1 
ATOM   1324 C CA  . GLY A 1 164 ? -6.205  -14.315 -5.479  1.00 28.96 ? 164 GLY A CA  1 
ATOM   1325 C C   . GLY A 1 164 ? -5.939  -14.094 -4.000  1.00 29.85 ? 164 GLY A C   1 
ATOM   1326 O O   . GLY A 1 164 ? -4.788  -14.157 -3.553  1.00 29.52 ? 164 GLY A O   1 
ATOM   1327 N N   . VAL A 1 165 ? -6.996  -13.845 -3.235  1.00 30.94 ? 165 VAL A N   1 
ATOM   1328 C CA  . VAL A 1 165 ? -6.868  -13.603 -1.805  1.00 31.29 ? 165 VAL A CA  1 
ATOM   1329 C C   . VAL A 1 165 ? -7.572  -14.706 -1.011  1.00 32.59 ? 165 VAL A C   1 
ATOM   1330 O O   . VAL A 1 165 ? -8.671  -15.121 -1.382  1.00 33.54 ? 165 VAL A O   1 
ATOM   1331 C CB  . VAL A 1 165 ? -7.493  -12.228 -1.439  1.00 30.40 ? 165 VAL A CB  1 
ATOM   1332 C CG1 . VAL A 1 165 ? -7.595  -12.071 0.060   1.00 32.45 ? 165 VAL A CG1 1 
ATOM   1333 C CG2 . VAL A 1 165 ? -6.660  -11.111 -2.012  1.00 28.45 ? 165 VAL A CG2 1 
ATOM   1334 N N   . LEU A 1 166 ? -6.937  -15.193 0.055   1.00 33.35 ? 166 LEU A N   1 
ATOM   1335 C CA  . LEU A 1 166 ? -7.550  -16.220 0.906   1.00 33.73 ? 166 LEU A CA  1 
ATOM   1336 C C   . LEU A 1 166 ? -8.135  -15.563 2.157   1.00 34.64 ? 166 LEU A C   1 
ATOM   1337 O O   . LEU A 1 166 ? -7.543  -14.642 2.723   1.00 34.36 ? 166 LEU A O   1 
ATOM   1338 C CB  . LEU A 1 166 ? -6.539  -17.299 1.296   1.00 31.98 ? 166 LEU A CB  1 
ATOM   1339 C CG  . LEU A 1 166 ? -6.362  -18.339 0.191   1.00 29.72 ? 166 LEU A CG  1 
ATOM   1340 C CD1 . LEU A 1 166 ? -5.398  -17.819 -0.845  1.00 30.73 ? 166 LEU A CD1 1 
ATOM   1341 C CD2 . LEU A 1 166 ? -5.834  -19.619 0.783   1.00 32.37 ? 166 LEU A CD2 1 
ATOM   1342 N N   . SER A 1 167 ? -9.295  -16.049 2.588   1.00 35.60 ? 167 SER A N   1 
ATOM   1343 C CA  . SER A 1 167 ? -10.001 -15.466 3.726   1.00 38.25 ? 167 SER A CA  1 
ATOM   1344 C C   . SER A 1 167 ? -9.977  -16.192 5.070   1.00 39.40 ? 167 SER A C   1 
ATOM   1345 O O   . SER A 1 167 ? -10.676 -15.779 6.002   1.00 39.24 ? 167 SER A O   1 
ATOM   1346 C CB  . SER A 1 167 ? -11.452 -15.230 3.321   1.00 39.49 ? 167 SER A CB  1 
ATOM   1347 O OG  . SER A 1 167 ? -11.982 -16.397 2.710   1.00 42.65 ? 167 SER A OG  1 
ATOM   1348 N N   . GLU A 1 168 ? -9.192  -17.260 5.180   1.00 38.79 ? 168 GLU A N   1 
ATOM   1349 C CA  . GLU A 1 168 ? -9.116  -18.009 6.431   1.00 37.99 ? 168 GLU A CA  1 
ATOM   1350 C C   . GLU A 1 168 ? -8.173  -17.294 7.377   1.00 35.97 ? 168 GLU A C   1 
ATOM   1351 O O   . GLU A 1 168 ? -7.247  -16.618 6.929   1.00 34.40 ? 168 GLU A O   1 
ATOM   1352 C CB  . GLU A 1 168 ? -8.576  -19.408 6.177   1.00 41.72 ? 168 GLU A CB  1 
ATOM   1353 C CG  . GLU A 1 168 ? -9.168  -20.080 4.974   1.00 49.06 ? 168 GLU A CG  1 
ATOM   1354 C CD  . GLU A 1 168 ? -8.421  -21.339 4.633   1.00 56.28 ? 168 GLU A CD  1 
ATOM   1355 O OE1 . GLU A 1 168 ? -7.211  -21.251 4.319   1.00 60.29 ? 168 GLU A OE1 1 
ATOM   1356 O OE2 . GLU A 1 168 ? -9.041  -22.423 4.688   1.00 62.33 ? 168 GLU A OE2 1 
ATOM   1357 N N   . VAL A 1 169 ? -8.400  -17.449 8.680   1.00 34.94 ? 169 VAL A N   1 
ATOM   1358 C CA  . VAL A 1 169 ? -7.545  -16.809 9.679   1.00 31.83 ? 169 VAL A CA  1 
ATOM   1359 C C   . VAL A 1 169 ? -6.132  -17.349 9.542   1.00 30.53 ? 169 VAL A C   1 
ATOM   1360 O O   . VAL A 1 169 ? -5.936  -18.544 9.329   1.00 29.32 ? 169 VAL A O   1 
ATOM   1361 C CB  . VAL A 1 169 ? -8.034  -17.083 11.113  1.00 29.28 ? 169 VAL A CB  1 
ATOM   1362 C CG1 . VAL A 1 169 ? -7.063  -16.488 12.108  1.00 27.12 ? 169 VAL A CG1 1 
ATOM   1363 C CG2 . VAL A 1 169 ? -9.415  -16.498 11.306  1.00 29.10 ? 169 VAL A CG2 1 
ATOM   1364 N N   . GLN A 1 170 ? -5.148  -16.470 9.653   1.00 29.34 ? 170 GLN A N   1 
ATOM   1365 C CA  . GLN A 1 170 ? -3.766  -16.896 9.530   1.00 31.08 ? 170 GLN A CA  1 
ATOM   1366 C C   . GLN A 1 170 ? -3.082  -16.661 10.861  1.00 31.47 ? 170 GLN A C   1 
ATOM   1367 O O   . GLN A 1 170 ? -3.594  -15.921 11.693  1.00 32.38 ? 170 GLN A O   1 
ATOM   1368 C CB  . GLN A 1 170 ? -3.061  -16.102 8.429   1.00 33.35 ? 170 GLN A CB  1 
ATOM   1369 C CG  . GLN A 1 170 ? -2.566  -16.959 7.274   1.00 36.56 ? 170 GLN A CG  1 
ATOM   1370 C CD  . GLN A 1 170 ? -3.677  -17.403 6.354   1.00 37.53 ? 170 GLN A CD  1 
ATOM   1371 O OE1 . GLN A 1 170 ? -3.565  -18.425 5.679   1.00 41.73 ? 170 GLN A OE1 1 
ATOM   1372 N NE2 . GLN A 1 170 ? -4.751  -16.626 6.303   1.00 39.35 ? 170 GLN A NE2 1 
ATOM   1373 N N   . GLU A 1 171 ? -1.927  -17.285 11.067  1.00 30.42 ? 171 GLU A N   1 
ATOM   1374 C CA  . GLU A 1 171 ? -1.220  -17.117 12.326  1.00 31.02 ? 171 GLU A CA  1 
ATOM   1375 C C   . GLU A 1 171 ? 0.273   -17.400 12.183  1.00 29.03 ? 171 GLU A C   1 
ATOM   1376 O O   . GLU A 1 171 ? 0.669   -18.407 11.604  1.00 29.21 ? 171 GLU A O   1 
ATOM   1377 C CB  . GLU A 1 171 ? -1.826  -18.044 13.380  1.00 34.22 ? 171 GLU A CB  1 
ATOM   1378 C CG  . GLU A 1 171 ? -1.361  -17.763 14.791  1.00 39.02 ? 171 GLU A CG  1 
ATOM   1379 C CD  . GLU A 1 171 ? -1.179  -19.031 15.606  1.00 44.31 ? 171 GLU A CD  1 
ATOM   1380 O OE1 . GLU A 1 171 ? -2.129  -19.843 15.681  1.00 44.11 ? 171 GLU A OE1 1 
ATOM   1381 O OE2 . GLU A 1 171 ? -0.077  -19.213 16.173  1.00 48.40 ? 171 GLU A OE2 1 
ATOM   1382 N N   . GLU A 1 172 ? 1.097   -16.510 12.728  1.00 26.87 ? 172 GLU A N   1 
ATOM   1383 C CA  . GLU A 1 172 ? 2.545   -16.652 12.655  1.00 25.44 ? 172 GLU A CA  1 
ATOM   1384 C C   . GLU A 1 172 ? 3.149   -16.148 13.959  1.00 25.47 ? 172 GLU A C   1 
ATOM   1385 O O   . GLU A 1 172 ? 2.759   -15.091 14.437  1.00 26.20 ? 172 GLU A O   1 
ATOM   1386 C CB  . GLU A 1 172 ? 3.080   -15.813 11.491  1.00 25.38 ? 172 GLU A CB  1 
ATOM   1387 C CG  . GLU A 1 172 ? 4.513   -16.112 11.114  1.00 26.90 ? 172 GLU A CG  1 
ATOM   1388 C CD  . GLU A 1 172 ? 5.146   -14.978 10.351  1.00 27.97 ? 172 GLU A CD  1 
ATOM   1389 O OE1 . GLU A 1 172 ? 4.429   -14.337 9.558   1.00 27.77 ? 172 GLU A OE1 1 
ATOM   1390 O OE2 . GLU A 1 172 ? 6.359   -14.738 10.540  1.00 26.18 ? 172 GLU A OE2 1 
ATOM   1391 N N   . LYS A 1 173 ? 4.102   -16.882 14.530  1.00 26.27 ? 173 LYS A N   1 
ATOM   1392 C CA  . LYS A 1 173 ? 4.726   -16.463 15.788  1.00 29.95 ? 173 LYS A CA  1 
ATOM   1393 C C   . LYS A 1 173 ? 3.661   -16.200 16.860  1.00 31.73 ? 173 LYS A C   1 
ATOM   1394 O O   . LYS A 1 173 ? 3.818   -15.314 17.710  1.00 30.63 ? 173 LYS A O   1 
ATOM   1395 C CB  . LYS A 1 173 ? 5.542   -15.175 15.601  1.00 31.79 ? 173 LYS A CB  1 
ATOM   1396 C CG  . LYS A 1 173 ? 6.743   -15.237 14.663  1.00 31.44 ? 173 LYS A CG  1 
ATOM   1397 C CD  . LYS A 1 173 ? 7.380   -13.839 14.599  1.00 33.42 ? 173 LYS A CD  1 
ATOM   1398 C CE  . LYS A 1 173 ? 8.615   -13.764 13.703  1.00 35.64 ? 173 LYS A CE  1 
ATOM   1399 N NZ  . LYS A 1 173 ? 8.341   -14.105 12.281  1.00 38.76 ? 173 LYS A NZ  1 
ATOM   1400 N N   . GLY A 1 174 ? 2.570   -16.960 16.806  1.00 33.40 ? 174 GLY A N   1 
ATOM   1401 C CA  . GLY A 1 174 ? 1.502   -16.798 17.774  1.00 31.40 ? 174 GLY A CA  1 
ATOM   1402 C C   . GLY A 1 174 ? 0.569   -15.625 17.533  1.00 31.72 ? 174 GLY A C   1 
ATOM   1403 O O   . GLY A 1 174 ? -0.380  -15.423 18.295  1.00 32.38 ? 174 GLY A O   1 
ATOM   1404 N N   . ILE A 1 175 ? 0.820   -14.849 16.483  1.00 31.48 ? 175 ILE A N   1 
ATOM   1405 C CA  . ILE A 1 175 ? -0.032  -13.699 16.180  1.00 31.89 ? 175 ILE A CA  1 
ATOM   1406 C C   . ILE A 1 175 ? -0.989  -13.974 15.021  1.00 32.39 ? 175 ILE A C   1 
ATOM   1407 O O   . ILE A 1 175 ? -0.575  -14.307 13.910  1.00 32.69 ? 175 ILE A O   1 
ATOM   1408 C CB  . ILE A 1 175 ? 0.810   -12.432 15.869  1.00 32.14 ? 175 ILE A CB  1 
ATOM   1409 C CG1 . ILE A 1 175 ? 1.666   -12.065 17.091  1.00 32.68 ? 175 ILE A CG1 1 
ATOM   1410 C CG2 . ILE A 1 175 ? -0.105  -11.273 15.504  1.00 31.85 ? 175 ILE A CG2 1 
ATOM   1411 C CD1 . ILE A 1 175 ? 2.472   -10.792 16.936  1.00 31.98 ? 175 ILE A CD1 1 
ATOM   1412 N N   . LYS A 1 176 ? -2.280  -13.819 15.297  1.00 32.24 ? 176 LYS A N   1 
ATOM   1413 C CA  . LYS A 1 176 ? -3.322  -14.061 14.312  1.00 31.62 ? 176 LYS A CA  1 
ATOM   1414 C C   . LYS A 1 176 ? -3.671  -12.819 13.484  1.00 31.48 ? 176 LYS A C   1 
ATOM   1415 O O   . LYS A 1 176 ? -3.565  -11.687 13.957  1.00 31.28 ? 176 LYS A O   1 
ATOM   1416 C CB  . LYS A 1 176 ? -4.559  -14.615 15.025  1.00 30.82 ? 176 LYS A CB  1 
ATOM   1417 C CG  . LYS A 1 176 ? -4.233  -15.872 15.821  1.00 35.12 ? 176 LYS A CG  1 
ATOM   1418 C CD  . LYS A 1 176 ? -5.418  -16.443 16.612  1.00 36.31 ? 176 LYS A CD  1 
ATOM   1419 C CE  . LYS A 1 176 ? -4.979  -17.675 17.399  1.00 31.76 ? 176 LYS A CE  1 
ATOM   1420 N NZ  . LYS A 1 176 ? -6.079  -18.279 18.176  1.00 33.38 ? 176 LYS A NZ  1 
ATOM   1421 N N   . TYR A 1 177 ? -4.071  -13.051 12.236  1.00 28.76 ? 177 TYR A N   1 
ATOM   1422 C CA  . TYR A 1 177 ? -4.424  -11.976 11.321  1.00 27.23 ? 177 TYR A CA  1 
ATOM   1423 C C   . TYR A 1 177 ? -5.160  -12.557 10.129  1.00 25.94 ? 177 TYR A C   1 
ATOM   1424 O O   . TYR A 1 177 ? -5.077  -13.755 9.857   1.00 26.44 ? 177 TYR A O   1 
ATOM   1425 C CB  . TYR A 1 177 ? -3.159  -11.245 10.848  1.00 26.47 ? 177 TYR A CB  1 
ATOM   1426 C CG  . TYR A 1 177 ? -2.159  -12.133 10.143  1.00 27.66 ? 177 TYR A CG  1 
ATOM   1427 C CD1 . TYR A 1 177 ? -2.250  -12.373 8.764   1.00 28.70 ? 177 TYR A CD1 1 
ATOM   1428 C CD2 . TYR A 1 177 ? -1.166  -12.798 10.860  1.00 27.78 ? 177 TYR A CD2 1 
ATOM   1429 C CE1 . TYR A 1 177 ? -1.385  -13.262 8.124   1.00 23.74 ? 177 TYR A CE1 1 
ATOM   1430 C CE2 . TYR A 1 177 ? -0.299  -13.693 10.230  1.00 28.19 ? 177 TYR A CE2 1 
ATOM   1431 C CZ  . TYR A 1 177 ? -0.419  -13.921 8.865   1.00 27.33 ? 177 TYR A CZ  1 
ATOM   1432 O OH  . TYR A 1 177 ? 0.402   -14.850 8.262   1.00 29.69 ? 177 TYR A OH  1 
ATOM   1433 N N   . LYS A 1 178 ? -5.899  -11.713 9.428   1.00 25.87 ? 178 LYS A N   1 
ATOM   1434 C CA  . LYS A 1 178 ? -6.619  -12.177 8.254   1.00 25.69 ? 178 LYS A CA  1 
ATOM   1435 C C   . LYS A 1 178 ? -6.732  -11.058 7.221   1.00 23.56 ? 178 LYS A C   1 
ATOM   1436 O O   . LYS A 1 178 ? -6.745  -9.874  7.559   1.00 18.37 ? 178 LYS A O   1 
ATOM   1437 C CB  . LYS A 1 178 ? -8.003  -12.731 8.631   1.00 28.05 ? 178 LYS A CB  1 
ATOM   1438 C CG  . LYS A 1 178 ? -9.003  -11.703 9.087   1.00 31.28 ? 178 LYS A CG  1 
ATOM   1439 C CD  . LYS A 1 178 ? -10.389 -12.302 9.177   1.00 33.62 ? 178 LYS A CD  1 
ATOM   1440 C CE  . LYS A 1 178 ? -11.380 -11.245 9.634   1.00 36.67 ? 178 LYS A CE  1 
ATOM   1441 N NZ  . LYS A 1 178 ? -10.974 -10.658 10.950  1.00 39.00 ? 178 LYS A NZ  1 
ATOM   1442 N N   . PHE A 1 179 ? -6.805  -11.462 5.958   1.00 24.34 ? 179 PHE A N   1 
ATOM   1443 C CA  . PHE A 1 179 ? -6.867  -10.538 4.840   1.00 24.07 ? 179 PHE A CA  1 
ATOM   1444 C C   . PHE A 1 179 ? -8.290  -10.124 4.507   1.00 24.02 ? 179 PHE A C   1 
ATOM   1445 O O   . PHE A 1 179 ? -9.196  -10.953 4.459   1.00 25.02 ? 179 PHE A O   1 
ATOM   1446 C CB  . PHE A 1 179 ? -6.203  -11.183 3.619   1.00 21.59 ? 179 PHE A CB  1 
ATOM   1447 C CG  . PHE A 1 179 ? -4.861  -11.814 3.917   1.00 20.56 ? 179 PHE A CG  1 
ATOM   1448 C CD1 . PHE A 1 179 ? -4.622  -13.155 3.609   1.00 21.23 ? 179 PHE A CD1 1 
ATOM   1449 C CD2 . PHE A 1 179 ? -3.830  -11.065 4.480   1.00 20.77 ? 179 PHE A CD2 1 
ATOM   1450 C CE1 . PHE A 1 179 ? -3.375  -13.735 3.853   1.00 20.55 ? 179 PHE A CE1 1 
ATOM   1451 C CE2 . PHE A 1 179 ? -2.578  -11.640 4.729   1.00 20.04 ? 179 PHE A CE2 1 
ATOM   1452 C CZ  . PHE A 1 179 ? -2.353  -12.974 4.414   1.00 18.00 ? 179 PHE A CZ  1 
ATOM   1453 N N   . GLU A 1 180 ? -8.472  -8.828  4.283   1.00 23.96 ? 180 GLU A N   1 
ATOM   1454 C CA  . GLU A 1 180 ? -9.778  -8.279  3.959   1.00 24.07 ? 180 GLU A CA  1 
ATOM   1455 C C   . GLU A 1 180 ? -9.690  -7.321  2.784   1.00 21.47 ? 180 GLU A C   1 
ATOM   1456 O O   . GLU A 1 180 ? -8.649  -6.712  2.544   1.00 22.26 ? 180 GLU A O   1 
ATOM   1457 C CB  . GLU A 1 180 ? -10.352 -7.549  5.171   1.00 26.07 ? 180 GLU A CB  1 
ATOM   1458 C CG  . GLU A 1 180 ? -10.953 -8.471  6.213   1.00 30.47 ? 180 GLU A CG  1 
ATOM   1459 C CD  . GLU A 1 180 ? -11.363 -7.730  7.475   1.00 36.50 ? 180 GLU A CD  1 
ATOM   1460 O OE1 . GLU A 1 180 ? -12.056 -8.349  8.315   1.00 40.68 ? 180 GLU A OE1 1 
ATOM   1461 O OE2 . GLU A 1 180 ? -10.989 -6.540  7.629   1.00 33.07 ? 180 GLU A OE2 1 
ATOM   1462 N N   . VAL A 1 181 ? -10.784 -7.186  2.051   1.00 19.81 ? 181 VAL A N   1 
ATOM   1463 C CA  . VAL A 1 181 ? -10.792 -6.288  0.907   1.00 19.84 ? 181 VAL A CA  1 
ATOM   1464 C C   . VAL A 1 181 ? -12.067 -5.444  0.895   1.00 22.65 ? 181 VAL A C   1 
ATOM   1465 O O   . VAL A 1 181 ? -13.186 -5.974  0.949   1.00 21.66 ? 181 VAL A O   1 
ATOM   1466 C CB  . VAL A 1 181 ? -10.675 -7.087  -0.418  1.00 18.06 ? 181 VAL A CB  1 
ATOM   1467 C CG1 . VAL A 1 181 ? -10.586 -6.140  -1.602  1.00 17.18 ? 181 VAL A CG1 1 
ATOM   1468 C CG2 . VAL A 1 181 ? -9.456  -7.991  -0.368  1.00 13.87 ? 181 VAL A CG2 1 
ATOM   1469 N N   . TYR A 1 182 ? -11.893 -4.127  0.852   1.00 24.82 ? 182 TYR A N   1 
ATOM   1470 C CA  . TYR A 1 182 ? -13.027 -3.207  0.814   1.00 26.45 ? 182 TYR A CA  1 
ATOM   1471 C C   . TYR A 1 182 ? -13.003 -2.487  -0.515  1.00 26.54 ? 182 TYR A C   1 
ATOM   1472 O O   . TYR A 1 182 ? -11.955 -2.385  -1.147  1.00 28.23 ? 182 TYR A O   1 
ATOM   1473 C CB  . TYR A 1 182 ? -12.936 -2.199  1.956   1.00 26.72 ? 182 TYR A CB  1 
ATOM   1474 C CG  . TYR A 1 182 ? -12.868 -2.861  3.308   1.00 28.06 ? 182 TYR A CG  1 
ATOM   1475 C CD1 . TYR A 1 182 ? -11.665 -3.360  3.806   1.00 27.66 ? 182 TYR A CD1 1 
ATOM   1476 C CD2 . TYR A 1 182 ? -14.022 -3.042  4.071   1.00 29.84 ? 182 TYR A CD2 1 
ATOM   1477 C CE1 . TYR A 1 182 ? -11.617 -4.023  5.030   1.00 28.70 ? 182 TYR A CE1 1 
ATOM   1478 C CE2 . TYR A 1 182 ? -13.984 -3.707  5.297   1.00 28.98 ? 182 TYR A CE2 1 
ATOM   1479 C CZ  . TYR A 1 182 ? -12.784 -4.193  5.766   1.00 28.92 ? 182 TYR A CZ  1 
ATOM   1480 O OH  . TYR A 1 182 ? -12.759 -4.850  6.972   1.00 30.86 ? 182 TYR A OH  1 
ATOM   1481 N N   . GLU A 1 183 ? -14.154 -1.994  -0.948  1.00 28.32 ? 183 GLU A N   1 
ATOM   1482 C CA  . GLU A 1 183 ? -14.228 -1.301  -2.227  1.00 30.29 ? 183 GLU A CA  1 
ATOM   1483 C C   . GLU A 1 183 ? -15.170 -0.101  -2.216  1.00 31.55 ? 183 GLU A C   1 
ATOM   1484 O O   . GLU A 1 183 ? -16.198 -0.103  -1.546  1.00 28.98 ? 183 GLU A O   1 
ATOM   1485 C CB  . GLU A 1 183 ? -14.649 -2.285  -3.319  1.00 28.15 ? 183 GLU A CB  1 
ATOM   1486 C CG  . GLU A 1 183 ? -14.934 -1.657  -4.660  1.00 26.27 ? 183 GLU A CG  1 
ATOM   1487 C CD  . GLU A 1 183 ? -15.189 -2.700  -5.712  1.00 26.92 ? 183 GLU A CD  1 
ATOM   1488 O OE1 . GLU A 1 183 ? -14.223 -3.362  -6.142  1.00 31.68 ? 183 GLU A OE1 1 
ATOM   1489 O OE2 . GLU A 1 183 ? -16.357 -2.875  -6.105  1.00 29.11 ? 183 GLU A OE2 1 
ATOM   1490 N N   . LYS A 1 184 ? -14.799 0.919   -2.980  1.00 35.80 ? 184 LYS A N   1 
ATOM   1491 C CA  . LYS A 1 184 ? -15.578 2.145   -3.089  1.00 38.18 ? 184 LYS A CA  1 
ATOM   1492 C C   . LYS A 1 184 ? -15.509 2.582   -4.542  1.00 40.42 ? 184 LYS A C   1 
ATOM   1493 O O   . LYS A 1 184 ? -14.458 2.481   -5.167  1.00 40.22 ? 184 LYS A O   1 
ATOM   1494 C CB  . LYS A 1 184 ? -14.977 3.222   -2.181  1.00 36.48 ? 184 LYS A CB  1 
ATOM   1495 C CG  . LYS A 1 184 ? -15.672 4.569   -2.238  1.00 37.78 ? 184 LYS A CG  1 
ATOM   1496 C CD  . LYS A 1 184 ? -15.108 5.529   -1.190  1.00 37.66 ? 184 LYS A CD  1 
ATOM   1497 C CE  . LYS A 1 184 ? -13.688 5.967   -1.508  1.00 36.31 ? 184 LYS A CE  1 
ATOM   1498 N NZ  . LYS A 1 184 ? -13.624 6.869   -2.694  1.00 39.28 ? 184 LYS A NZ  1 
ATOM   1499 N N   . LYS A 1 185 ? -16.627 3.048   -5.086  1.00 45.32 ? 185 LYS A N   1 
ATOM   1500 C CA  . LYS A 1 185 ? -16.647 3.496   -6.473  1.00 53.50 ? 185 LYS A CA  1 
ATOM   1501 C C   . LYS A 1 185 ? -17.579 4.688   -6.662  1.00 57.67 ? 185 LYS A C   1 
ATOM   1502 O O   . LYS A 1 185 ? -18.795 4.528   -6.748  1.00 61.08 ? 185 LYS A O   1 
ATOM   1503 C CB  . LYS A 1 185 ? -17.074 2.349   -7.398  1.00 53.46 ? 185 LYS A CB  1 
ATOM   1504 C CG  . LYS A 1 185 ? -16.892 2.635   -8.897  1.00 57.22 ? 185 LYS A CG  1 
ATOM   1505 C CD  . LYS A 1 185 ? -17.817 3.754   -9.411  1.00 59.21 ? 185 LYS A CD  1 
ATOM   1506 C CE  . LYS A 1 185 ? -17.789 3.882   -10.939 1.00 59.36 ? 185 LYS A CE  1 
ATOM   1507 N NZ  . LYS A 1 185 ? -18.856 4.793   -11.467 1.00 56.51 ? 185 LYS A NZ  1 
ATOM   1508 N N   . ASP A 1 186 ? -17.006 5.884   -6.737  1.00 62.08 ? 186 ASP A N   1 
ATOM   1509 C CA  . ASP A 1 186 ? -17.799 7.093   -6.926  1.00 65.47 ? 186 ASP A CA  1 
ATOM   1510 C C   . ASP A 1 186 ? -17.095 8.065   -7.871  1.00 66.47 ? 186 ASP A C   1 
ATOM   1511 O O   . ASP A 1 186 ? -17.067 9.284   -7.579  1.00 66.41 ? 186 ASP A O   1 
ATOM   1512 C CB  . ASP A 1 186 ? -18.052 7.761   -5.572  1.00 67.92 ? 186 ASP A CB  1 
ATOM   1513 C CG  . ASP A 1 186 ? -16.782 7.924   -4.763  1.00 69.70 ? 186 ASP A CG  1 
ATOM   1514 O OD1 . ASP A 1 186 ? -15.826 8.527   -5.290  1.00 70.88 ? 186 ASP A OD1 1 
ATOM   1515 O OD2 . ASP A 1 186 ? -16.736 7.453   -3.605  1.00 70.27 ? 186 ASP A OD2 1 
ATOM   1516 O OXT . ASP A 1 186 ? -16.590 7.584   -8.908  1.00 68.19 ? 186 ASP A OXT 1 
HETATM 1517 N N1  . MTX B 2 .   ? 2.037   -4.724  4.855   1.00 13.00 ? 187 MTX A N1  1 
HETATM 1518 C C2  . MTX B 2 .   ? 0.918   -4.482  4.188   1.00 13.44 ? 187 MTX A C2  1 
HETATM 1519 N NA2 . MTX B 2 .   ? -0.048  -5.288  4.097   1.00 14.30 ? 187 MTX A NA2 1 
HETATM 1520 N N3  . MTX B 2 .   ? 0.780   -3.233  3.521   1.00 15.39 ? 187 MTX A N3  1 
HETATM 1521 C C4  . MTX B 2 .   ? 1.730   -2.235  3.503   1.00 17.88 ? 187 MTX A C4  1 
HETATM 1522 N NA4 . MTX B 2 .   ? 1.520   -1.148  2.878   1.00 16.47 ? 187 MTX A NA4 1 
HETATM 1523 C C4A . MTX B 2 .   ? 2.992   -2.511  4.242   1.00 16.05 ? 187 MTX A C4A 1 
HETATM 1524 N N5  . MTX B 2 .   ? 4.044   -1.559  4.197   1.00 18.67 ? 187 MTX A N5  1 
HETATM 1525 C C6  . MTX B 2 .   ? 5.229   -1.872  4.842   1.00 20.83 ? 187 MTX A C6  1 
HETATM 1526 C C7  . MTX B 2 .   ? 5.295   -3.139  5.518   1.00 22.62 ? 187 MTX A C7  1 
HETATM 1527 N N8  . MTX B 2 .   ? 4.313   -4.066  5.572   1.00 19.25 ? 187 MTX A N8  1 
HETATM 1528 C C8A . MTX B 2 .   ? 3.106   -3.725  4.890   1.00 17.30 ? 187 MTX A C8A 1 
HETATM 1529 C C9  . MTX B 2 .   ? 6.387   -0.839  4.772   1.00 22.16 ? 187 MTX A C9  1 
HETATM 1530 N N10 . MTX B 2 .   ? 7.716   -1.420  5.050   1.00 24.96 ? 187 MTX A N10 1 
HETATM 1531 C CM  . MTX B 2 .   ? 8.440   -0.779  5.888   1.00 25.57 ? 187 MTX A CM  1 
HETATM 1532 C C11 . MTX B 2 .   ? 9.693   -4.292  2.476   1.00 27.19 ? 187 MTX A C11 1 
HETATM 1533 C C12 . MTX B 2 .   ? 10.247  -3.858  3.672   1.00 25.83 ? 187 MTX A C12 1 
HETATM 1534 C C13 . MTX B 2 .   ? 9.600   -2.929  4.472   1.00 25.97 ? 187 MTX A C13 1 
HETATM 1535 C C14 . MTX B 2 .   ? 8.294   -2.358  4.091   1.00 25.80 ? 187 MTX A C14 1 
HETATM 1536 C C15 . MTX B 2 .   ? 7.715   -2.763  2.896   1.00 24.94 ? 187 MTX A C15 1 
HETATM 1537 C C16 . MTX B 2 .   ? 8.415   -3.727  2.089   1.00 26.50 ? 187 MTX A C16 1 
HETATM 1538 C C   . MTX B 2 .   ? 10.362  -5.243  1.688   1.00 29.37 ? 187 MTX A C   1 
HETATM 1539 O O   . MTX B 2 .   ? 11.560  -5.396  1.655   1.00 29.70 ? 187 MTX A O   1 
HETATM 1540 N N   . MTX B 2 .   ? 9.650   -5.967  0.941   1.00 31.54 ? 187 MTX A N   1 
HETATM 1541 C CA  . MTX B 2 .   ? 10.093  -6.988  -0.012  1.00 31.98 ? 187 MTX A CA  1 
HETATM 1542 C CT  . MTX B 2 .   ? 9.270   -6.920  -1.307  1.00 32.58 ? 187 MTX A CT  1 
HETATM 1543 O O1  . MTX B 2 .   ? 8.074   -6.534  -1.311  1.00 28.51 ? 187 MTX A O1  1 
HETATM 1544 O O2  . MTX B 2 .   ? 9.843   -7.273  -2.366  1.00 32.75 ? 187 MTX A O2  1 
HETATM 1545 C CB  . MTX B 2 .   ? 9.650   -8.273  0.687   1.00 32.93 ? 187 MTX A CB  1 
HETATM 1546 C CG  . MTX B 2 .   ? 10.830  -9.150  1.253   1.00 36.37 ? 187 MTX A CG  1 
HETATM 1547 C CD  . MTX B 2 .   ? 9.978   -10.270 1.820   1.00 36.94 ? 187 MTX A CD  1 
HETATM 1548 O OE1 . MTX B 2 .   ? 9.673   -9.851  3.062   1.00 41.01 ? 187 MTX A OE1 1 
HETATM 1549 O OE2 . MTX B 2 .   ? 9.697   -11.369 1.081   1.00 36.57 ? 187 MTX A OE2 1 
HETATM 1550 P PA  . NDP C 3 .   ? 5.228   8.542   5.213   1.00 33.71 ? 188 NDP A PA  1 
HETATM 1551 O O1A . NDP C 3 .   ? 6.533   8.211   4.621   1.00 40.31 ? 188 NDP A O1A 1 
HETATM 1552 O O2A . NDP C 3 .   ? 4.127   7.813   4.673   1.00 35.17 ? 188 NDP A O2A 1 
HETATM 1553 O O5B . NDP C 3 .   ? 4.972   10.133  5.071   1.00 39.66 ? 188 NDP A O5B 1 
HETATM 1554 C C5B . NDP C 3 .   ? 5.981   11.035  5.556   1.00 33.16 ? 188 NDP A C5B 1 
HETATM 1555 C C4B . NDP C 3 .   ? 6.646   11.762  4.439   1.00 31.92 ? 188 NDP A C4B 1 
HETATM 1556 O O4B . NDP C 3 .   ? 5.999   11.301  3.216   1.00 31.19 ? 188 NDP A O4B 1 
HETATM 1557 C C3B . NDP C 3 .   ? 6.502   13.268  4.459   1.00 31.32 ? 188 NDP A C3B 1 
HETATM 1558 O O3B . NDP C 3 .   ? 7.427   13.978  5.335   1.00 31.31 ? 188 NDP A O3B 1 
HETATM 1559 C C2B . NDP C 3 .   ? 6.653   13.512  2.945   1.00 29.98 ? 188 NDP A C2B 1 
HETATM 1560 O O2B . NDP C 3 .   ? 7.750   14.245  2.317   1.00 34.44 ? 188 NDP A O2B 1 
HETATM 1561 C C1B . NDP C 3 .   ? 5.919   12.401  2.265   1.00 30.74 ? 188 NDP A C1B 1 
HETATM 1562 N N9A . NDP C 3 .   ? 4.482   12.653  1.931   1.00 30.39 ? 188 NDP A N9A 1 
HETATM 1563 C C8A . NDP C 3 .   ? 3.391   12.092  2.530   1.00 32.00 ? 188 NDP A C8A 1 
HETATM 1564 N N7A . NDP C 3 .   ? 2.235   12.520  1.980   1.00 32.82 ? 188 NDP A N7A 1 
HETATM 1565 C C5A . NDP C 3 .   ? 2.643   13.351  1.033   1.00 32.23 ? 188 NDP A C5A 1 
HETATM 1566 C C6A . NDP C 3 .   ? 1.811   14.048  0.167   1.00 33.24 ? 188 NDP A C6A 1 
HETATM 1567 N N6A . NDP C 3 .   ? 0.485   13.908  0.254   1.00 36.02 ? 188 NDP A N6A 1 
HETATM 1568 N N1A . NDP C 3 .   ? 2.405   14.873  -0.764  1.00 28.88 ? 188 NDP A N1A 1 
HETATM 1569 C C2A . NDP C 3 .   ? 3.751   14.984  -0.823  1.00 28.89 ? 188 NDP A C2A 1 
HETATM 1570 N N3A . NDP C 3 .   ? 4.555   14.298  0.022   1.00 28.42 ? 188 NDP A N3A 1 
HETATM 1571 C C4A . NDP C 3 .   ? 4.040   13.463  0.968   1.00 30.17 ? 188 NDP A C4A 1 
HETATM 1572 O O3  . NDP C 3 .   ? 5.310   8.439   6.824   1.00 42.77 ? 188 NDP A O3  1 
HETATM 1573 P PN  . NDP C 3 .   ? 4.307   8.338   8.075   1.00 42.95 ? 188 NDP A PN  1 
HETATM 1574 O O1N . NDP C 3 .   ? 2.902   8.450   7.615   1.00 45.03 ? 188 NDP A O1N 1 
HETATM 1575 O O2N . NDP C 3 .   ? 4.754   9.241   9.161   1.00 44.83 ? 188 NDP A O2N 1 
HETATM 1576 O O5D . NDP C 3 .   ? 4.500   6.839   8.611   1.00 50.07 ? 188 NDP A O5D 1 
HETATM 1577 C C5D . NDP C 3 .   ? 5.643   6.054   8.306   1.00 57.20 ? 188 NDP A C5D 1 
HETATM 1578 C C4D . NDP C 3 .   ? 5.699   4.987   9.374   1.00 62.71 ? 188 NDP A C4D 1 
HETATM 1579 O O4D . NDP C 3 .   ? 4.599   4.066   9.194   1.00 64.18 ? 188 NDP A O4D 1 
HETATM 1580 C C3D . NDP C 3 .   ? 6.993   4.135   9.305   1.00 64.78 ? 188 NDP A C3D 1 
HETATM 1581 O O3D . NDP C 3 .   ? 7.549   3.898   10.626  1.00 64.92 ? 188 NDP A O3D 1 
HETATM 1582 C C2D . NDP C 3 .   ? 6.593   2.842   8.609   1.00 65.92 ? 188 NDP A C2D 1 
HETATM 1583 O O2D . NDP C 3 .   ? 7.417   1.718   8.929   1.00 68.20 ? 188 NDP A O2D 1 
HETATM 1584 C C1D . NDP C 3 .   ? 5.110   2.710   9.010   1.00 65.49 ? 188 NDP A C1D 1 
HETATM 1585 N N1N . NDP C 3 .   ? 4.220   2.043   8.002   1.00 64.62 ? 188 NDP A N1N 1 
HETATM 1586 C C2N . NDP C 3 .   ? 3.513   0.832   8.318   1.00 62.48 ? 188 NDP A C2N 1 
HETATM 1587 C C3N . NDP C 3 .   ? 2.673   0.237   7.332   1.00 60.17 ? 188 NDP A C3N 1 
HETATM 1588 C C7N . NDP C 3 .   ? 1.871   -1.071  7.583   1.00 58.63 ? 188 NDP A C7N 1 
HETATM 1589 O O7N . NDP C 3 .   ? 0.710   -1.170  7.175   1.00 54.85 ? 188 NDP A O7N 1 
HETATM 1590 N N7N . NDP C 3 .   ? 2.480   -2.066  8.239   1.00 57.79 ? 188 NDP A N7N 1 
HETATM 1591 C C4N . NDP C 3 .   ? 2.561   0.861   6.059   1.00 60.18 ? 188 NDP A C4N 1 
HETATM 1592 C C5N . NDP C 3 .   ? 3.263   2.052   5.756   1.00 59.82 ? 188 NDP A C5N 1 
HETATM 1593 C C6N . NDP C 3 .   ? 4.091   2.649   6.713   1.00 63.03 ? 188 NDP A C6N 1 
HETATM 1594 P P2B . NDP C 3 .   ? 8.790   15.185  3.074   1.00 32.46 ? 188 NDP A P2B 1 
HETATM 1595 O O1X . NDP C 3 .   ? 8.014   16.277  3.699   1.00 42.56 ? 188 NDP A O1X 1 
HETATM 1596 O O2X . NDP C 3 .   ? 9.743   15.742  2.100   1.00 40.09 ? 188 NDP A O2X 1 
HETATM 1597 O O3X . NDP C 3 .   ? 9.559   14.456  4.093   1.00 37.73 ? 188 NDP A O3X 1 
HETATM 1598 O O   . HOH D 4 .   ? -2.366  -8.649  -7.660  1.00 30.04 ? 260 HOH A O   1 
HETATM 1599 O O   . HOH D 4 .   ? -8.264  -3.375  -8.134  1.00 37.83 ? 261 HOH A O   1 
HETATM 1600 O O   . HOH D 4 .   ? 3.727   -9.956  -12.801 1.00 34.00 ? 262 HOH A O   1 
HETATM 1601 O O   . HOH D 4 .   ? -0.101  -15.739 5.525   1.00 31.61 ? 263 HOH A O   1 
HETATM 1602 O O   . HOH D 4 .   ? -3.413  -6.185  3.089   1.00 26.03 ? 264 HOH A O   1 
HETATM 1603 O O   . HOH D 4 .   ? 2.047   14.720  4.508   1.00 35.47 ? 265 HOH A O   1 
HETATM 1604 O O   . HOH D 4 .   ? 17.492  6.031   -1.317  1.00 46.93 ? 266 HOH A O   1 
HETATM 1605 O O   . HOH D 4 .   ? 14.993  9.809   6.893   1.00 25.78 ? 267 HOH A O   1 
HETATM 1606 O O   . HOH D 4 .   ? 19.618  8.306   -2.204  1.00 44.42 ? 268 HOH A O   1 
HETATM 1607 O O   . HOH D 4 .   ? 5.534   -13.243 -2.442  1.00 27.77 ? 269 HOH A O   1 
HETATM 1608 O O   . HOH D 4 .   ? 4.347   -13.077 -23.199 1.00 50.73 ? 270 HOH A O   1 
HETATM 1609 O O   . HOH D 4 .   ? 16.055  -5.707  -3.710  1.00 42.21 ? 271 HOH A O   1 
HETATM 1610 O O   . HOH D 4 .   ? 4.410   -14.708 20.790  1.00 30.01 ? 272 HOH A O   1 
HETATM 1611 O O   . HOH D 4 .   ? 12.196  10.888  -11.968 1.00 44.06 ? 273 HOH A O   1 
HETATM 1612 O O   . HOH D 4 .   ? -13.248 7.235   -13.324 1.00 44.91 ? 274 HOH A O   1 
HETATM 1613 O O   . HOH D 4 .   ? -6.713  -16.109 19.816  1.00 40.64 ? 275 HOH A O   1 
HETATM 1614 O O   . HOH D 4 .   ? 6.851   1.261   24.245  1.00 52.65 ? 276 HOH A O   1 
HETATM 1615 O O   . HOH D 4 .   ? -22.093 6.072   7.650   1.00 42.42 ? 277 HOH A O   1 
HETATM 1616 O O   . HOH D 4 .   ? 19.285  0.090   -7.811  1.00 36.54 ? 278 HOH A O   1 
HETATM 1617 O O   . HOH D 4 .   ? -6.982  -14.451 5.459   1.00 45.99 ? 279 HOH A O   1 
HETATM 1618 O O   . HOH D 4 .   ? -5.279  -7.468  -7.095  1.00 54.68 ? 280 HOH A O   1 
HETATM 1619 O O   . HOH D 4 .   ? -6.446  -8.060  22.207  1.00 57.49 ? 281 HOH A O   1 
HETATM 1620 O O   . HOH D 4 .   ? -10.800 -12.433 6.183   1.00 56.97 ? 282 HOH A O   1 
HETATM 1621 O O   . HOH D 4 .   ? 12.738  -10.691 -12.115 1.00 50.26 ? 283 HOH A O   1 
HETATM 1622 O O   . HOH D 4 .   ? 9.700   -9.089  -6.080  1.00 52.42 ? 284 HOH A O   1 
HETATM 1623 O O   . HOH D 4 .   ? 5.741   -13.764 -5.181  1.00 46.91 ? 285 HOH A O   1 
HETATM 1624 O O   . HOH D 4 .   ? -18.477 2.444   9.456   1.00 54.49 ? 286 HOH A O   1 
# 
